data_3SN6
#
_entry.id   3SN6
#
_cell.length_a   119.339
_cell.length_b   64.555
_cell.length_c   131.240
_cell.angle_alpha   90.00
_cell.angle_beta   91.67
_cell.angle_gamma   90.00
#
_symmetry.space_group_name_H-M   'P 1 21 1'
#
loop_
_entity.id
_entity.type
_entity.pdbx_description
1 polymer 'Guanine nucleotide-binding protein G(s) subunit alpha isoforms short'
2 polymer 'Guanine nucleotide-binding protein G(I)/G(S)/G(T) subunit beta-1'
3 polymer 'Guanine nucleotide-binding protein G(I)/G(S)/G(O) subunit gamma-2'
4 polymer 'Endolysin,Beta-2 adrenergic receptor'
5 polymer 'Camelid antibody VHH fragment'
6 non-polymer 8-[(1R)-2-{[1,1-dimethyl-2-(2-methylphenyl)ethyl]amino}-1-hydroxyethyl]-5-hydroxy-2H-1,4-benzoxazin-3(4H)-one
#
loop_
_entity_poly.entity_id
_entity_poly.type
_entity_poly.pdbx_seq_one_letter_code
_entity_poly.pdbx_strand_id
1 'polypeptide(L)'
;MGCLGNSKTEDQRNEEKAQREANKKIEKQLQKDKQVYRATHRLLLLGAGESGKSTIVKQMRILHVNGFNGDSEKATKVQD
IKNNLKEAIETIVAAMSNLVPPVELANPENQFRVDYILSVMNVPDFDFPPEFYEHAKALWEDEGVRACYERSNEYQLIDC
AQYFLDKIDVIKQDDYVPSDQDLLRCRVLTSGIFETKFQVDKVNFHMFDVGGQRDERRKWIQCFNDVTAIIFVVASSSYN
MVIREDNQTNRLQEALNLFKSIWNNRWLRTISVILFLNKQDLLAEKVLAGKSKIEDYFPEFARYTTPEDATPEPGEDPRV
TRAKYFIRDEFLRISTASGDGRHYCYPHFTCAVDTENIRRVFNDCRDIIQRMHLRQYELL
;
A
2 'polypeptide(L)'
;MHHHHHHGSLLQSELDQLRQEAEQLKNQIRDARKACADATLSQITNNIDPVGRIQMRTRRTLRGHLAKIYAMHWGTDSRL
LVSASQDGKLIIWDSYTTNKVHAIPLRSSWVMTCAYAPSGNYVACGGLDNICSIYNLKTREGNVRVSRELAGHTGYLSCC
RFLDDNQIVTSSGDTTCALWDIETGQQTTTFTGHTGDVMSLSLAPDTRLFVSGACDASAKLWDVREGMCRQTFTGHESDI
NAICFFPNGNAFATGSDDATCRLFDLRADQELMTYSHDNIICGITSVSFSKSGRLLLAGYDDFNCNVWDALKADRAGVLA
GHDNRVSCLGVTDDGMAVATGSWDSFLKIWN
;
B
3 'polypeptide(L)' MASNNTASIAQARKLVEQLKMEANIDRIKVSKAAADLMAYCEAHAKEDPLLTPVPASENPFREKKFFC G
4 'polypeptide(L)'
;DYKDDDDAENLYFQGNIFEMLRIDEGLRLKIYKDTEGYYTIGIGHLLTKSPSLNAAKSELDKAIGRNTNGVITKDEAEKL
FNQDVDAAVRGILRNAKLKPVYDSLDAVRRAALINMVFQMGETGVAGFTNSLRMLQQKRWDEAAVNLAKSRWYNQTPNRA
KRVITTFRTGTWDAYAADEVWVVGMGIVMSLIVLAIVFGNVLVITAIAKFERLQTVTNYFITSLACADLVMGLAVVPFGA
AHILTKTWTFGNFWCEFWTSIDVLCVTASIETLCVIAVDRYFAITSPFKYQSLLTKNKARVIILMVWIVSGLTSFLPIQM
HWYRATHQEAINCYAEETCCDFFTNQAYAIASSIVSFYVPLVIMVFVYSRVFQEAKRQLQKIDKSEGRFHVQNLSQVEQD
GRTGHGLRRSSKFCLKEHKALKTLGIIMGTFTLCWLPFFIVNIVHVIQDNLIRKEVYILLNWIGYVNSGFNPLIYCRSPD
FRIAFQELLCLRRSSLKAYGNGYSSNGNTGEQSG
;
R
5 'polypeptide(L)'
;QVQLQESGGGLVQPGGSLRLSCAASGFTFSNYKMNWVRQAPGKGLEWVSDISQSGASISYTGSVKGRFTISRDNAKNTLY
LQMNSLKPEDTAVYYCARCPAPFTRDCFDVTSTTYAYRGQGTQVTVSSHHHHHHEPEA
;
N
#
loop_
_chem_comp.id
_chem_comp.type
_chem_comp.name
_chem_comp.formula
P0G non-polymer 8-[(1R)-2-{[1,1-dimethyl-2-(2-methylphenyl)ethyl]amino}-1-hydroxyethyl]-5-hydroxy-2H-1,4-benzoxazin-3(4H)-one 'C21 H26 N2 O4'
#
# COMPACT_ATOMS: atom_id res chain seq x y z
N THR A 9 -34.93 -2.19 22.82
CA THR A 9 -35.26 -1.44 24.02
C THR A 9 -34.97 -2.26 25.27
N GLU A 10 -35.85 -2.13 26.26
CA GLU A 10 -35.73 -2.86 27.54
C GLU A 10 -34.32 -2.77 28.13
N ASP A 11 -33.75 -3.91 28.49
CA ASP A 11 -32.38 -3.97 28.99
C ASP A 11 -31.37 -3.94 27.84
N GLN A 12 -31.81 -4.46 26.71
CA GLN A 12 -30.97 -4.54 25.51
C GLN A 12 -30.41 -3.16 25.16
N ARG A 13 -31.25 -2.13 25.29
CA ARG A 13 -30.83 -0.77 25.04
C ARG A 13 -29.60 -0.42 25.87
N ASN A 14 -29.59 -0.88 27.12
CA ASN A 14 -28.45 -0.69 28.00
C ASN A 14 -27.25 -1.53 27.59
N GLU A 15 -27.49 -2.78 27.21
CA GLU A 15 -26.42 -3.68 26.79
C GLU A 15 -25.64 -3.13 25.58
N GLU A 16 -26.37 -2.67 24.57
CA GLU A 16 -25.75 -2.04 23.40
C GLU A 16 -24.79 -0.94 23.83
N LYS A 17 -25.21 -0.17 24.83
CA LYS A 17 -24.43 0.93 25.36
C LYS A 17 -23.19 0.39 26.08
N ALA A 18 -23.35 -0.75 26.75
CA ALA A 18 -22.25 -1.40 27.45
C ALA A 18 -21.15 -1.81 26.48
N GLN A 19 -21.51 -2.63 25.50
CA GLN A 19 -20.55 -3.09 24.49
C GLN A 19 -19.94 -1.88 23.78
N ARG A 20 -20.76 -0.84 23.62
CA ARG A 20 -20.31 0.43 23.05
C ARG A 20 -19.14 1.00 23.85
N GLU A 21 -19.32 1.10 25.16
CA GLU A 21 -18.31 1.65 26.05
C GLU A 21 -17.04 0.80 26.07
N ALA A 22 -17.19 -0.50 26.29
CA ALA A 22 -16.04 -1.40 26.32
C ALA A 22 -15.22 -1.24 25.05
N ASN A 23 -15.92 -1.30 23.91
CA ASN A 23 -15.29 -1.04 22.63
C ASN A 23 -14.57 0.30 22.61
N LYS A 24 -15.17 1.31 23.22
CA LYS A 24 -14.55 2.64 23.30
C LYS A 24 -13.18 2.56 23.99
N LYS A 25 -13.16 1.97 25.19
CA LYS A 25 -11.91 1.84 25.92
C LYS A 25 -10.85 1.10 25.09
N ILE A 26 -11.24 -0.07 24.57
CA ILE A 26 -10.35 -0.85 23.71
C ILE A 26 -9.76 0.02 22.60
N GLU A 27 -10.64 0.78 21.94
CA GLU A 27 -10.24 1.71 20.90
C GLU A 27 -9.19 2.67 21.41
N LYS A 28 -9.39 3.21 22.61
CA LYS A 28 -8.43 4.11 23.23
C LYS A 28 -7.05 3.46 23.34
N GLN A 29 -6.97 2.39 24.12
CA GLN A 29 -5.68 1.73 24.32
C GLN A 29 -5.02 1.40 22.98
N LEU A 30 -5.82 0.94 22.03
CA LEU A 30 -5.31 0.63 20.69
C LEU A 30 -4.72 1.87 20.01
N GLN A 31 -5.38 3.01 20.22
CA GLN A 31 -4.89 4.28 19.71
C GLN A 31 -3.52 4.56 20.30
N LYS A 32 -3.36 4.20 21.57
CA LYS A 32 -2.06 4.34 22.22
C LYS A 32 -1.03 3.35 21.66
N ASP A 33 -1.52 2.20 21.20
CA ASP A 33 -0.65 1.16 20.67
C ASP A 33 -0.11 1.47 19.28
N LYS A 34 -0.96 2.06 18.44
CA LYS A 34 -0.56 2.35 17.07
C LYS A 34 0.63 3.30 17.06
N GLN A 35 0.63 4.27 17.96
CA GLN A 35 1.72 5.26 18.03
C GLN A 35 3.06 4.59 18.30
N VAL A 36 3.14 3.86 19.41
CA VAL A 36 4.37 3.18 19.80
C VAL A 36 4.80 2.17 18.73
N TYR A 37 3.84 1.42 18.21
CA TYR A 37 4.12 0.42 17.19
C TYR A 37 4.76 1.05 15.95
N ARG A 38 4.07 2.03 15.37
CA ARG A 38 4.60 2.72 14.20
C ARG A 38 5.91 3.43 14.50
N ALA A 39 6.12 3.77 15.76
CA ALA A 39 7.36 4.43 16.18
C ALA A 39 8.50 3.43 16.27
N THR A 40 8.16 2.15 16.41
CA THR A 40 9.16 1.09 16.51
C THR A 40 9.71 0.67 15.15
N HIS A 41 10.93 0.14 15.15
CA HIS A 41 11.55 -0.36 13.92
C HIS A 41 11.92 -1.83 14.08
N ARG A 42 11.26 -2.67 13.31
CA ARG A 42 11.46 -4.11 13.42
C ARG A 42 12.63 -4.59 12.57
N LEU A 43 13.47 -5.44 13.16
CA LEU A 43 14.65 -5.98 12.48
C LEU A 43 14.69 -7.49 12.57
N LEU A 44 15.09 -8.16 11.48
CA LEU A 44 15.19 -9.62 11.51
C LEU A 44 16.63 -10.09 11.50
N LEU A 45 17.09 -10.65 12.61
CA LEU A 45 18.48 -11.11 12.71
C LEU A 45 18.64 -12.59 12.36
N LEU A 46 19.47 -12.89 11.37
CA LEU A 46 19.73 -14.29 11.01
C LEU A 46 21.13 -14.54 10.44
N GLY A 47 21.59 -15.78 10.59
CA GLY A 47 22.89 -16.21 10.08
C GLY A 47 22.94 -17.71 9.88
N ALA A 48 23.85 -18.18 9.03
CA ALA A 48 23.87 -19.61 8.67
C ALA A 48 24.34 -20.55 9.79
N GLY A 49 25.54 -20.33 10.31
CA GLY A 49 26.05 -21.13 11.41
C GLY A 49 27.42 -20.68 11.91
N GLU A 50 27.72 -21.02 13.16
CA GLU A 50 29.00 -20.67 13.77
C GLU A 50 29.29 -19.17 13.64
N SER A 51 28.23 -18.38 13.50
CA SER A 51 28.38 -16.95 13.33
C SER A 51 28.20 -16.23 14.67
N GLY A 52 27.90 -17.00 15.71
CA GLY A 52 27.59 -16.44 17.01
C GLY A 52 26.54 -15.36 16.88
N LYS A 53 25.51 -15.63 16.07
CA LYS A 53 24.43 -14.66 15.87
C LYS A 53 23.64 -14.45 17.16
N SER A 54 23.89 -15.29 18.16
CA SER A 54 23.26 -15.16 19.46
C SER A 54 24.03 -14.19 20.35
N THR A 55 25.27 -13.89 19.98
CA THR A 55 26.12 -13.00 20.77
C THR A 55 25.79 -11.53 20.53
N ILE A 56 25.57 -11.17 19.27
CA ILE A 56 25.21 -9.80 18.91
C ILE A 56 23.94 -9.38 19.65
N VAL A 57 23.01 -10.31 19.80
CA VAL A 57 21.77 -10.05 20.53
C VAL A 57 21.95 -10.29 22.03
N LYS A 58 23.04 -10.96 22.39
CA LYS A 58 23.32 -11.27 23.80
C LYS A 58 23.87 -10.06 24.54
N GLN A 59 24.79 -9.34 23.89
CA GLN A 59 25.42 -8.18 24.50
C GLN A 59 24.38 -7.15 24.92
N LYS A 74 25.76 5.83 28.59
CA LYS A 74 24.67 5.46 29.49
C LYS A 74 23.92 6.70 29.97
N ALA A 75 23.94 7.75 29.16
CA ALA A 75 23.22 8.97 29.47
C ALA A 75 21.74 8.82 29.13
N THR A 76 21.45 8.04 28.10
CA THR A 76 20.08 7.82 27.66
C THR A 76 19.37 6.78 28.54
N LYS A 77 20.10 5.75 28.96
CA LYS A 77 19.53 4.68 29.76
C LYS A 77 18.79 5.20 30.99
N VAL A 78 19.34 6.22 31.62
CA VAL A 78 18.70 6.85 32.78
C VAL A 78 17.33 7.39 32.41
N GLN A 79 17.29 8.24 31.39
CA GLN A 79 16.05 8.82 30.92
C GLN A 79 15.04 7.74 30.54
N ASP A 80 15.55 6.61 30.03
CA ASP A 80 14.69 5.47 29.70
C ASP A 80 14.07 4.88 30.96
N ILE A 81 14.90 4.65 31.97
CA ILE A 81 14.42 4.16 33.26
C ILE A 81 13.32 5.07 33.81
N LYS A 82 13.57 6.37 33.79
CA LYS A 82 12.57 7.33 34.24
C LYS A 82 11.29 7.20 33.42
N ASN A 83 11.44 7.06 32.11
CA ASN A 83 10.31 6.80 31.23
C ASN A 83 9.48 5.65 31.75
N ASN A 84 10.14 4.54 32.09
CA ASN A 84 9.46 3.37 32.62
C ASN A 84 8.73 3.67 33.93
N LEU A 85 9.43 4.30 34.87
CA LEU A 85 8.85 4.65 36.16
C LEU A 85 7.54 5.45 35.99
N LYS A 86 7.62 6.54 35.23
CA LYS A 86 6.44 7.36 34.96
C LYS A 86 5.34 6.55 34.28
N GLU A 87 5.72 5.79 33.25
CA GLU A 87 4.78 4.94 32.52
C GLU A 87 4.07 3.99 33.47
N ALA A 88 4.72 3.69 34.59
CA ALA A 88 4.12 2.84 35.62
C ALA A 88 3.15 3.63 36.48
N ILE A 89 3.67 4.63 37.20
CA ILE A 89 2.85 5.40 38.13
C ILE A 89 1.58 5.94 37.47
N GLU A 90 1.73 6.48 36.26
CA GLU A 90 0.59 7.06 35.56
C GLU A 90 -0.50 6.01 35.35
N THR A 91 -0.09 4.83 34.93
CA THR A 91 -1.01 3.73 34.70
C THR A 91 -1.70 3.32 35.99
N ILE A 92 -0.93 3.25 37.08
CA ILE A 92 -1.48 2.84 38.37
C ILE A 92 -2.53 3.83 38.88
N VAL A 93 -2.16 5.10 38.99
CA VAL A 93 -3.07 6.12 39.50
C VAL A 93 -4.23 6.37 38.55
N ALA A 94 -4.03 6.08 37.27
CA ALA A 94 -5.06 6.29 36.26
C ALA A 94 -6.12 5.20 36.31
N ALA A 95 -5.68 3.97 36.55
CA ALA A 95 -6.58 2.82 36.54
C ALA A 95 -7.33 2.64 37.86
N MET A 96 -7.03 3.49 38.83
CA MET A 96 -7.67 3.43 40.14
C MET A 96 -9.19 3.54 40.05
N SER A 97 -9.68 4.59 39.39
CA SER A 97 -11.11 4.85 39.33
C SER A 97 -11.80 4.16 38.14
N ASN A 98 -11.01 3.65 37.20
CA ASN A 98 -11.56 2.98 36.04
C ASN A 98 -11.97 1.54 36.30
N LEU A 99 -11.44 0.96 37.37
CA LEU A 99 -11.80 -0.38 37.78
C LEU A 99 -13.21 -0.39 38.37
N VAL A 100 -13.84 -1.56 38.40
CA VAL A 100 -15.24 -1.67 38.81
C VAL A 100 -15.51 -0.99 40.16
N PRO A 101 -14.84 -1.44 41.24
CA PRO A 101 -14.88 -0.74 42.52
C PRO A 101 -13.80 0.34 42.59
N PRO A 102 -14.05 1.54 42.06
CA PRO A 102 -12.95 2.50 41.95
C PRO A 102 -12.18 2.58 43.25
N VAL A 103 -10.85 2.50 43.17
CA VAL A 103 -10.00 2.44 44.35
C VAL A 103 -9.81 3.81 45.00
N GLU A 104 -10.16 3.91 46.28
CA GLU A 104 -10.00 5.15 47.01
C GLU A 104 -8.61 5.26 47.59
N LEU A 105 -8.05 6.46 47.61
CA LEU A 105 -6.78 6.68 48.28
C LEU A 105 -7.04 6.67 49.79
N ALA A 106 -6.12 6.08 50.54
CA ALA A 106 -6.19 6.14 52.00
C ALA A 106 -5.88 7.57 52.43
N ASN A 107 -5.11 8.26 51.60
CA ASN A 107 -4.77 9.66 51.84
C ASN A 107 -5.36 10.56 50.76
N PRO A 108 -6.39 11.34 51.13
CA PRO A 108 -6.98 12.34 50.23
C PRO A 108 -6.02 13.52 49.99
N GLU A 109 -5.06 13.69 50.88
CA GLU A 109 -4.11 14.80 50.76
C GLU A 109 -3.20 14.64 49.55
N ASN A 110 -3.20 13.45 48.95
CA ASN A 110 -2.42 13.18 47.76
C ASN A 110 -3.21 13.52 46.51
N GLN A 111 -4.40 14.08 46.72
CA GLN A 111 -5.33 14.40 45.64
C GLN A 111 -4.67 15.12 44.46
N PHE A 112 -4.18 16.33 44.71
CA PHE A 112 -3.58 17.14 43.65
C PHE A 112 -2.33 16.48 43.06
N ARG A 113 -1.78 15.51 43.78
CA ARG A 113 -0.62 14.78 43.31
C ARG A 113 -1.02 13.72 42.28
N VAL A 114 -2.25 13.23 42.40
CA VAL A 114 -2.81 12.34 41.40
C VAL A 114 -3.18 13.13 40.15
N ASP A 115 -3.88 14.25 40.35
CA ASP A 115 -4.28 15.12 39.26
C ASP A 115 -3.07 15.46 38.40
N TYR A 116 -1.98 15.82 39.06
CA TYR A 116 -0.72 16.11 38.38
C TYR A 116 -0.32 14.97 37.44
N ILE A 117 -0.30 13.74 37.98
CA ILE A 117 0.10 12.58 37.20
C ILE A 117 -0.92 12.32 36.08
N LEU A 118 -2.15 12.79 36.29
CA LEU A 118 -3.20 12.59 35.29
C LEU A 118 -3.11 13.65 34.19
N SER A 119 -2.16 14.57 34.34
CA SER A 119 -1.91 15.57 33.32
C SER A 119 -0.69 15.20 32.48
N VAL A 120 0.46 15.10 33.14
CA VAL A 120 1.73 14.83 32.47
C VAL A 120 1.73 13.61 31.56
N MET A 121 0.90 12.62 31.85
CA MET A 121 0.89 11.39 31.07
C MET A 121 0.70 11.65 29.58
N ASN A 122 1.49 10.94 28.76
CA ASN A 122 1.45 11.10 27.31
C ASN A 122 1.86 12.49 26.81
N VAL A 123 3.02 12.97 27.27
CA VAL A 123 3.61 14.18 26.73
C VAL A 123 5.03 13.91 26.23
N PRO A 124 5.38 14.51 25.09
CA PRO A 124 6.68 14.28 24.42
C PRO A 124 7.85 14.95 25.14
N ASP A 125 8.99 14.25 25.17
CA ASP A 125 10.22 14.79 25.73
C ASP A 125 10.04 15.40 27.12
N PHE A 126 9.47 14.63 28.04
CA PHE A 126 9.26 15.09 29.41
C PHE A 126 10.58 15.20 30.15
N ASP A 127 10.73 16.28 30.91
CA ASP A 127 11.99 16.56 31.61
C ASP A 127 12.08 15.95 33.01
N PHE A 128 10.95 15.45 33.52
CA PHE A 128 10.92 14.86 34.86
C PHE A 128 11.56 15.78 35.90
N PRO A 129 10.91 16.93 36.17
CA PRO A 129 11.40 17.90 37.14
C PRO A 129 11.41 17.34 38.56
N PRO A 130 12.24 17.92 39.45
CA PRO A 130 12.35 17.48 40.84
C PRO A 130 11.01 17.49 41.56
N GLU A 131 10.05 18.25 41.03
CA GLU A 131 8.71 18.31 41.60
C GLU A 131 7.97 16.99 41.38
N PHE A 132 8.19 16.39 40.20
CA PHE A 132 7.52 15.15 39.82
C PHE A 132 7.78 14.01 40.80
N TYR A 133 9.04 13.83 41.17
CA TYR A 133 9.45 12.73 42.04
C TYR A 133 8.80 12.79 43.42
N GLU A 134 8.47 13.99 43.87
CA GLU A 134 7.82 14.16 45.17
C GLU A 134 6.41 13.59 45.14
N HIS A 135 5.63 14.01 44.16
CA HIS A 135 4.26 13.52 44.00
C HIS A 135 4.24 12.03 43.70
N ALA A 136 5.17 11.59 42.85
CA ALA A 136 5.25 10.17 42.48
C ALA A 136 5.59 9.29 43.67
N LYS A 137 6.67 9.62 44.36
CA LYS A 137 7.11 8.87 45.54
C LYS A 137 6.02 8.88 46.60
N ALA A 138 5.51 10.06 46.92
CA ALA A 138 4.45 10.20 47.91
C ALA A 138 3.22 9.38 47.53
N LEU A 139 2.98 9.26 46.22
CA LEU A 139 1.89 8.44 45.71
C LEU A 139 2.14 6.96 45.96
N TRP A 140 3.36 6.52 45.63
CA TRP A 140 3.73 5.13 45.83
C TRP A 140 3.70 4.80 47.32
N GLU A 141 3.72 5.84 48.15
CA GLU A 141 3.56 5.67 49.60
C GLU A 141 2.10 5.45 50.01
N ASP A 142 1.18 6.00 49.21
CA ASP A 142 -0.25 5.90 49.51
C ASP A 142 -0.74 4.45 49.49
N GLU A 143 -1.39 4.03 50.56
CA GLU A 143 -1.86 2.65 50.69
C GLU A 143 -2.89 2.28 49.63
N GLY A 144 -3.71 3.25 49.23
CA GLY A 144 -4.74 3.02 48.24
C GLY A 144 -4.16 2.75 46.86
N VAL A 145 -3.12 3.49 46.51
CA VAL A 145 -2.43 3.30 45.25
C VAL A 145 -1.84 1.90 45.17
N ARG A 146 -1.12 1.50 46.21
CA ARG A 146 -0.55 0.15 46.29
C ARG A 146 -1.65 -0.90 46.21
N ALA A 147 -2.76 -0.65 46.90
CA ALA A 147 -3.92 -1.52 46.80
C ALA A 147 -4.33 -1.68 45.35
N CYS A 148 -4.24 -0.58 44.61
CA CYS A 148 -4.54 -0.59 43.18
C CYS A 148 -3.53 -1.44 42.40
N TYR A 149 -2.26 -1.34 42.76
CA TYR A 149 -1.23 -2.12 42.08
C TYR A 149 -1.38 -3.63 42.32
N GLU A 150 -1.75 -4.01 43.53
CA GLU A 150 -1.92 -5.43 43.84
C GLU A 150 -3.01 -6.04 42.98
N ARG A 151 -3.84 -5.18 42.39
CA ARG A 151 -4.89 -5.61 41.48
C ARG A 151 -4.44 -5.52 40.02
N SER A 152 -3.17 -5.19 39.81
CA SER A 152 -2.64 -4.97 38.46
C SER A 152 -2.89 -6.14 37.51
N ASN A 153 -3.02 -7.34 38.05
CA ASN A 153 -3.23 -8.53 37.22
C ASN A 153 -4.47 -8.44 36.34
N GLU A 154 -5.46 -7.66 36.78
CA GLU A 154 -6.71 -7.51 36.02
C GLU A 154 -6.61 -6.50 34.88
N TYR A 155 -5.95 -5.37 35.12
CA TYR A 155 -5.74 -4.38 34.06
C TYR A 155 -4.34 -4.53 33.44
N GLN A 156 -3.99 -3.63 32.53
CA GLN A 156 -2.70 -3.72 31.82
C GLN A 156 -1.65 -2.76 32.34
N LEU A 157 -0.54 -3.31 32.81
CA LEU A 157 0.55 -2.52 33.37
C LEU A 157 1.89 -3.03 32.86
N ILE A 158 2.87 -2.14 32.80
CA ILE A 158 4.20 -2.51 32.34
C ILE A 158 4.84 -3.53 33.28
N ASP A 159 5.64 -4.43 32.73
CA ASP A 159 6.25 -5.51 33.49
C ASP A 159 7.10 -5.01 34.66
N CYS A 160 8.01 -4.09 34.38
CA CYS A 160 8.82 -3.52 35.46
C CYS A 160 8.14 -2.26 35.96
N ALA A 161 7.58 -2.36 37.15
CA ALA A 161 6.90 -1.24 37.80
C ALA A 161 7.35 -1.10 39.24
N GLN A 162 7.08 -2.15 40.02
CA GLN A 162 7.43 -2.17 41.45
C GLN A 162 8.94 -2.02 41.65
N TYR A 163 9.72 -2.56 40.73
CA TYR A 163 11.17 -2.46 40.79
C TYR A 163 11.61 -0.99 40.76
N PHE A 164 11.17 -0.27 39.74
CA PHE A 164 11.56 1.13 39.56
C PHE A 164 10.78 2.04 40.50
N LEU A 165 9.60 1.60 40.90
CA LEU A 165 8.78 2.37 41.83
C LEU A 165 9.36 2.36 43.24
N ASP A 166 10.09 1.29 43.57
CA ASP A 166 10.79 1.21 44.85
C ASP A 166 12.12 1.95 44.78
N LYS A 167 12.61 2.15 43.56
CA LYS A 167 13.91 2.78 43.34
C LYS A 167 13.80 4.28 43.04
N ILE A 168 12.59 4.83 43.13
CA ILE A 168 12.35 6.24 42.77
C ILE A 168 13.36 7.17 43.41
N ASP A 169 13.49 7.09 44.74
CA ASP A 169 14.39 7.98 45.47
C ASP A 169 15.81 7.88 44.92
N VAL A 170 16.18 6.70 44.44
CA VAL A 170 17.51 6.45 43.89
C VAL A 170 17.66 7.12 42.52
N ILE A 171 16.62 7.04 41.72
CA ILE A 171 16.60 7.66 40.40
C ILE A 171 16.59 9.19 40.52
N LYS A 172 16.14 9.69 41.67
CA LYS A 172 16.13 11.13 41.93
C LYS A 172 17.49 11.78 41.74
N GLN A 173 18.51 11.18 42.34
CA GLN A 173 19.85 11.77 42.39
C GLN A 173 20.35 12.20 41.02
N ASP A 174 20.92 13.41 40.97
CA ASP A 174 21.43 13.96 39.71
C ASP A 174 22.63 13.17 39.20
N ASP A 175 23.35 12.54 40.13
CA ASP A 175 24.54 11.77 39.79
C ASP A 175 24.19 10.31 39.52
N TYR A 176 22.89 10.02 39.50
CA TYR A 176 22.40 8.65 39.38
C TYR A 176 23.04 7.91 38.20
N VAL A 177 23.60 6.74 38.50
CA VAL A 177 24.31 5.92 37.53
C VAL A 177 23.88 4.47 37.63
N PRO A 178 22.85 4.08 36.84
CA PRO A 178 22.22 2.76 36.95
C PRO A 178 23.23 1.62 36.91
N SER A 179 23.13 0.72 37.87
CA SER A 179 23.99 -0.46 37.92
C SER A 179 23.56 -1.47 36.87
N ASP A 180 24.47 -2.37 36.51
CA ASP A 180 24.16 -3.41 35.52
C ASP A 180 22.89 -4.15 35.90
N GLN A 181 22.81 -4.58 37.15
CA GLN A 181 21.65 -5.34 37.65
C GLN A 181 20.36 -4.54 37.52
N ASP A 182 20.47 -3.23 37.67
CA ASP A 182 19.31 -2.35 37.57
C ASP A 182 18.87 -2.19 36.12
N LEU A 183 19.81 -2.37 35.19
CA LEU A 183 19.52 -2.25 33.77
C LEU A 183 18.84 -3.49 33.23
N LEU A 184 19.20 -4.66 33.78
CA LEU A 184 18.65 -5.93 33.31
C LEU A 184 17.12 -6.00 33.38
N ARG A 185 16.53 -5.22 34.27
CA ARG A 185 15.09 -5.18 34.42
C ARG A 185 14.44 -4.27 33.39
N CYS A 186 15.21 -3.31 32.88
CA CYS A 186 14.71 -2.36 31.89
C CYS A 186 14.38 -3.07 30.58
N ARG A 187 14.76 -4.35 30.49
CA ARG A 187 14.50 -5.13 29.29
C ARG A 187 13.00 -5.34 29.07
N VAL A 188 12.59 -5.29 27.80
CA VAL A 188 11.18 -5.47 27.46
C VAL A 188 10.52 -6.49 28.37
N SER A 191 8.60 -10.61 26.33
CA SER A 191 9.21 -10.92 25.05
C SER A 191 9.73 -12.35 25.01
N GLY A 192 9.64 -12.99 23.85
CA GLY A 192 10.20 -14.32 23.66
C GLY A 192 11.70 -14.27 23.85
N ILE A 193 12.30 -15.40 24.22
CA ILE A 193 13.73 -15.43 24.50
C ILE A 193 14.57 -14.93 23.33
N PHE A 194 14.08 -15.18 22.11
CA PHE A 194 14.74 -14.69 20.90
C PHE A 194 14.38 -13.25 20.58
N GLU A 195 13.19 -12.83 21.00
CA GLU A 195 12.68 -11.50 20.72
C GLU A 195 13.36 -10.42 21.57
N THR A 196 13.78 -9.34 20.93
CA THR A 196 14.44 -8.25 21.64
C THR A 196 13.96 -6.88 21.14
N LYS A 197 13.45 -6.05 22.04
CA LYS A 197 13.19 -4.66 21.71
C LYS A 197 14.10 -3.75 22.54
N PHE A 198 15.05 -3.11 21.87
CA PHE A 198 16.04 -2.28 22.55
C PHE A 198 15.97 -0.82 22.12
N GLN A 199 16.36 0.09 23.03
CA GLN A 199 16.31 1.52 22.76
C GLN A 199 17.69 2.07 22.38
N VAL A 200 17.75 2.78 21.25
CA VAL A 200 19.00 3.41 20.80
C VAL A 200 18.75 4.82 20.26
N ASP A 201 19.45 5.80 20.83
CA ASP A 201 19.28 7.20 20.46
C ASP A 201 17.82 7.62 20.41
N LYS A 202 17.05 7.19 21.39
CA LYS A 202 15.63 7.53 21.48
C LYS A 202 14.84 7.06 20.27
N VAL A 203 15.23 5.90 19.73
CA VAL A 203 14.48 5.29 18.62
C VAL A 203 14.22 3.81 18.89
N ASN A 204 12.95 3.45 19.02
CA ASN A 204 12.58 2.07 19.36
C ASN A 204 12.95 1.05 18.29
N PHE A 205 13.57 -0.04 18.72
CA PHE A 205 13.87 -1.16 17.83
C PHE A 205 13.27 -2.44 18.39
N HIS A 206 12.73 -3.29 17.51
CA HIS A 206 12.29 -4.60 17.92
C HIS A 206 12.91 -5.63 16.98
N MET A 207 13.94 -6.31 17.50
CA MET A 207 14.64 -7.38 16.77
C MET A 207 13.98 -8.74 16.97
N PHE A 208 14.19 -9.65 16.01
CA PHE A 208 13.79 -11.03 16.19
C PHE A 208 14.90 -12.00 15.81
N ASP A 209 15.16 -12.96 16.69
CA ASP A 209 16.19 -13.97 16.47
C ASP A 209 15.55 -15.27 16.01
N VAL A 210 15.92 -15.74 14.83
CA VAL A 210 15.28 -16.92 14.25
C VAL A 210 16.02 -18.22 14.56
N GLY A 211 17.06 -18.14 15.39
CA GLY A 211 17.85 -19.30 15.74
C GLY A 211 17.02 -20.41 16.36
N GLY A 212 15.81 -20.08 16.81
CA GLY A 212 14.91 -21.05 17.38
C GLY A 212 14.05 -21.75 16.35
N GLN A 213 14.40 -21.58 15.08
CA GLN A 213 13.69 -22.21 13.97
C GLN A 213 14.61 -23.17 13.24
N ARG A 214 14.02 -24.15 12.55
CA ARG A 214 14.79 -25.11 11.77
C ARG A 214 15.35 -24.44 10.51
N ASP A 215 16.13 -25.18 9.74
CA ASP A 215 16.86 -24.57 8.63
C ASP A 215 16.06 -24.40 7.33
N GLU A 216 14.80 -24.82 7.32
CA GLU A 216 13.94 -24.55 6.17
C GLU A 216 13.22 -23.23 6.45
N ARG A 217 13.61 -22.19 5.72
CA ARG A 217 13.16 -20.85 6.05
C ARG A 217 12.01 -20.31 5.22
N ARG A 218 11.58 -21.05 4.20
CA ARG A 218 10.66 -20.47 3.21
C ARG A 218 9.32 -20.06 3.80
N LYS A 219 8.83 -20.81 4.78
CA LYS A 219 7.55 -20.48 5.39
C LYS A 219 7.63 -19.35 6.41
N TRP A 220 8.58 -19.43 7.33
CA TRP A 220 8.64 -18.42 8.39
C TRP A 220 9.32 -17.12 7.96
N ILE A 221 10.09 -17.19 6.89
CA ILE A 221 10.80 -16.00 6.42
C ILE A 221 9.80 -15.00 5.86
N GLN A 222 8.62 -15.47 5.50
CA GLN A 222 7.57 -14.59 5.02
C GLN A 222 7.05 -13.72 6.17
N CYS A 223 7.24 -14.20 7.39
CA CYS A 223 6.70 -13.54 8.57
C CYS A 223 7.11 -12.07 8.68
N PHE A 224 8.30 -11.72 8.20
CA PHE A 224 8.67 -10.32 8.16
C PHE A 224 8.78 -9.84 6.73
N ASN A 225 7.73 -9.21 6.21
CA ASN A 225 7.82 -8.38 5.04
C ASN A 225 7.80 -6.91 5.43
N ASP A 226 7.45 -6.65 6.68
CA ASP A 226 7.33 -5.29 7.19
C ASP A 226 8.58 -4.88 7.95
N VAL A 227 9.52 -5.81 8.07
CA VAL A 227 10.76 -5.57 8.79
C VAL A 227 11.56 -4.48 8.09
N THR A 228 11.98 -3.47 8.84
CA THR A 228 12.71 -2.34 8.26
C THR A 228 14.03 -2.80 7.66
N ALA A 229 14.68 -3.76 8.33
CA ALA A 229 15.92 -4.32 7.83
C ALA A 229 16.14 -5.77 8.27
N ILE A 230 16.77 -6.54 7.40
CA ILE A 230 17.18 -7.90 7.74
C ILE A 230 18.68 -7.89 8.00
N ILE A 231 19.04 -8.08 9.25
CA ILE A 231 20.44 -8.21 9.63
C ILE A 231 20.89 -9.62 9.29
N PHE A 232 21.85 -9.71 8.39
CA PHE A 232 22.31 -11.00 7.89
C PHE A 232 23.78 -11.13 8.25
N VAL A 233 24.09 -12.03 9.17
CA VAL A 233 25.46 -12.16 9.66
C VAL A 233 26.09 -13.47 9.20
N VAL A 234 27.07 -13.36 8.31
CA VAL A 234 27.73 -14.55 7.78
C VAL A 234 29.24 -14.50 8.01
N ALA A 235 29.80 -15.66 8.37
CA ALA A 235 31.22 -15.78 8.64
C ALA A 235 32.05 -15.63 7.38
N SER A 236 33.02 -14.72 7.41
CA SER A 236 33.87 -14.44 6.25
C SER A 236 34.90 -15.55 6.05
N SER A 237 35.15 -16.30 7.12
CA SER A 237 36.18 -17.35 7.10
C SER A 237 35.60 -18.70 6.72
N SER A 238 34.32 -18.72 6.37
CA SER A 238 33.64 -19.98 6.08
C SER A 238 33.85 -20.44 4.64
N TYR A 239 34.61 -19.67 3.87
CA TYR A 239 34.83 -20.01 2.47
C TYR A 239 35.45 -21.40 2.32
N ASN A 240 36.18 -21.84 3.34
CA ASN A 240 36.70 -23.20 3.38
C ASN A 240 35.70 -24.18 4.00
N MET A 241 35.49 -24.07 5.31
CA MET A 241 34.52 -24.88 6.04
C MET A 241 34.75 -24.77 7.55
N THR A 249 33.44 -27.55 2.73
CA THR A 249 32.00 -27.45 2.57
C THR A 249 31.60 -26.16 1.87
N ASN A 250 32.44 -25.14 2.00
CA ASN A 250 32.17 -23.83 1.39
C ASN A 250 30.86 -23.24 1.90
N ARG A 251 30.80 -22.94 3.20
CA ARG A 251 29.59 -22.41 3.81
C ARG A 251 29.35 -20.95 3.41
N LEU A 252 30.40 -20.32 2.87
CA LEU A 252 30.28 -18.97 2.35
C LEU A 252 29.40 -18.93 1.11
N GLN A 253 29.54 -19.95 0.26
CA GLN A 253 28.72 -20.04 -0.93
C GLN A 253 27.28 -20.34 -0.55
N GLU A 254 27.10 -21.11 0.52
CA GLU A 254 25.77 -21.38 1.03
C GLU A 254 25.14 -20.09 1.52
N ALA A 255 25.91 -19.29 2.27
CA ALA A 255 25.44 -17.99 2.73
C ALA A 255 25.06 -17.09 1.56
N LEU A 256 25.89 -17.09 0.52
CA LEU A 256 25.59 -16.34 -0.70
C LEU A 256 24.27 -16.79 -1.31
N ASN A 257 24.06 -18.10 -1.34
CA ASN A 257 22.82 -18.65 -1.85
C ASN A 257 21.61 -18.17 -1.06
N LEU A 258 21.69 -18.30 0.26
CA LEU A 258 20.62 -17.86 1.14
C LEU A 258 20.32 -16.39 0.91
N PHE A 259 21.38 -15.61 0.68
CA PHE A 259 21.22 -14.19 0.44
C PHE A 259 20.49 -13.92 -0.86
N LYS A 260 20.97 -14.53 -1.94
CA LYS A 260 20.33 -14.35 -3.24
C LYS A 260 18.85 -14.72 -3.15
N SER A 261 18.55 -15.82 -2.46
CA SER A 261 17.17 -16.26 -2.29
C SER A 261 16.33 -15.23 -1.53
N ILE A 262 16.88 -14.73 -0.43
CA ILE A 262 16.20 -13.69 0.34
C ILE A 262 15.94 -12.46 -0.53
N TRP A 263 16.94 -12.09 -1.33
CA TRP A 263 16.90 -10.89 -2.14
C TRP A 263 15.91 -11.01 -3.29
N ASN A 264 15.72 -12.23 -3.79
CA ASN A 264 14.82 -12.45 -4.92
C ASN A 264 13.41 -12.89 -4.56
N ASN A 265 13.15 -13.11 -3.29
CA ASN A 265 11.82 -13.55 -2.86
C ASN A 265 10.79 -12.45 -3.05
N ARG A 266 9.61 -12.83 -3.55
CA ARG A 266 8.57 -11.85 -3.89
C ARG A 266 8.10 -11.04 -2.68
N TRP A 267 8.03 -11.68 -1.53
CA TRP A 267 7.59 -11.02 -0.30
C TRP A 267 8.69 -10.18 0.32
N LEU A 268 9.94 -10.55 0.05
CA LEU A 268 11.10 -9.84 0.58
C LEU A 268 11.75 -8.83 -0.37
N ARG A 269 11.17 -8.65 -1.55
CA ARG A 269 11.74 -7.75 -2.55
C ARG A 269 11.93 -6.32 -2.08
N THR A 270 11.12 -5.90 -1.09
CA THR A 270 11.19 -4.52 -0.60
C THR A 270 12.07 -4.34 0.64
N ILE A 271 12.65 -5.43 1.15
CA ILE A 271 13.39 -5.38 2.41
C ILE A 271 14.90 -5.28 2.21
N SER A 272 15.51 -4.28 2.86
CA SER A 272 16.96 -4.08 2.77
C SER A 272 17.72 -4.98 3.73
N VAL A 273 18.85 -5.50 3.27
CA VAL A 273 19.66 -6.41 4.06
C VAL A 273 20.93 -5.74 4.57
N ILE A 274 21.01 -5.55 5.88
CA ILE A 274 22.24 -5.06 6.49
C ILE A 274 23.14 -6.25 6.72
N LEU A 275 24.29 -6.26 6.06
CA LEU A 275 25.15 -7.43 6.04
C LEU A 275 26.34 -7.29 6.99
N PHE A 276 26.46 -8.23 7.91
CA PHE A 276 27.59 -8.30 8.82
C PHE A 276 28.48 -9.47 8.46
N LEU A 277 29.68 -9.17 7.97
CA LEU A 277 30.66 -10.19 7.65
C LEU A 277 31.51 -10.43 8.90
N ASN A 278 31.37 -11.62 9.46
CA ASN A 278 31.91 -11.94 10.77
C ASN A 278 33.24 -12.66 10.66
N LYS A 279 33.82 -13.00 11.81
CA LYS A 279 35.07 -13.74 11.85
C LYS A 279 36.14 -13.10 10.96
N GLN A 280 36.35 -11.81 11.13
CA GLN A 280 37.39 -11.12 10.37
C GLN A 280 38.77 -11.71 10.69
N ASP A 281 39.07 -11.81 11.98
CA ASP A 281 40.35 -12.34 12.43
C ASP A 281 40.60 -13.72 11.84
N LEU A 282 39.59 -14.59 11.94
CA LEU A 282 39.70 -15.95 11.44
C LEU A 282 40.00 -15.96 9.94
N LEU A 283 39.31 -15.07 9.20
CA LEU A 283 39.59 -14.92 7.78
C LEU A 283 41.06 -14.56 7.56
N ALA A 284 41.52 -13.55 8.28
CA ALA A 284 42.91 -13.12 8.20
C ALA A 284 43.86 -14.30 8.39
N GLU A 285 43.62 -15.08 9.44
CA GLU A 285 44.46 -16.24 9.74
C GLU A 285 44.48 -17.19 8.56
N LYS A 286 43.31 -17.63 8.13
CA LYS A 286 43.21 -18.61 7.06
C LYS A 286 43.92 -18.12 5.80
N VAL A 287 43.77 -16.83 5.51
CA VAL A 287 44.32 -16.24 4.29
C VAL A 287 45.84 -16.17 4.34
N LEU A 288 46.38 -15.70 5.46
CA LEU A 288 47.83 -15.61 5.64
C LEU A 288 48.50 -16.98 5.65
N ALA A 289 47.79 -17.98 6.18
CA ALA A 289 48.29 -19.35 6.23
C ALA A 289 48.59 -19.89 4.83
N GLY A 290 47.61 -19.77 3.94
CA GLY A 290 47.81 -20.13 2.55
C GLY A 290 47.31 -21.50 2.12
N LYS A 291 47.14 -22.41 3.08
CA LYS A 291 46.72 -23.77 2.75
C LYS A 291 45.38 -23.78 2.01
N SER A 292 44.42 -23.03 2.54
CA SER A 292 43.10 -22.93 1.95
C SER A 292 42.98 -21.63 1.17
N LYS A 293 42.94 -21.73 -0.15
CA LYS A 293 42.89 -20.55 -1.00
C LYS A 293 41.46 -20.29 -1.49
N ILE A 294 41.03 -19.05 -1.35
CA ILE A 294 39.70 -18.65 -1.80
C ILE A 294 39.46 -19.08 -3.24
N GLU A 295 40.45 -18.84 -4.10
CA GLU A 295 40.32 -19.11 -5.53
C GLU A 295 39.95 -20.56 -5.82
N ASP A 296 40.19 -21.45 -4.86
CA ASP A 296 39.74 -22.83 -4.96
C ASP A 296 38.22 -22.85 -5.06
N TYR A 297 37.57 -22.19 -4.10
CA TYR A 297 36.11 -22.15 -4.05
C TYR A 297 35.54 -20.94 -4.78
N PHE A 298 36.41 -20.01 -5.15
CA PHE A 298 36.02 -18.80 -5.88
C PHE A 298 37.09 -18.43 -6.90
N PRO A 299 37.17 -19.19 -8.00
CA PRO A 299 38.21 -19.01 -9.02
C PRO A 299 38.29 -17.58 -9.54
N GLU A 300 37.15 -16.89 -9.62
CA GLU A 300 37.10 -15.54 -10.17
C GLU A 300 37.87 -14.54 -9.31
N PHE A 301 38.32 -15.00 -8.14
CA PHE A 301 39.08 -14.16 -7.22
C PHE A 301 40.48 -13.87 -7.77
N ALA A 302 41.04 -14.86 -8.46
CA ALA A 302 42.39 -14.75 -9.00
C ALA A 302 42.53 -13.56 -9.95
N ARG A 303 41.43 -13.18 -10.58
CA ARG A 303 41.43 -12.05 -11.52
C ARG A 303 40.96 -10.77 -10.84
N TYR A 304 40.68 -10.87 -9.54
CA TYR A 304 40.11 -9.75 -8.80
C TYR A 304 41.17 -8.98 -8.01
N THR A 305 41.17 -7.67 -8.17
CA THR A 305 42.09 -6.80 -7.44
C THR A 305 41.35 -5.95 -6.41
N THR A 306 42.04 -5.62 -5.32
CA THR A 306 41.44 -4.82 -4.27
C THR A 306 40.87 -3.52 -4.84
N PRO A 307 39.70 -3.09 -4.34
CA PRO A 307 39.05 -1.87 -4.81
C PRO A 307 39.98 -0.66 -4.75
N GLU A 308 39.75 0.32 -5.62
CA GLU A 308 40.61 1.50 -5.69
C GLU A 308 40.46 2.39 -4.47
N ASP A 309 39.26 2.42 -3.90
CA ASP A 309 38.98 3.27 -2.74
C ASP A 309 39.28 2.55 -1.43
N ALA A 310 39.84 1.35 -1.52
CA ALA A 310 40.05 0.50 -0.36
C ALA A 310 40.74 1.25 0.77
N THR A 311 40.19 1.12 1.97
CA THR A 311 40.75 1.78 3.14
C THR A 311 41.16 0.74 4.18
N PRO A 312 42.29 0.05 3.93
CA PRO A 312 42.72 -1.01 4.84
C PRO A 312 43.01 -0.44 6.23
N GLU A 313 42.77 -1.24 7.26
CA GLU A 313 43.07 -0.82 8.62
C GLU A 313 44.53 -1.11 8.96
N PRO A 314 45.06 -0.40 9.96
CA PRO A 314 46.47 -0.53 10.34
C PRO A 314 46.84 -1.97 10.71
N GLY A 315 47.92 -2.47 10.12
CA GLY A 315 48.40 -3.81 10.42
C GLY A 315 47.65 -4.92 9.69
N GLU A 316 47.09 -4.57 8.54
CA GLU A 316 46.32 -5.52 7.77
C GLU A 316 46.97 -5.81 6.42
N ASP A 317 47.46 -7.04 6.26
CA ASP A 317 48.11 -7.46 5.02
C ASP A 317 47.20 -7.19 3.84
N PRO A 318 47.72 -6.55 2.79
CA PRO A 318 46.96 -6.23 1.59
C PRO A 318 46.22 -7.44 1.02
N ARG A 319 46.75 -8.64 1.28
CA ARG A 319 46.09 -9.87 0.86
C ARG A 319 44.77 -10.07 1.58
N VAL A 320 44.81 -9.94 2.90
CA VAL A 320 43.61 -10.02 3.72
C VAL A 320 42.58 -8.98 3.31
N THR A 321 43.03 -7.75 3.08
CA THR A 321 42.14 -6.68 2.65
C THR A 321 41.49 -7.03 1.33
N ARG A 322 42.30 -7.54 0.40
CA ARG A 322 41.81 -7.96 -0.92
C ARG A 322 40.74 -9.05 -0.82
N ALA A 323 41.00 -10.08 -0.03
CA ALA A 323 40.03 -11.16 0.16
C ALA A 323 38.74 -10.63 0.79
N LYS A 324 38.88 -9.88 1.87
CA LYS A 324 37.76 -9.27 2.56
C LYS A 324 36.87 -8.51 1.58
N TYR A 325 37.47 -7.61 0.82
CA TYR A 325 36.73 -6.85 -0.18
C TYR A 325 36.14 -7.73 -1.28
N PHE A 326 36.78 -8.87 -1.56
CA PHE A 326 36.25 -9.79 -2.56
C PHE A 326 34.96 -10.44 -2.11
N ILE A 327 34.93 -10.85 -0.85
CA ILE A 327 33.71 -11.38 -0.26
C ILE A 327 32.62 -10.31 -0.26
N ARG A 328 32.98 -9.14 0.29
CA ARG A 328 32.02 -8.03 0.34
C ARG A 328 31.39 -7.82 -1.03
N ASP A 329 32.23 -7.75 -2.06
CA ASP A 329 31.74 -7.55 -3.42
C ASP A 329 30.93 -8.74 -3.91
N GLU A 330 31.24 -9.93 -3.41
CA GLU A 330 30.47 -11.13 -3.75
C GLU A 330 29.03 -11.00 -3.29
N PHE A 331 28.83 -10.40 -2.11
CA PHE A 331 27.47 -10.15 -1.66
C PHE A 331 26.87 -8.91 -2.33
N LEU A 332 27.73 -8.00 -2.77
CA LEU A 332 27.27 -6.76 -3.40
C LEU A 332 26.71 -6.96 -4.80
N ARG A 333 27.38 -7.79 -5.59
CA ARG A 333 27.00 -7.99 -6.99
C ARG A 333 25.56 -8.45 -7.14
N ILE A 334 25.08 -9.20 -6.15
CA ILE A 334 23.70 -9.65 -6.14
C ILE A 334 22.73 -8.50 -5.88
N SER A 335 23.05 -7.67 -4.89
CA SER A 335 22.24 -6.50 -4.57
C SER A 335 22.18 -5.54 -5.75
N THR A 336 23.27 -5.48 -6.51
CA THR A 336 23.37 -4.58 -7.66
C THR A 336 22.82 -5.24 -8.93
N ALA A 337 22.54 -6.53 -8.86
CA ALA A 337 22.00 -7.27 -10.00
C ALA A 337 20.59 -6.83 -10.37
N SER A 338 19.74 -6.65 -9.36
CA SER A 338 18.36 -6.25 -9.58
C SER A 338 18.26 -4.93 -10.34
N GLY A 339 18.96 -3.91 -9.86
CA GLY A 339 18.95 -2.60 -10.48
C GLY A 339 17.67 -1.82 -10.21
N ASP A 340 16.80 -2.39 -9.40
CA ASP A 340 15.51 -1.78 -9.09
C ASP A 340 15.66 -0.59 -8.14
N GLY A 341 16.42 -0.79 -7.07
CA GLY A 341 16.66 0.26 -6.10
C GLY A 341 15.60 0.35 -5.03
N ARG A 342 14.73 -0.64 -4.97
CA ARG A 342 13.71 -0.69 -3.92
C ARG A 342 14.35 -0.97 -2.57
N HIS A 343 15.40 -1.78 -2.59
CA HIS A 343 16.14 -2.08 -1.38
C HIS A 343 17.65 -1.99 -1.60
N TYR A 344 18.41 -1.95 -0.50
CA TYR A 344 19.86 -1.88 -0.59
C TYR A 344 20.51 -2.82 0.42
N CYS A 345 21.75 -3.20 0.14
CA CYS A 345 22.52 -4.05 1.04
C CYS A 345 23.70 -3.30 1.63
N TYR A 346 23.72 -3.17 2.95
CA TYR A 346 24.80 -2.46 3.63
C TYR A 346 25.74 -3.46 4.28
N PRO A 347 26.92 -3.65 3.68
CA PRO A 347 27.93 -4.59 4.17
C PRO A 347 28.73 -4.01 5.33
N HIS A 348 29.32 -4.88 6.14
CA HIS A 348 30.19 -4.46 7.24
C HIS A 348 31.15 -5.58 7.62
N PHE A 349 32.21 -5.23 8.34
CA PHE A 349 33.14 -6.23 8.85
C PHE A 349 33.15 -6.18 10.38
N THR A 350 33.11 -7.35 11.02
CA THR A 350 32.91 -7.44 12.47
C THR A 350 33.44 -8.75 13.04
N CYS A 351 33.60 -8.79 14.36
CA CYS A 351 34.09 -9.96 15.06
C CYS A 351 35.61 -10.04 15.04
N ALA A 352 36.24 -9.20 14.23
CA ALA A 352 37.69 -9.04 14.33
C ALA A 352 37.91 -8.63 15.78
N VAL A 353 37.10 -7.65 16.19
CA VAL A 353 36.96 -7.28 17.58
C VAL A 353 35.50 -6.93 17.81
N ASP A 354 34.99 -7.25 19.00
CA ASP A 354 33.58 -7.09 19.32
C ASP A 354 33.07 -5.68 19.10
N THR A 355 33.50 -4.76 19.97
CA THR A 355 33.12 -3.37 19.83
C THR A 355 31.61 -3.18 19.84
N GLU A 356 31.13 -2.26 19.02
CA GLU A 356 29.71 -1.97 18.97
C GLU A 356 29.16 -1.85 17.55
N ASN A 357 28.31 -2.80 17.16
CA ASN A 357 27.69 -2.79 15.85
C ASN A 357 26.27 -2.21 15.88
N ILE A 358 25.80 -1.90 17.08
CA ILE A 358 24.47 -1.33 17.24
C ILE A 358 24.36 -0.01 16.50
N ARG A 359 25.40 0.81 16.61
CA ARG A 359 25.41 2.11 15.94
C ARG A 359 25.41 1.94 14.43
N ARG A 360 26.17 0.96 13.94
CA ARG A 360 26.21 0.67 12.52
C ARG A 360 24.81 0.32 12.04
N VAL A 361 24.18 -0.62 12.73
CA VAL A 361 22.80 -1.00 12.43
C VAL A 361 21.88 0.22 12.39
N PHE A 362 21.95 1.03 13.43
CA PHE A 362 21.18 2.26 13.53
C PHE A 362 21.32 3.10 12.26
N ASN A 363 22.53 3.57 12.01
CA ASN A 363 22.81 4.41 10.85
C ASN A 363 22.33 3.79 9.54
N ASP A 364 22.52 2.49 9.39
CA ASP A 364 22.10 1.78 8.17
C ASP A 364 20.59 1.78 8.02
N CYS A 365 19.87 1.67 9.14
CA CYS A 365 18.42 1.78 9.13
C CYS A 365 17.98 3.19 8.73
N ARG A 366 18.59 4.18 9.38
CA ARG A 366 18.33 5.57 9.04
C ARG A 366 18.46 5.77 7.53
N ASP A 367 19.55 5.27 6.96
CA ASP A 367 19.76 5.35 5.51
C ASP A 367 18.63 4.67 4.75
N ILE A 368 18.30 3.45 5.17
CA ILE A 368 17.24 2.68 4.53
C ILE A 368 15.95 3.49 4.42
N ILE A 369 15.48 4.00 5.55
CA ILE A 369 14.23 4.76 5.59
C ILE A 369 14.33 6.06 4.81
N GLN A 370 15.48 6.73 4.91
CA GLN A 370 15.72 7.95 4.15
C GLN A 370 15.56 7.67 2.67
N ARG A 371 16.03 6.51 2.23
CA ARG A 371 15.93 6.13 0.83
C ARG A 371 14.54 5.61 0.49
N MET A 372 13.80 5.22 1.53
CA MET A 372 12.41 4.83 1.34
C MET A 372 11.64 6.07 0.91
N HIS A 373 11.75 7.13 1.72
CA HIS A 373 11.09 8.39 1.40
C HIS A 373 11.64 8.99 0.13
N LEU A 374 12.95 8.90 -0.04
CA LEU A 374 13.63 9.47 -1.19
C LEU A 374 13.13 8.85 -2.48
N ARG A 375 13.14 7.52 -2.53
CA ARG A 375 12.67 6.81 -3.72
C ARG A 375 11.18 7.05 -3.93
N GLN A 376 10.43 7.14 -2.84
CA GLN A 376 9.00 7.38 -2.94
C GLN A 376 8.70 8.66 -3.72
N TYR A 377 9.60 9.63 -3.58
CA TYR A 377 9.43 10.94 -4.20
C TYR A 377 10.16 11.06 -5.55
N GLU A 378 10.74 9.96 -6.00
CA GLU A 378 11.52 9.93 -7.23
C GLU A 378 12.70 10.88 -7.12
N LEU A 379 13.15 11.12 -5.88
CA LEU A 379 14.31 11.95 -5.65
C LEU A 379 15.57 11.10 -5.75
N LEU A 380 15.38 9.82 -5.99
CA LEU A 380 16.47 8.87 -6.04
C LEU A 380 16.30 7.89 -7.20
N GLN B 12 25.87 -56.89 4.60
CA GLN B 12 25.67 -55.52 4.15
C GLN B 12 24.51 -55.44 3.16
N SER B 13 24.28 -54.23 2.64
CA SER B 13 23.25 -54.00 1.63
C SER B 13 21.84 -54.23 2.18
N GLU B 14 21.62 -53.88 3.44
CA GLU B 14 20.29 -53.99 4.04
C GLU B 14 19.41 -52.82 3.61
N LEU B 15 19.96 -51.62 3.68
CA LEU B 15 19.24 -50.40 3.33
C LEU B 15 18.66 -50.52 1.92
N ASP B 16 19.40 -51.20 1.04
CA ASP B 16 18.96 -51.41 -0.34
C ASP B 16 17.67 -52.22 -0.36
N GLN B 17 17.66 -53.32 0.37
CA GLN B 17 16.47 -54.17 0.46
C GLN B 17 15.31 -53.37 1.02
N LEU B 18 15.58 -52.56 2.03
CA LEU B 18 14.54 -51.73 2.64
C LEU B 18 13.91 -50.78 1.64
N ARG B 19 14.74 -50.04 0.91
CA ARG B 19 14.24 -49.11 -0.09
C ARG B 19 13.53 -49.84 -1.23
N GLN B 20 13.94 -51.07 -1.49
CA GLN B 20 13.30 -51.89 -2.52
C GLN B 20 11.87 -52.26 -2.10
N GLU B 21 11.74 -52.69 -0.84
CA GLU B 21 10.44 -53.04 -0.29
C GLU B 21 9.54 -51.80 -0.18
N ALA B 22 10.16 -50.66 0.10
CA ALA B 22 9.44 -49.40 0.20
C ALA B 22 8.90 -48.98 -1.15
N GLU B 23 9.74 -49.09 -2.17
CA GLU B 23 9.35 -48.76 -3.54
C GLU B 23 8.21 -49.67 -3.98
N GLN B 24 8.35 -50.97 -3.73
CA GLN B 24 7.30 -51.90 -4.09
C GLN B 24 5.99 -51.55 -3.39
N LEU B 25 6.05 -51.37 -2.08
CA LEU B 25 4.87 -50.97 -1.32
C LEU B 25 4.19 -49.76 -1.96
N LYS B 26 4.98 -48.73 -2.26
CA LYS B 26 4.45 -47.55 -2.94
C LYS B 26 3.72 -47.94 -4.20
N ASN B 27 4.32 -48.84 -4.98
CA ASN B 27 3.67 -49.32 -6.20
C ASN B 27 2.34 -49.99 -5.92
N GLN B 28 2.30 -50.80 -4.86
CA GLN B 28 1.12 -51.55 -4.50
C GLN B 28 -0.02 -50.62 -4.11
N ILE B 29 0.31 -49.59 -3.33
CA ILE B 29 -0.68 -48.59 -2.94
C ILE B 29 -1.15 -47.82 -4.17
N ARG B 30 -0.20 -47.44 -5.03
CA ARG B 30 -0.50 -46.75 -6.28
C ARG B 30 -1.55 -47.52 -7.09
N ASP B 31 -1.33 -48.83 -7.24
CA ASP B 31 -2.24 -49.66 -8.03
C ASP B 31 -3.56 -49.89 -7.32
N ALA B 32 -3.50 -50.18 -6.02
CA ALA B 32 -4.70 -50.36 -5.22
C ALA B 32 -5.62 -49.16 -5.33
N ARG B 33 -5.02 -47.98 -5.39
CA ARG B 33 -5.78 -46.74 -5.57
C ARG B 33 -6.29 -46.65 -6.99
N LYS B 34 -5.44 -46.99 -7.96
CA LYS B 34 -5.80 -46.94 -9.37
C LYS B 34 -7.00 -47.84 -9.67
N ALA B 35 -7.21 -48.84 -8.82
CA ALA B 35 -8.29 -49.81 -9.01
C ALA B 35 -9.64 -49.21 -8.64
N CYS B 36 -9.66 -48.47 -7.53
CA CYS B 36 -10.87 -47.85 -7.03
C CYS B 36 -11.31 -46.67 -7.91
N ALA B 37 -10.50 -46.39 -8.92
CA ALA B 37 -10.58 -45.16 -9.72
C ALA B 37 -11.62 -45.26 -10.85
N ASP B 38 -12.46 -46.27 -10.79
CA ASP B 38 -13.40 -46.59 -11.87
C ASP B 38 -14.18 -45.40 -12.41
N ALA B 39 -14.40 -44.39 -11.59
CA ALA B 39 -15.04 -43.18 -12.06
C ALA B 39 -14.32 -41.93 -11.56
N THR B 40 -14.82 -40.77 -11.96
CA THR B 40 -14.27 -39.50 -11.50
C THR B 40 -15.40 -38.64 -10.98
N LEU B 41 -15.14 -37.92 -9.89
CA LEU B 41 -16.16 -37.07 -9.29
C LEU B 41 -16.69 -36.07 -10.33
N SER B 42 -15.86 -35.74 -11.31
CA SER B 42 -16.27 -34.84 -12.38
C SER B 42 -17.30 -35.50 -13.27
N GLN B 43 -17.12 -36.80 -13.49
CA GLN B 43 -18.01 -37.55 -14.37
C GLN B 43 -19.43 -37.61 -13.81
N ILE B 44 -19.55 -37.94 -12.53
CA ILE B 44 -20.86 -38.19 -11.93
C ILE B 44 -21.59 -36.91 -11.54
N THR B 45 -20.87 -35.79 -11.54
CA THR B 45 -21.48 -34.50 -11.26
C THR B 45 -21.84 -33.75 -12.54
N ASN B 46 -21.48 -34.34 -13.68
CA ASN B 46 -21.67 -33.69 -14.97
C ASN B 46 -23.12 -33.25 -15.21
N ASN B 47 -24.06 -34.12 -14.87
CA ASN B 47 -25.48 -33.85 -15.11
C ASN B 47 -26.06 -32.85 -14.13
N ILE B 48 -25.54 -32.84 -12.91
CA ILE B 48 -26.07 -31.99 -11.85
C ILE B 48 -26.11 -30.52 -12.23
N ASP B 49 -27.24 -29.88 -11.95
CA ASP B 49 -27.38 -28.44 -12.16
C ASP B 49 -26.27 -27.73 -11.40
N PRO B 50 -25.61 -26.78 -12.06
CA PRO B 50 -24.53 -26.02 -11.43
C PRO B 50 -25.03 -25.02 -10.40
N VAL B 51 -24.11 -24.34 -9.74
CA VAL B 51 -24.46 -23.31 -8.76
C VAL B 51 -24.71 -22.00 -9.50
N GLY B 52 -24.29 -21.95 -10.76
CA GLY B 52 -24.40 -20.73 -11.55
C GLY B 52 -23.44 -19.73 -10.98
N ARG B 53 -23.25 -18.61 -11.67
CA ARG B 53 -22.38 -17.58 -11.11
C ARG B 53 -23.19 -16.82 -10.07
N ILE B 54 -22.76 -16.92 -8.82
CA ILE B 54 -23.41 -16.19 -7.73
C ILE B 54 -22.35 -15.64 -6.78
N GLN B 55 -22.39 -14.33 -6.57
CA GLN B 55 -21.35 -13.64 -5.81
C GLN B 55 -21.86 -13.12 -4.47
N MET B 56 -20.97 -13.05 -3.49
CA MET B 56 -21.31 -12.51 -2.18
C MET B 56 -20.95 -11.03 -2.12
N ARG B 57 -21.29 -10.40 -1.00
CA ARG B 57 -20.99 -8.99 -0.80
C ARG B 57 -20.33 -8.83 0.56
N THR B 58 -19.75 -7.66 0.81
CA THR B 58 -19.15 -7.41 2.11
C THR B 58 -20.15 -6.73 3.03
N ARG B 59 -20.64 -7.48 4.01
CA ARG B 59 -21.56 -6.94 5.01
C ARG B 59 -20.83 -6.26 6.16
N ARG B 60 -19.56 -6.61 6.34
CA ARG B 60 -18.79 -6.09 7.47
C ARG B 60 -17.32 -5.87 7.11
N THR B 61 -16.76 -4.76 7.57
CA THR B 61 -15.33 -4.55 7.50
C THR B 61 -14.83 -4.21 8.90
N LEU B 62 -14.01 -5.08 9.46
CA LEU B 62 -13.53 -4.91 10.83
C LEU B 62 -12.10 -4.39 10.85
N ARG B 63 -11.90 -3.15 11.28
CA ARG B 63 -10.55 -2.65 11.43
C ARG B 63 -10.23 -2.40 12.90
N GLY B 64 -9.52 -3.34 13.51
CA GLY B 64 -8.84 -3.08 14.78
C GLY B 64 -7.34 -3.26 14.73
N HIS B 65 -6.81 -3.58 13.55
CA HIS B 65 -5.46 -4.14 13.48
C HIS B 65 -4.44 -3.17 12.91
N LEU B 66 -3.30 -3.07 13.59
CA LEU B 66 -2.22 -2.20 13.16
C LEU B 66 -1.36 -2.84 12.07
N ALA B 67 -1.20 -4.16 12.16
CA ALA B 67 -0.35 -4.89 11.23
C ALA B 67 -1.13 -5.96 10.47
N LYS B 68 -0.40 -6.75 9.69
CA LYS B 68 -1.02 -7.81 8.88
C LYS B 68 -1.61 -8.94 9.74
N ILE B 69 -2.86 -9.31 9.44
CA ILE B 69 -3.54 -10.40 10.14
C ILE B 69 -3.03 -11.73 9.63
N TYR B 70 -2.57 -12.60 10.53
CA TYR B 70 -2.06 -13.90 10.10
C TYR B 70 -3.07 -15.03 10.17
N ALA B 71 -4.21 -14.81 10.83
CA ALA B 71 -5.22 -15.86 10.97
C ALA B 71 -6.42 -15.43 11.82
N MET B 72 -7.52 -16.17 11.70
CA MET B 72 -8.69 -15.94 12.52
C MET B 72 -9.50 -17.23 12.73
N HIS B 73 -10.55 -17.14 13.54
CA HIS B 73 -11.43 -18.27 13.79
C HIS B 73 -12.82 -17.80 14.21
N TRP B 74 -13.85 -18.56 13.82
CA TRP B 74 -15.22 -18.25 14.23
C TRP B 74 -15.57 -18.94 15.54
N GLY B 75 -16.34 -18.26 16.38
CA GLY B 75 -16.87 -18.88 17.58
C GLY B 75 -18.03 -19.78 17.21
N THR B 76 -18.19 -20.88 17.94
CA THR B 76 -19.27 -21.83 17.65
C THR B 76 -20.63 -21.16 17.82
N ASP B 77 -20.63 -19.98 18.44
CA ASP B 77 -21.86 -19.22 18.61
C ASP B 77 -22.23 -18.49 17.33
N SER B 78 -21.34 -18.56 16.33
CA SER B 78 -21.58 -17.95 15.02
C SER B 78 -21.56 -16.42 15.06
N ARG B 79 -21.42 -15.86 16.26
CA ARG B 79 -21.40 -14.41 16.40
C ARG B 79 -19.98 -13.86 16.52
N LEU B 80 -19.33 -14.13 17.64
CA LEU B 80 -17.99 -13.62 17.89
C LEU B 80 -16.96 -14.28 16.98
N LEU B 81 -15.82 -13.63 16.79
CA LEU B 81 -14.73 -14.25 16.03
C LEU B 81 -13.36 -13.78 16.52
N VAL B 82 -12.39 -14.69 16.49
CA VAL B 82 -11.03 -14.37 16.97
C VAL B 82 -10.07 -14.15 15.82
N SER B 83 -9.24 -13.11 15.92
CA SER B 83 -8.24 -12.82 14.89
C SER B 83 -6.90 -12.41 15.49
N ALA B 84 -5.82 -12.94 14.91
CA ALA B 84 -4.47 -12.61 15.36
C ALA B 84 -3.68 -11.81 14.31
N SER B 85 -2.87 -10.86 14.76
CA SER B 85 -2.09 -10.02 13.84
C SER B 85 -0.62 -9.89 14.22
N GLN B 86 0.22 -9.60 13.24
CA GLN B 86 1.66 -9.48 13.44
C GLN B 86 2.01 -8.30 14.36
N ASP B 87 1.00 -7.50 14.70
CA ASP B 87 1.19 -6.37 15.59
C ASP B 87 1.20 -6.82 17.05
N GLY B 88 1.01 -8.13 17.26
CA GLY B 88 1.07 -8.70 18.59
C GLY B 88 -0.27 -8.66 19.31
N LYS B 89 -1.29 -8.14 18.64
CA LYS B 89 -2.62 -8.04 19.22
C LYS B 89 -3.51 -9.20 18.82
N LEU B 90 -4.35 -9.65 19.74
CA LEU B 90 -5.35 -10.67 19.43
C LEU B 90 -6.73 -10.10 19.70
N ILE B 91 -7.52 -9.89 18.64
CA ILE B 91 -8.81 -9.23 18.80
C ILE B 91 -10.01 -10.18 18.65
N ILE B 92 -10.90 -10.12 19.65
CA ILE B 92 -12.14 -10.87 19.62
C ILE B 92 -13.29 -9.94 19.29
N TRP B 93 -13.85 -10.12 18.09
CA TRP B 93 -14.89 -9.24 17.58
C TRP B 93 -16.29 -9.85 17.70
N ASP B 94 -17.27 -9.03 17.35
CA ASP B 94 -18.66 -9.42 17.29
C ASP B 94 -19.13 -9.04 15.89
N SER B 95 -19.40 -10.05 15.07
CA SER B 95 -19.67 -9.82 13.65
C SER B 95 -20.87 -8.89 13.43
N TYR B 96 -21.94 -9.14 14.17
CA TYR B 96 -23.17 -8.35 13.99
C TYR B 96 -22.95 -6.87 14.29
N THR B 97 -22.51 -6.58 15.51
CA THR B 97 -22.39 -5.19 15.95
C THR B 97 -21.04 -4.58 15.56
N THR B 98 -20.20 -5.38 14.88
CA THR B 98 -18.87 -4.95 14.47
C THR B 98 -18.08 -4.29 15.61
N ASN B 99 -18.30 -4.75 16.83
CA ASN B 99 -17.63 -4.19 17.99
C ASN B 99 -16.41 -5.02 18.41
N LYS B 100 -15.73 -4.55 19.45
CA LYS B 100 -14.59 -5.27 19.99
C LYS B 100 -14.95 -5.83 21.36
N VAL B 101 -15.10 -7.15 21.44
CA VAL B 101 -15.37 -7.78 22.72
C VAL B 101 -14.07 -7.91 23.52
N HIS B 102 -12.96 -8.19 22.83
CA HIS B 102 -11.69 -8.33 23.53
C HIS B 102 -10.46 -7.87 22.73
N ALA B 103 -9.46 -7.38 23.45
CA ALA B 103 -8.15 -7.11 22.88
C ALA B 103 -7.08 -7.67 23.81
N ILE B 104 -6.33 -8.66 23.34
CA ILE B 104 -5.33 -9.33 24.16
C ILE B 104 -3.92 -9.08 23.63
N PRO B 105 -3.12 -8.32 24.40
CA PRO B 105 -1.72 -8.13 23.98
C PRO B 105 -0.95 -9.43 24.11
N LEU B 106 -0.30 -9.84 23.04
CA LEU B 106 0.57 -11.02 23.04
C LEU B 106 1.97 -10.67 23.53
N ARG B 107 2.68 -11.67 24.05
CA ARG B 107 4.08 -11.50 24.38
C ARG B 107 4.91 -11.42 23.10
N SER B 108 4.69 -12.39 22.21
CA SER B 108 5.42 -12.46 20.95
C SER B 108 4.65 -11.76 19.84
N SER B 109 5.23 -10.70 19.28
CA SER B 109 4.56 -9.91 18.24
C SER B 109 4.25 -10.74 16.99
N TRP B 110 5.07 -11.74 16.72
CA TRP B 110 4.87 -12.57 15.55
C TRP B 110 4.02 -13.79 15.90
N VAL B 111 2.78 -13.80 15.40
CA VAL B 111 1.83 -14.85 15.69
C VAL B 111 1.28 -15.42 14.37
N MET B 112 1.52 -16.70 14.14
CA MET B 112 1.12 -17.35 12.90
C MET B 112 -0.22 -18.08 12.95
N THR B 113 -0.91 -18.03 14.10
CA THR B 113 -2.19 -18.72 14.22
C THR B 113 -2.93 -18.47 15.53
N CYS B 114 -4.22 -18.78 15.52
CA CYS B 114 -5.07 -18.68 16.69
C CYS B 114 -6.29 -19.56 16.48
N ALA B 115 -6.96 -19.91 17.58
CA ALA B 115 -8.14 -20.76 17.50
C ALA B 115 -9.13 -20.40 18.59
N TYR B 116 -10.39 -20.72 18.35
CA TYR B 116 -11.46 -20.41 19.29
C TYR B 116 -12.01 -21.69 19.86
N ALA B 117 -12.10 -21.76 21.19
CA ALA B 117 -12.63 -22.95 21.85
C ALA B 117 -14.10 -23.14 21.49
N PRO B 118 -14.57 -24.40 21.53
CA PRO B 118 -15.95 -24.69 21.16
C PRO B 118 -16.93 -24.05 22.14
N SER B 119 -16.46 -23.81 23.36
CA SER B 119 -17.30 -23.22 24.40
C SER B 119 -17.16 -21.70 24.40
N GLY B 120 -16.25 -21.19 23.56
CA GLY B 120 -16.01 -19.77 23.51
C GLY B 120 -15.39 -19.24 24.79
N ASN B 121 -15.05 -20.16 25.69
CA ASN B 121 -14.46 -19.81 26.98
C ASN B 121 -12.99 -19.43 26.88
N TYR B 122 -12.24 -20.18 26.06
CA TYR B 122 -10.81 -19.97 25.94
C TYR B 122 -10.43 -19.60 24.51
N VAL B 123 -9.25 -19.02 24.34
CA VAL B 123 -8.74 -18.68 23.02
C VAL B 123 -7.24 -18.95 22.94
N ALA B 124 -6.81 -19.63 21.88
CA ALA B 124 -5.40 -20.01 21.76
C ALA B 124 -4.70 -19.26 20.64
N CYS B 125 -3.39 -19.07 20.80
CA CYS B 125 -2.56 -18.51 19.74
C CYS B 125 -1.18 -19.17 19.72
N GLY B 126 -0.35 -18.76 18.77
CA GLY B 126 0.95 -19.38 18.59
C GLY B 126 1.62 -18.81 17.35
N GLY B 127 2.91 -19.06 17.19
CA GLY B 127 3.69 -18.39 16.15
C GLY B 127 5.18 -18.67 16.27
N LEU B 128 5.99 -17.73 15.78
CA LEU B 128 7.44 -17.89 15.77
C LEU B 128 8.02 -18.05 17.17
N ASP B 129 7.18 -17.84 18.17
CA ASP B 129 7.57 -18.05 19.56
C ASP B 129 7.61 -19.53 19.92
N ASN B 130 7.07 -20.37 19.05
CA ASN B 130 7.04 -21.82 19.25
C ASN B 130 6.22 -22.24 20.46
N ILE B 131 5.28 -21.39 20.87
CA ILE B 131 4.49 -21.65 22.06
C ILE B 131 3.01 -21.41 21.80
N CYS B 132 2.16 -22.26 22.37
CA CYS B 132 0.73 -22.09 22.23
C CYS B 132 0.15 -21.44 23.49
N SER B 133 -0.25 -20.19 23.38
CA SER B 133 -0.79 -19.45 24.51
C SER B 133 -2.30 -19.58 24.60
N ILE B 134 -2.78 -20.16 25.70
CA ILE B 134 -4.20 -20.26 25.98
C ILE B 134 -4.60 -19.16 26.95
N TYR B 135 -5.62 -18.40 26.56
CA TYR B 135 -6.14 -17.29 27.35
C TYR B 135 -7.58 -17.56 27.77
N ASN B 136 -7.87 -17.38 29.05
CA ASN B 136 -9.22 -17.56 29.57
C ASN B 136 -10.05 -16.28 29.40
N LEU B 137 -11.17 -16.39 28.69
CA LEU B 137 -12.04 -15.25 28.47
C LEU B 137 -13.05 -15.08 29.61
N LYS B 138 -13.17 -16.11 30.43
CA LYS B 138 -14.18 -16.15 31.48
C LYS B 138 -13.66 -15.60 32.81
N THR B 139 -12.44 -15.06 32.80
CA THR B 139 -11.80 -14.60 34.03
C THR B 139 -12.69 -13.64 34.80
N ARG B 140 -12.91 -13.95 36.07
CA ARG B 140 -13.75 -13.14 36.93
C ARG B 140 -13.00 -11.94 37.49
N GLU B 141 -11.74 -12.16 37.83
CA GLU B 141 -10.92 -11.16 38.51
C GLU B 141 -10.64 -9.92 37.67
N GLY B 142 -10.77 -10.04 36.35
CA GLY B 142 -10.39 -8.95 35.47
C GLY B 142 -10.36 -9.33 34.00
N ASN B 143 -9.53 -8.62 33.24
CA ASN B 143 -9.43 -8.85 31.81
C ASN B 143 -8.77 -10.19 31.50
N VAL B 144 -8.60 -10.48 30.22
CA VAL B 144 -8.03 -11.75 29.80
C VAL B 144 -6.51 -11.74 29.92
N ARG B 145 -6.00 -12.65 30.74
CA ARG B 145 -4.56 -12.80 30.90
C ARG B 145 -4.18 -14.22 30.50
N VAL B 146 -2.90 -14.43 30.21
CA VAL B 146 -2.46 -15.74 29.76
C VAL B 146 -2.87 -16.77 30.79
N SER B 147 -3.63 -17.76 30.37
CA SER B 147 -4.04 -18.83 31.27
C SER B 147 -2.93 -19.85 31.35
N ARG B 148 -2.65 -20.52 30.23
CA ARG B 148 -1.54 -21.46 30.20
C ARG B 148 -0.81 -21.45 28.86
N GLU B 149 0.51 -21.31 28.89
CA GLU B 149 1.28 -21.36 27.66
C GLU B 149 2.07 -22.66 27.55
N LEU B 150 1.83 -23.37 26.45
CA LEU B 150 2.43 -24.69 26.24
C LEU B 150 3.57 -24.60 25.24
N ALA B 151 4.80 -24.83 25.69
CA ALA B 151 5.90 -24.97 24.75
C ALA B 151 6.52 -26.36 24.83
N GLY B 152 6.21 -27.19 23.84
CA GLY B 152 7.01 -28.39 23.58
C GLY B 152 7.68 -28.33 22.22
N HIS B 153 7.51 -27.21 21.54
CA HIS B 153 7.80 -27.17 20.10
C HIS B 153 9.17 -26.62 19.75
N THR B 154 9.82 -27.29 18.81
CA THR B 154 11.14 -26.90 18.35
C THR B 154 11.03 -25.97 17.15
N GLY B 155 9.80 -25.65 16.76
CA GLY B 155 9.55 -24.80 15.61
C GLY B 155 8.30 -23.97 15.79
N TYR B 156 8.07 -23.05 14.86
CA TYR B 156 6.93 -22.13 14.97
C TYR B 156 5.61 -22.87 14.96
N LEU B 157 4.60 -22.28 15.57
CA LEU B 157 3.28 -22.90 15.63
C LEU B 157 2.42 -22.40 14.48
N SER B 158 2.16 -23.29 13.52
CA SER B 158 1.43 -22.94 12.31
C SER B 158 -0.07 -22.92 12.46
N CYS B 159 -0.59 -23.85 13.26
CA CYS B 159 -2.03 -24.05 13.38
C CYS B 159 -2.38 -24.77 14.68
N CYS B 160 -3.65 -24.73 15.06
CA CYS B 160 -4.12 -25.46 16.23
C CYS B 160 -5.63 -25.34 16.41
N ARG B 161 -6.19 -26.28 17.17
CA ARG B 161 -7.63 -26.36 17.37
C ARG B 161 -7.97 -26.98 18.72
N PHE B 162 -9.09 -26.53 19.30
CA PHE B 162 -9.57 -27.09 20.55
C PHE B 162 -10.43 -28.32 20.32
N LEU B 163 -10.10 -29.42 20.99
CA LEU B 163 -10.99 -30.56 21.04
C LEU B 163 -12.08 -30.22 22.05
N ASP B 164 -11.67 -29.60 23.15
CA ASP B 164 -12.55 -29.17 24.23
C ASP B 164 -11.79 -28.15 25.05
N ASP B 165 -12.30 -27.79 26.22
CA ASP B 165 -11.65 -26.76 27.02
C ASP B 165 -10.45 -27.31 27.78
N ASN B 166 -10.19 -28.61 27.62
CA ASN B 166 -9.08 -29.26 28.32
C ASN B 166 -7.86 -29.53 27.44
N GLN B 167 -8.02 -30.36 26.42
CA GLN B 167 -6.92 -30.76 25.55
C GLN B 167 -6.98 -30.04 24.20
N ILE B 168 -5.82 -29.72 23.64
CA ILE B 168 -5.77 -28.94 22.40
C ILE B 168 -4.70 -29.41 21.42
N VAL B 169 -5.08 -29.58 20.16
CA VAL B 169 -4.15 -30.03 19.12
C VAL B 169 -3.50 -28.85 18.38
N THR B 170 -2.20 -28.98 18.10
CA THR B 170 -1.44 -27.95 17.39
C THR B 170 -0.56 -28.56 16.27
N SER B 171 -0.27 -27.76 15.25
CA SER B 171 0.69 -28.15 14.22
C SER B 171 1.82 -27.12 14.16
N SER B 172 3.01 -27.54 13.73
CA SER B 172 4.18 -26.68 13.85
C SER B 172 5.24 -26.89 12.77
N GLY B 173 6.07 -25.87 12.57
CA GLY B 173 7.17 -25.95 11.62
C GLY B 173 8.21 -26.92 12.11
N ASP B 174 7.95 -27.50 13.29
CA ASP B 174 8.84 -28.49 13.86
C ASP B 174 8.72 -29.82 13.12
N THR B 175 7.80 -29.87 12.18
CA THR B 175 7.55 -31.06 11.35
C THR B 175 6.53 -32.02 11.97
N THR B 176 6.13 -31.74 13.21
CA THR B 176 5.22 -32.62 13.91
C THR B 176 3.97 -31.90 14.39
N CYS B 177 2.92 -32.67 14.64
CA CYS B 177 1.68 -32.17 15.24
C CYS B 177 1.62 -32.75 16.64
N ALA B 178 0.94 -32.07 17.56
CA ALA B 178 0.85 -32.58 18.92
C ALA B 178 -0.50 -32.30 19.58
N LEU B 179 -1.00 -33.29 20.31
CA LEU B 179 -2.18 -33.08 21.13
C LEU B 179 -1.76 -32.87 22.58
N TRP B 180 -2.13 -31.70 23.12
CA TRP B 180 -1.78 -31.33 24.49
C TRP B 180 -2.94 -31.46 25.46
N ASP B 181 -2.63 -31.25 26.73
CA ASP B 181 -3.61 -31.16 27.79
C ASP B 181 -3.32 -29.86 28.53
N ILE B 182 -4.21 -28.89 28.39
CA ILE B 182 -3.96 -27.54 28.88
C ILE B 182 -3.68 -27.51 30.37
N GLU B 183 -4.52 -28.20 31.14
CA GLU B 183 -4.40 -28.21 32.60
C GLU B 183 -3.04 -28.77 33.06
N THR B 184 -2.66 -29.93 32.53
CA THR B 184 -1.40 -30.55 32.86
C THR B 184 -0.24 -29.76 32.26
N GLY B 185 -0.51 -29.12 31.12
CA GLY B 185 0.48 -28.28 30.46
C GLY B 185 1.48 -29.04 29.63
N GLN B 186 1.30 -30.36 29.54
CA GLN B 186 2.21 -31.20 28.77
C GLN B 186 1.51 -31.80 27.54
N GLN B 187 2.26 -32.57 26.76
CA GLN B 187 1.73 -33.19 25.55
C GLN B 187 1.16 -34.57 25.84
N THR B 188 -0.13 -34.75 25.54
CA THR B 188 -0.76 -36.06 25.70
C THR B 188 -0.27 -37.02 24.63
N THR B 189 -0.11 -36.53 23.41
CA THR B 189 0.38 -37.38 22.32
C THR B 189 1.08 -36.60 21.21
N THR B 190 1.97 -37.28 20.49
CA THR B 190 2.75 -36.64 19.42
C THR B 190 2.67 -37.35 18.07
N PHE B 191 2.29 -36.61 17.05
CA PHE B 191 2.18 -37.10 15.67
C PHE B 191 3.39 -36.67 14.83
N THR B 192 4.05 -37.66 14.24
CA THR B 192 5.28 -37.42 13.50
C THR B 192 5.27 -38.13 12.15
N GLY B 193 6.24 -37.82 11.30
CA GLY B 193 6.31 -38.43 9.99
C GLY B 193 6.08 -37.53 8.80
N HIS B 194 5.70 -36.28 9.05
CA HIS B 194 5.71 -35.28 7.97
C HIS B 194 7.15 -34.99 7.55
N THR B 195 7.35 -34.72 6.27
CA THR B 195 8.70 -34.46 5.76
C THR B 195 9.02 -32.97 5.67
N GLY B 196 8.10 -32.14 6.14
CA GLY B 196 8.29 -30.71 6.11
C GLY B 196 7.50 -29.99 7.18
N ASP B 197 7.54 -28.67 7.16
CA ASP B 197 6.75 -27.87 8.10
C ASP B 197 5.28 -28.22 7.91
N VAL B 198 4.57 -28.39 9.02
CA VAL B 198 3.14 -28.67 8.93
C VAL B 198 2.39 -27.36 9.00
N MET B 199 1.81 -26.95 7.88
CA MET B 199 1.25 -25.61 7.73
C MET B 199 -0.16 -25.43 8.31
N SER B 200 -0.96 -26.49 8.28
CA SER B 200 -2.34 -26.40 8.73
C SER B 200 -2.90 -27.76 9.13
N LEU B 201 -3.99 -27.73 9.89
CA LEU B 201 -4.68 -28.95 10.28
C LEU B 201 -6.18 -28.73 10.32
N SER B 202 -6.94 -29.82 10.27
CA SER B 202 -8.40 -29.74 10.36
C SER B 202 -8.91 -30.91 11.19
N LEU B 203 -9.76 -30.63 12.17
CA LEU B 203 -10.30 -31.70 13.01
C LEU B 203 -11.49 -32.38 12.38
N ALA B 204 -11.97 -33.43 13.03
CA ALA B 204 -13.18 -34.12 12.59
C ALA B 204 -14.37 -33.50 13.31
N PRO B 205 -15.57 -33.61 12.72
CA PRO B 205 -16.77 -33.19 13.43
C PRO B 205 -16.88 -33.89 14.79
N ASP B 206 -16.43 -35.13 14.86
CA ASP B 206 -16.47 -35.91 16.09
C ASP B 206 -15.14 -35.88 16.85
N THR B 207 -14.16 -35.16 16.31
CA THR B 207 -12.82 -35.08 16.89
C THR B 207 -12.21 -36.46 17.14
N ARG B 208 -12.56 -37.42 16.29
CA ARG B 208 -11.99 -38.77 16.38
C ARG B 208 -10.60 -38.77 15.77
N LEU B 209 -10.42 -38.00 14.71
CA LEU B 209 -9.17 -37.95 13.97
C LEU B 209 -9.06 -36.61 13.24
N PHE B 210 -7.86 -36.27 12.75
CA PHE B 210 -7.69 -34.98 12.07
C PHE B 210 -6.63 -34.99 10.99
N VAL B 211 -6.84 -34.26 9.91
CA VAL B 211 -5.85 -34.18 8.85
C VAL B 211 -4.91 -33.00 9.05
N SER B 212 -3.86 -32.93 8.24
CA SER B 212 -2.96 -31.80 8.24
C SER B 212 -2.26 -31.66 6.89
N GLY B 213 -2.07 -30.42 6.44
CA GLY B 213 -1.23 -30.15 5.29
C GLY B 213 0.17 -29.76 5.74
N ALA B 214 1.15 -30.00 4.88
CA ALA B 214 2.54 -29.68 5.23
C ALA B 214 3.35 -29.26 4.02
N CYS B 215 4.64 -29.04 4.23
CA CYS B 215 5.50 -28.54 3.18
C CYS B 215 6.13 -29.67 2.37
N ASP B 216 5.74 -30.89 2.69
CA ASP B 216 6.15 -32.06 1.91
C ASP B 216 5.17 -32.33 0.78
N ALA B 217 4.23 -31.41 0.60
CA ALA B 217 3.26 -31.49 -0.49
C ALA B 217 2.35 -32.70 -0.32
N SER B 218 2.11 -33.07 0.94
CA SER B 218 1.26 -34.20 1.24
C SER B 218 0.47 -33.92 2.50
N ALA B 219 -0.79 -34.36 2.53
CA ALA B 219 -1.62 -34.19 3.71
C ALA B 219 -1.78 -35.53 4.41
N LYS B 220 -1.66 -35.53 5.73
CA LYS B 220 -1.75 -36.76 6.49
C LYS B 220 -3.00 -36.79 7.37
N LEU B 221 -3.57 -37.98 7.55
CA LEU B 221 -4.75 -38.16 8.39
C LEU B 221 -4.37 -38.92 9.64
N TRP B 222 -4.53 -38.29 10.80
CA TRP B 222 -4.09 -38.91 12.03
C TRP B 222 -5.27 -39.28 12.91
N ASP B 223 -4.96 -39.99 13.99
CA ASP B 223 -5.94 -40.43 14.96
C ASP B 223 -5.54 -39.89 16.33
N VAL B 224 -6.46 -39.23 17.00
CA VAL B 224 -6.17 -38.59 18.28
C VAL B 224 -5.84 -39.59 19.38
N ARG B 225 -6.52 -40.72 19.40
CA ARG B 225 -6.23 -41.71 20.43
C ARG B 225 -4.95 -42.51 20.16
N GLU B 226 -4.86 -43.06 18.94
CA GLU B 226 -3.75 -43.93 18.59
C GLU B 226 -2.44 -43.15 18.52
N GLY B 227 -2.50 -41.98 17.90
CA GLY B 227 -1.34 -41.14 17.72
C GLY B 227 -0.53 -41.52 16.50
N MET B 228 -1.13 -42.30 15.60
CA MET B 228 -0.45 -42.69 14.38
C MET B 228 -1.17 -42.24 13.11
N CYS B 229 -0.42 -42.08 12.03
CA CYS B 229 -0.96 -41.66 10.74
C CYS B 229 -1.60 -42.84 10.02
N ARG B 230 -2.91 -42.73 9.76
CA ARG B 230 -3.64 -43.80 9.10
C ARG B 230 -3.48 -43.78 7.58
N GLN B 231 -3.51 -42.58 7.01
CA GLN B 231 -3.43 -42.44 5.55
C GLN B 231 -2.66 -41.19 5.14
N THR B 232 -1.92 -41.31 4.04
CA THR B 232 -1.19 -40.18 3.49
C THR B 232 -1.68 -39.90 2.08
N PHE B 233 -2.17 -38.70 1.85
CA PHE B 233 -2.68 -38.29 0.55
C PHE B 233 -1.70 -37.35 -0.14
N THR B 234 -1.26 -37.71 -1.34
CA THR B 234 -0.44 -36.76 -2.10
C THR B 234 -1.00 -36.56 -3.50
N GLY B 235 -1.60 -35.40 -3.74
CA GLY B 235 -1.83 -34.94 -5.09
C GLY B 235 -1.00 -33.74 -5.50
N HIS B 236 -0.44 -33.05 -4.51
CA HIS B 236 0.09 -31.71 -4.72
C HIS B 236 1.51 -31.66 -5.24
N GLU B 237 1.79 -30.63 -6.05
CA GLU B 237 3.13 -30.37 -6.53
C GLU B 237 4.01 -29.64 -5.51
N SER B 238 3.41 -28.72 -4.76
CA SER B 238 4.16 -27.93 -3.78
C SER B 238 3.55 -27.95 -2.38
N ASP B 239 4.11 -27.15 -1.48
CA ASP B 239 3.70 -27.15 -0.08
C ASP B 239 2.20 -26.91 0.08
N ILE B 240 1.59 -27.61 1.03
CA ILE B 240 0.17 -27.43 1.29
C ILE B 240 -0.03 -26.38 2.37
N ASN B 241 -0.59 -25.24 1.99
CA ASN B 241 -0.71 -24.12 2.92
C ASN B 241 -1.84 -24.28 3.92
N ALA B 242 -2.97 -24.78 3.45
CA ALA B 242 -4.15 -24.91 4.31
C ALA B 242 -4.94 -26.16 4.00
N ILE B 243 -5.68 -26.64 5.00
CA ILE B 243 -6.48 -27.85 4.83
C ILE B 243 -7.78 -27.76 5.63
N CYS B 244 -8.87 -28.21 5.02
CA CYS B 244 -10.19 -28.15 5.65
C CYS B 244 -11.00 -29.42 5.41
N PHE B 245 -11.74 -29.84 6.43
CA PHE B 245 -12.58 -31.03 6.32
C PHE B 245 -13.90 -30.76 5.62
N PHE B 246 -14.42 -31.80 4.97
CA PHE B 246 -15.73 -31.75 4.34
C PHE B 246 -16.77 -32.02 5.42
N PRO B 247 -17.92 -31.32 5.36
CA PRO B 247 -18.91 -31.34 6.44
C PRO B 247 -19.24 -32.73 6.97
N ASN B 248 -19.37 -33.71 6.09
CA ASN B 248 -19.74 -35.07 6.51
C ASN B 248 -18.58 -35.81 7.15
N GLY B 249 -17.36 -35.37 6.86
CA GLY B 249 -16.17 -35.93 7.49
C GLY B 249 -15.41 -36.92 6.64
N ASN B 250 -15.99 -37.31 5.50
CA ASN B 250 -15.40 -38.34 4.65
C ASN B 250 -14.38 -37.82 3.63
N ALA B 251 -14.29 -36.50 3.49
CA ALA B 251 -13.31 -35.90 2.57
C ALA B 251 -12.73 -34.61 3.15
N PHE B 252 -11.79 -34.01 2.42
CA PHE B 252 -11.21 -32.73 2.81
C PHE B 252 -10.59 -31.99 1.63
N ALA B 253 -10.40 -30.68 1.79
CA ALA B 253 -9.86 -29.84 0.74
C ALA B 253 -8.52 -29.25 1.18
N THR B 254 -7.63 -29.03 0.22
CA THR B 254 -6.32 -28.47 0.51
C THR B 254 -5.93 -27.38 -0.47
N GLY B 255 -5.46 -26.25 0.04
CA GLY B 255 -4.82 -25.25 -0.80
C GLY B 255 -3.31 -25.47 -0.82
N SER B 256 -2.65 -25.09 -1.91
CA SER B 256 -1.21 -25.27 -2.00
C SER B 256 -0.52 -24.17 -2.81
N ASP B 257 0.81 -24.22 -2.85
CA ASP B 257 1.59 -23.23 -3.57
C ASP B 257 1.60 -23.54 -5.07
N ASP B 258 1.18 -24.76 -5.41
CA ASP B 258 0.98 -25.16 -6.79
C ASP B 258 -0.19 -24.37 -7.39
N ALA B 259 -0.84 -23.57 -6.55
CA ALA B 259 -1.94 -22.70 -6.96
C ALA B 259 -3.18 -23.48 -7.38
N THR B 260 -3.38 -24.63 -6.73
CA THR B 260 -4.56 -25.46 -6.99
C THR B 260 -5.07 -26.04 -5.68
N CYS B 261 -6.38 -26.05 -5.51
CA CYS B 261 -7.00 -26.71 -4.36
C CYS B 261 -7.33 -28.14 -4.76
N ARG B 262 -7.21 -29.07 -3.83
CA ARG B 262 -7.53 -30.46 -4.15
C ARG B 262 -8.49 -31.10 -3.13
N LEU B 263 -9.36 -31.95 -3.63
CA LEU B 263 -10.29 -32.66 -2.79
C LEU B 263 -9.83 -34.11 -2.64
N PHE B 264 -9.74 -34.57 -1.40
CA PHE B 264 -9.35 -35.94 -1.13
C PHE B 264 -10.46 -36.66 -0.37
N ASP B 265 -10.79 -37.87 -0.80
CA ASP B 265 -11.74 -38.68 -0.07
C ASP B 265 -11.00 -39.70 0.78
N LEU B 266 -11.42 -39.87 2.02
CA LEU B 266 -10.76 -40.77 2.95
C LEU B 266 -11.02 -42.23 2.59
N ARG B 267 -12.28 -42.58 2.37
CA ARG B 267 -12.66 -43.96 2.07
C ARG B 267 -12.11 -44.42 0.72
N ALA B 268 -11.98 -43.49 -0.21
CA ALA B 268 -11.40 -43.80 -1.52
C ALA B 268 -9.88 -43.65 -1.50
N ASP B 269 -9.36 -43.02 -0.44
CA ASP B 269 -7.92 -42.89 -0.24
C ASP B 269 -7.19 -42.25 -1.43
N GLN B 270 -7.82 -41.28 -2.07
CA GLN B 270 -7.20 -40.58 -3.20
C GLN B 270 -7.84 -39.22 -3.51
N GLU B 271 -7.15 -38.39 -4.27
CA GLU B 271 -7.71 -37.11 -4.71
C GLU B 271 -8.80 -37.32 -5.74
N LEU B 272 -10.00 -36.81 -5.43
CA LEU B 272 -11.12 -36.91 -6.34
C LEU B 272 -11.09 -35.84 -7.43
N MET B 273 -10.70 -34.63 -7.05
CA MET B 273 -10.82 -33.50 -7.96
C MET B 273 -9.83 -32.37 -7.68
N THR B 274 -9.55 -31.59 -8.73
CA THR B 274 -8.67 -30.43 -8.62
C THR B 274 -9.39 -29.15 -9.05
N TYR B 275 -9.26 -28.11 -8.23
CA TYR B 275 -9.80 -26.80 -8.55
C TYR B 275 -8.65 -25.87 -8.88
N SER B 276 -8.54 -25.48 -10.14
CA SER B 276 -7.48 -24.60 -10.59
C SER B 276 -7.95 -23.70 -11.72
N HIS B 277 -7.05 -22.84 -12.19
CA HIS B 277 -7.35 -21.95 -13.30
C HIS B 277 -6.05 -21.59 -14.02
N ASP B 278 -6.13 -21.42 -15.34
CA ASP B 278 -4.95 -21.09 -16.12
C ASP B 278 -4.45 -19.69 -15.82
N ASN B 279 -5.31 -18.88 -15.20
CA ASN B 279 -4.97 -17.51 -14.84
C ASN B 279 -4.51 -17.35 -13.40
N ILE B 280 -4.45 -18.44 -12.65
CA ILE B 280 -3.97 -18.37 -11.27
C ILE B 280 -2.66 -19.13 -11.08
N ILE B 281 -1.56 -18.38 -10.93
CA ILE B 281 -0.25 -18.95 -10.64
C ILE B 281 0.15 -18.85 -9.16
N CYS B 282 -0.69 -18.21 -8.35
CA CYS B 282 -0.36 -17.96 -6.95
C CYS B 282 -0.97 -19.00 -6.02
N GLY B 283 -0.23 -19.35 -4.97
CA GLY B 283 -0.68 -20.36 -4.02
C GLY B 283 -1.92 -19.98 -3.24
N ILE B 284 -2.56 -20.98 -2.66
CA ILE B 284 -3.74 -20.77 -1.84
C ILE B 284 -3.37 -20.72 -0.36
N THR B 285 -3.66 -19.60 0.28
CA THR B 285 -3.31 -19.41 1.68
C THR B 285 -4.27 -20.13 2.64
N SER B 286 -5.55 -20.15 2.29
CA SER B 286 -6.56 -20.73 3.17
C SER B 286 -7.76 -21.28 2.39
N VAL B 287 -8.47 -22.23 3.01
CA VAL B 287 -9.65 -22.83 2.38
C VAL B 287 -10.70 -23.20 3.41
N SER B 288 -11.91 -23.45 2.92
CA SER B 288 -13.02 -23.89 3.76
C SER B 288 -14.25 -24.14 2.90
N PHE B 289 -15.19 -24.91 3.44
CA PHE B 289 -16.42 -25.25 2.72
C PHE B 289 -17.60 -24.45 3.25
N SER B 290 -18.75 -24.66 2.62
CA SER B 290 -19.99 -24.06 3.10
C SER B 290 -20.81 -25.09 3.86
N LYS B 291 -21.95 -24.67 4.40
CA LYS B 291 -22.73 -25.54 5.26
C LYS B 291 -22.95 -26.89 4.59
N SER B 292 -23.44 -26.87 3.36
CA SER B 292 -23.74 -28.09 2.62
C SER B 292 -22.46 -28.77 2.13
N GLY B 293 -21.43 -27.98 1.86
CA GLY B 293 -20.19 -28.50 1.33
C GLY B 293 -20.15 -28.45 -0.19
N ARG B 294 -21.12 -27.75 -0.76
CA ARG B 294 -21.19 -27.62 -2.21
C ARG B 294 -20.17 -26.60 -2.70
N LEU B 295 -19.93 -25.57 -1.89
CA LEU B 295 -18.97 -24.53 -2.24
C LEU B 295 -17.64 -24.74 -1.55
N LEU B 296 -16.54 -24.54 -2.27
CA LEU B 296 -15.21 -24.59 -1.67
C LEU B 296 -14.50 -23.26 -1.80
N LEU B 297 -14.31 -22.57 -0.68
CA LEU B 297 -13.73 -21.24 -0.68
C LEU B 297 -12.22 -21.27 -0.43
N ALA B 298 -11.47 -20.51 -1.20
CA ALA B 298 -10.02 -20.46 -1.04
C ALA B 298 -9.49 -19.04 -1.22
N GLY B 299 -8.69 -18.58 -0.26
CA GLY B 299 -7.98 -17.32 -0.40
C GLY B 299 -6.68 -17.51 -1.15
N TYR B 300 -6.29 -16.51 -1.94
CA TYR B 300 -5.07 -16.62 -2.75
C TYR B 300 -4.12 -15.46 -2.46
N ASP B 301 -2.85 -15.63 -2.82
CA ASP B 301 -1.88 -14.56 -2.68
C ASP B 301 -2.25 -13.37 -3.55
N ASP B 302 -3.15 -13.59 -4.50
CA ASP B 302 -3.54 -12.56 -5.47
C ASP B 302 -4.39 -11.45 -4.86
N PHE B 303 -4.75 -11.62 -3.58
CA PHE B 303 -5.57 -10.68 -2.83
C PHE B 303 -7.07 -10.94 -3.02
N ASN B 304 -7.42 -11.80 -3.96
CA ASN B 304 -8.81 -12.14 -4.21
C ASN B 304 -9.20 -13.36 -3.40
N CYS B 305 -10.47 -13.73 -3.44
CA CYS B 305 -10.86 -15.00 -2.81
C CYS B 305 -11.78 -15.82 -3.72
N ASN B 306 -11.31 -16.96 -4.20
CA ASN B 306 -12.10 -17.75 -5.14
C ASN B 306 -13.09 -18.70 -4.48
N VAL B 307 -14.33 -18.63 -4.95
CA VAL B 307 -15.41 -19.50 -4.51
C VAL B 307 -15.67 -20.54 -5.58
N TRP B 308 -15.32 -21.80 -5.27
CA TRP B 308 -15.44 -22.89 -6.22
C TRP B 308 -16.68 -23.75 -5.97
N ASP B 309 -16.90 -24.70 -6.89
CA ASP B 309 -17.99 -25.66 -6.77
C ASP B 309 -17.38 -27.01 -6.43
N ALA B 310 -17.59 -27.44 -5.19
CA ALA B 310 -16.90 -28.62 -4.66
C ALA B 310 -17.22 -29.88 -5.46
N LEU B 311 -18.24 -29.77 -6.32
CA LEU B 311 -18.66 -30.90 -7.15
C LEU B 311 -18.23 -30.74 -8.60
N LYS B 312 -18.72 -29.69 -9.26
CA LYS B 312 -18.48 -29.50 -10.68
C LYS B 312 -17.06 -29.03 -11.04
N ALA B 313 -16.34 -28.47 -10.06
CA ALA B 313 -14.96 -28.03 -10.27
C ALA B 313 -14.82 -26.63 -10.84
N ASP B 314 -15.95 -25.99 -11.13
CA ASP B 314 -15.93 -24.64 -11.70
C ASP B 314 -16.00 -23.60 -10.59
N ARG B 315 -15.31 -22.47 -10.78
CA ARG B 315 -15.39 -21.39 -9.81
C ARG B 315 -16.78 -20.76 -9.87
N ALA B 316 -17.47 -20.77 -8.74
CA ALA B 316 -18.82 -20.22 -8.68
C ALA B 316 -18.76 -18.70 -8.69
N GLY B 317 -17.81 -18.14 -7.95
CA GLY B 317 -17.68 -16.70 -7.87
C GLY B 317 -16.34 -16.30 -7.27
N VAL B 318 -16.20 -15.01 -6.98
CA VAL B 318 -14.98 -14.50 -6.36
C VAL B 318 -15.29 -13.38 -5.39
N LEU B 319 -14.34 -13.10 -4.51
CA LEU B 319 -14.46 -12.01 -3.56
C LEU B 319 -13.39 -10.98 -3.89
N ALA B 320 -13.86 -9.79 -4.27
CA ALA B 320 -13.03 -8.62 -4.51
C ALA B 320 -12.61 -8.33 -3.09
N GLY B 321 -11.83 -7.29 -2.82
CA GLY B 321 -11.35 -7.22 -1.45
C GLY B 321 -10.05 -6.54 -1.12
N HIS B 322 -9.44 -7.07 -0.07
CA HIS B 322 -8.22 -6.57 0.53
C HIS B 322 -7.16 -6.29 -0.53
N ASP B 323 -6.41 -5.20 -0.33
CA ASP B 323 -5.38 -4.78 -1.26
C ASP B 323 -4.07 -5.54 -1.04
N ASN B 324 -4.06 -6.42 -0.05
CA ASN B 324 -2.92 -7.29 0.18
C ASN B 324 -3.37 -8.75 0.22
N ARG B 325 -2.44 -9.67 0.41
CA ARG B 325 -2.77 -11.08 0.35
C ARG B 325 -3.72 -11.46 1.48
N VAL B 326 -4.72 -12.29 1.16
CA VAL B 326 -5.65 -12.78 2.16
C VAL B 326 -4.97 -13.90 2.95
N SER B 327 -4.83 -13.67 4.25
CA SER B 327 -4.14 -14.62 5.11
C SER B 327 -5.04 -15.76 5.54
N CYS B 328 -6.29 -15.44 5.89
CA CYS B 328 -7.17 -16.41 6.52
C CYS B 328 -8.60 -16.35 6.02
N LEU B 329 -9.31 -17.46 6.18
CA LEU B 329 -10.67 -17.59 5.70
C LEU B 329 -11.44 -18.56 6.58
N GLY B 330 -12.71 -18.25 6.83
CA GLY B 330 -13.55 -19.12 7.63
C GLY B 330 -15.02 -18.96 7.30
N VAL B 331 -15.79 -19.99 7.60
CA VAL B 331 -17.24 -19.93 7.42
C VAL B 331 -17.92 -20.27 8.74
N THR B 332 -18.88 -19.45 9.13
CA THR B 332 -19.58 -19.62 10.39
C THR B 332 -20.14 -21.02 10.49
N ASP B 333 -20.20 -21.54 11.71
CA ASP B 333 -20.71 -22.89 11.97
C ASP B 333 -22.13 -23.08 11.44
N ASP B 334 -22.89 -21.99 11.43
CA ASP B 334 -24.25 -22.01 10.90
C ASP B 334 -24.26 -21.65 9.41
N GLY B 335 -23.07 -21.51 8.83
CA GLY B 335 -22.92 -21.29 7.41
C GLY B 335 -23.65 -20.06 6.93
N MET B 336 -23.94 -19.15 7.85
CA MET B 336 -24.65 -17.92 7.51
C MET B 336 -23.72 -16.83 6.98
N ALA B 337 -22.42 -16.97 7.23
CA ALA B 337 -21.47 -15.92 6.84
C ALA B 337 -20.06 -16.42 6.58
N VAL B 338 -19.29 -15.63 5.82
CA VAL B 338 -17.90 -15.91 5.55
C VAL B 338 -17.04 -14.76 6.09
N ALA B 339 -15.82 -15.09 6.52
CA ALA B 339 -14.89 -14.08 7.00
C ALA B 339 -13.50 -14.32 6.42
N THR B 340 -12.84 -13.24 6.01
CA THR B 340 -11.51 -13.33 5.44
C THR B 340 -10.58 -12.27 6.03
N GLY B 341 -9.50 -12.72 6.64
CA GLY B 341 -8.44 -11.82 7.07
C GLY B 341 -7.34 -11.72 6.03
N SER B 342 -6.65 -10.58 6.02
CA SER B 342 -5.62 -10.33 5.03
C SER B 342 -4.39 -9.66 5.66
N TRP B 343 -3.41 -9.32 4.84
CA TRP B 343 -2.21 -8.66 5.32
C TRP B 343 -2.42 -7.16 5.44
N ASP B 344 -3.63 -6.70 5.13
CA ASP B 344 -3.96 -5.29 5.22
C ASP B 344 -4.58 -4.90 6.57
N SER B 345 -4.63 -5.86 7.50
CA SER B 345 -5.11 -5.63 8.86
C SER B 345 -6.63 -5.60 8.94
N PHE B 346 -7.29 -5.74 7.79
CA PHE B 346 -8.73 -5.71 7.73
C PHE B 346 -9.36 -7.10 7.64
N LEU B 347 -10.45 -7.29 8.37
CA LEU B 347 -11.26 -8.50 8.24
C LEU B 347 -12.51 -8.17 7.45
N LYS B 348 -12.86 -9.01 6.49
CA LYS B 348 -14.07 -8.80 5.70
C LYS B 348 -15.06 -9.94 5.91
N ILE B 349 -16.27 -9.60 6.34
CA ILE B 349 -17.32 -10.60 6.48
C ILE B 349 -18.29 -10.53 5.30
N TRP B 350 -18.58 -11.68 4.70
CA TRP B 350 -19.30 -11.73 3.44
C TRP B 350 -20.60 -12.53 3.54
N ASN B 351 -21.56 -12.20 2.68
CA ASN B 351 -22.84 -12.88 2.61
C ASN B 351 -23.41 -12.91 1.21
N ASN C 5 24.58 -43.75 7.95
CA ASN C 5 23.44 -44.46 7.37
C ASN C 5 22.65 -45.24 8.41
N THR C 6 23.30 -45.57 9.52
CA THR C 6 22.66 -46.34 10.59
C THR C 6 21.53 -45.55 11.25
N ALA C 7 21.66 -44.22 11.27
CA ALA C 7 20.60 -43.37 11.76
C ALA C 7 19.48 -43.31 10.72
N SER C 8 19.86 -43.61 9.47
CA SER C 8 18.93 -43.61 8.35
C SER C 8 18.09 -44.89 8.28
N ILE C 9 18.66 -46.00 8.71
CA ILE C 9 17.96 -47.29 8.64
C ILE C 9 16.75 -47.31 9.57
N ALA C 10 16.77 -46.48 10.60
CA ALA C 10 15.63 -46.36 11.50
C ALA C 10 14.50 -45.67 10.75
N GLN C 11 14.85 -44.67 9.93
CA GLN C 11 13.87 -43.93 9.16
C GLN C 11 13.30 -44.77 8.02
N ALA C 12 14.18 -45.52 7.35
CA ALA C 12 13.76 -46.39 6.25
C ALA C 12 12.89 -47.52 6.79
N ARG C 13 13.32 -48.12 7.90
CA ARG C 13 12.55 -49.17 8.55
C ARG C 13 11.17 -48.66 8.97
N LYS C 14 11.14 -47.59 9.75
CA LYS C 14 9.88 -47.04 10.25
C LYS C 14 8.94 -46.60 9.12
N LEU C 15 9.51 -46.01 8.07
CA LEU C 15 8.74 -45.58 6.92
C LEU C 15 8.17 -46.78 6.16
N VAL C 16 8.95 -47.85 6.07
CA VAL C 16 8.48 -49.08 5.45
C VAL C 16 7.35 -49.69 6.28
N GLU C 17 7.42 -49.47 7.59
CA GLU C 17 6.36 -49.94 8.48
C GLU C 17 5.11 -49.10 8.30
N GLN C 18 5.29 -47.82 7.99
CA GLN C 18 4.17 -46.92 7.76
C GLN C 18 3.45 -47.24 6.45
N LEU C 19 4.20 -47.28 5.36
CA LEU C 19 3.63 -47.68 4.07
C LEU C 19 3.06 -49.08 4.18
N LYS C 20 3.69 -49.89 5.02
CA LYS C 20 3.26 -51.26 5.23
C LYS C 20 1.87 -51.28 5.87
N MET C 21 1.67 -50.42 6.86
CA MET C 21 0.43 -50.40 7.62
C MET C 21 -0.71 -49.74 6.84
N GLU C 22 -0.41 -48.62 6.17
CA GLU C 22 -1.41 -47.88 5.43
C GLU C 22 -1.58 -48.42 4.02
N ALA C 23 -0.79 -49.45 3.68
CA ALA C 23 -0.92 -50.11 2.40
C ALA C 23 -2.13 -51.05 2.42
N ASN C 24 -2.37 -51.65 3.58
CA ASN C 24 -3.53 -52.51 3.75
C ASN C 24 -4.65 -51.79 4.48
N ILE C 25 -5.68 -51.43 3.72
CA ILE C 25 -6.84 -50.74 4.23
C ILE C 25 -8.01 -51.04 3.30
N ASP C 26 -9.22 -50.77 3.76
CA ASP C 26 -10.39 -50.99 2.93
C ASP C 26 -10.71 -49.72 2.15
N ARG C 27 -10.59 -49.81 0.83
CA ARG C 27 -10.89 -48.68 -0.05
C ARG C 27 -12.19 -48.93 -0.81
N ILE C 28 -12.96 -47.86 -1.00
CA ILE C 28 -14.22 -47.96 -1.74
C ILE C 28 -14.05 -47.31 -3.11
N LYS C 29 -14.78 -47.82 -4.10
CA LYS C 29 -14.70 -47.25 -5.44
C LYS C 29 -14.94 -45.75 -5.41
N VAL C 30 -14.13 -45.01 -6.15
CA VAL C 30 -14.26 -43.55 -6.23
C VAL C 30 -15.70 -43.15 -6.54
N SER C 31 -16.32 -43.86 -7.47
CA SER C 31 -17.70 -43.56 -7.85
C SER C 31 -18.63 -43.54 -6.64
N LYS C 32 -18.42 -44.47 -5.70
CA LYS C 32 -19.24 -44.52 -4.50
C LYS C 32 -18.96 -43.33 -3.60
N ALA C 33 -17.68 -43.04 -3.41
CA ALA C 33 -17.26 -41.92 -2.57
C ALA C 33 -17.90 -40.62 -3.07
N ALA C 34 -17.69 -40.34 -4.35
CA ALA C 34 -18.16 -39.13 -4.99
C ALA C 34 -19.68 -39.09 -5.02
N ALA C 35 -20.29 -40.24 -5.30
CA ALA C 35 -21.75 -40.33 -5.31
C ALA C 35 -22.31 -39.95 -3.94
N ASP C 36 -21.66 -40.43 -2.88
CA ASP C 36 -22.05 -40.13 -1.52
C ASP C 36 -21.89 -38.66 -1.18
N LEU C 37 -20.75 -38.08 -1.56
CA LEU C 37 -20.53 -36.64 -1.38
C LEU C 37 -21.63 -35.84 -2.06
N MET C 38 -21.87 -36.16 -3.32
CA MET C 38 -22.92 -35.53 -4.11
C MET C 38 -24.25 -35.65 -3.40
N ALA C 39 -24.49 -36.81 -2.79
CA ALA C 39 -25.73 -37.05 -2.07
C ALA C 39 -25.86 -36.13 -0.86
N TYR C 40 -24.78 -36.02 -0.09
CA TYR C 40 -24.75 -35.13 1.06
C TYR C 40 -25.03 -33.69 0.66
N CYS C 41 -24.37 -33.24 -0.41
CA CYS C 41 -24.56 -31.87 -0.88
C CYS C 41 -25.98 -31.62 -1.35
N GLU C 42 -26.47 -32.48 -2.25
CA GLU C 42 -27.83 -32.32 -2.76
C GLU C 42 -28.86 -32.47 -1.65
N ALA C 43 -28.44 -33.04 -0.53
CA ALA C 43 -29.31 -33.18 0.64
C ALA C 43 -29.36 -31.90 1.45
N HIS C 44 -28.22 -31.45 1.96
CA HIS C 44 -28.15 -30.29 2.85
C HIS C 44 -28.10 -28.96 2.11
N ALA C 45 -28.23 -29.00 0.80
CA ALA C 45 -28.17 -27.79 -0.02
C ALA C 45 -29.22 -26.74 0.40
N LYS C 46 -30.29 -27.18 1.04
CA LYS C 46 -31.33 -26.26 1.49
C LYS C 46 -30.90 -25.57 2.79
N GLU C 47 -29.93 -26.15 3.46
CA GLU C 47 -29.43 -25.65 4.74
C GLU C 47 -28.24 -24.71 4.59
N ASP C 48 -27.94 -24.32 3.35
CA ASP C 48 -26.70 -23.62 3.05
C ASP C 48 -26.92 -22.21 2.49
N PRO C 49 -26.97 -21.21 3.39
CA PRO C 49 -27.22 -19.80 3.06
C PRO C 49 -26.28 -19.26 1.99
N LEU C 50 -25.01 -19.62 2.07
CA LEU C 50 -24.01 -19.16 1.12
C LEU C 50 -24.34 -19.61 -0.29
N LEU C 51 -25.15 -20.67 -0.39
CA LEU C 51 -25.52 -21.22 -1.69
C LEU C 51 -26.63 -20.39 -2.32
N THR C 52 -27.61 -20.00 -1.50
CA THR C 52 -28.73 -19.19 -1.97
C THR C 52 -28.66 -17.80 -1.35
N PRO C 53 -28.51 -16.76 -2.19
CA PRO C 53 -28.37 -15.42 -1.64
C PRO C 53 -29.50 -15.10 -0.65
N VAL C 54 -29.13 -14.65 0.53
CA VAL C 54 -30.11 -14.36 1.58
C VAL C 54 -30.75 -13.01 1.33
N PRO C 55 -32.09 -12.97 1.34
CA PRO C 55 -32.80 -11.70 1.13
C PRO C 55 -32.44 -10.72 2.24
N ALA C 56 -32.01 -9.52 1.87
CA ALA C 56 -31.48 -8.57 2.85
C ALA C 56 -32.50 -8.34 3.95
N SER C 57 -33.77 -8.56 3.61
CA SER C 57 -34.84 -8.43 4.58
C SER C 57 -34.67 -9.41 5.73
N GLU C 58 -34.33 -10.65 5.41
CA GLU C 58 -34.17 -11.70 6.41
C GLU C 58 -32.71 -11.93 6.83
N ASN C 59 -31.79 -11.22 6.19
CA ASN C 59 -30.36 -11.38 6.45
C ASN C 59 -29.91 -10.73 7.76
N PRO C 60 -29.24 -11.49 8.63
CA PRO C 60 -28.77 -11.03 9.95
C PRO C 60 -27.65 -10.00 9.84
N PHE C 61 -26.94 -9.97 8.73
CA PHE C 61 -25.87 -8.99 8.51
C PHE C 61 -26.33 -7.79 7.69
N ARG C 62 -27.60 -7.80 7.29
CA ARG C 62 -28.14 -6.71 6.48
C ARG C 62 -29.27 -5.98 7.20
N ASN D 16 -19.09 53.68 -32.70
CA ASN D 16 -20.48 54.06 -32.83
C ASN D 16 -21.06 53.60 -34.17
N ILE D 17 -22.24 54.10 -34.52
CA ILE D 17 -22.92 53.71 -35.74
C ILE D 17 -22.09 54.01 -36.98
N PHE D 18 -21.20 54.99 -36.89
CA PHE D 18 -20.32 55.32 -38.01
C PHE D 18 -19.43 54.13 -38.34
N GLU D 19 -18.81 53.56 -37.30
CA GLU D 19 -17.97 52.38 -37.47
C GLU D 19 -18.82 51.19 -37.93
N MET D 20 -19.99 51.05 -37.31
CA MET D 20 -20.89 49.94 -37.58
C MET D 20 -21.28 49.88 -39.06
N LEU D 21 -21.85 50.96 -39.57
CA LEU D 21 -22.24 51.01 -40.98
C LEU D 21 -21.02 51.03 -41.89
N ARG D 22 -19.92 51.61 -41.42
CA ARG D 22 -18.71 51.67 -42.21
C ARG D 22 -18.22 50.26 -42.52
N ILE D 23 -18.39 49.36 -41.55
CA ILE D 23 -18.03 47.96 -41.74
C ILE D 23 -19.11 47.20 -42.51
N ASP D 24 -20.37 47.51 -42.22
CA ASP D 24 -21.50 46.81 -42.83
C ASP D 24 -21.75 47.25 -44.27
N GLU D 25 -21.25 48.44 -44.60
CA GLU D 25 -21.41 49.00 -45.94
C GLU D 25 -20.06 49.20 -46.61
N GLY D 26 -19.23 50.03 -45.99
CA GLY D 26 -17.96 50.43 -46.57
C GLY D 26 -18.03 51.88 -46.98
N LEU D 27 -16.89 52.46 -47.32
CA LEU D 27 -16.84 53.87 -47.67
C LEU D 27 -16.57 54.09 -49.15
N ARG D 28 -17.23 55.09 -49.73
CA ARG D 28 -16.99 55.47 -51.11
C ARG D 28 -16.90 56.98 -51.26
N LEU D 29 -15.73 57.46 -51.67
CA LEU D 29 -15.53 58.89 -51.90
C LEU D 29 -15.90 59.27 -53.33
N LYS D 30 -16.14 58.25 -54.15
CA LYS D 30 -16.57 58.46 -55.53
C LYS D 30 -17.80 57.61 -55.83
N ILE D 31 -18.70 58.14 -56.66
CA ILE D 31 -19.96 57.47 -56.98
C ILE D 31 -19.76 56.04 -57.47
N TYR D 32 -20.52 55.11 -56.89
CA TYR D 32 -20.44 53.71 -57.27
C TYR D 32 -21.84 53.12 -57.46
N LYS D 33 -21.90 51.81 -57.69
CA LYS D 33 -23.18 51.13 -57.90
C LYS D 33 -23.48 50.16 -56.76
N ASP D 34 -24.72 50.18 -56.28
CA ASP D 34 -25.15 49.28 -55.22
C ASP D 34 -25.68 47.97 -55.80
N THR D 35 -26.28 47.14 -54.95
CA THR D 35 -26.78 45.84 -55.36
C THR D 35 -27.90 45.93 -56.41
N GLU D 36 -28.66 47.02 -56.36
CA GLU D 36 -29.81 47.19 -57.24
C GLU D 36 -29.46 47.93 -58.54
N GLY D 37 -28.19 48.30 -58.68
CA GLY D 37 -27.72 48.97 -59.88
C GLY D 37 -27.96 50.47 -59.85
N TYR D 38 -28.57 50.94 -58.77
CA TYR D 38 -28.83 52.37 -58.59
C TYR D 38 -27.54 53.09 -58.25
N TYR D 39 -27.62 54.40 -58.06
CA TYR D 39 -26.41 55.19 -57.80
C TYR D 39 -26.23 55.54 -56.33
N THR D 40 -25.17 55.00 -55.74
CA THR D 40 -24.88 55.18 -54.32
C THR D 40 -23.50 55.80 -54.11
N ILE D 41 -23.32 56.48 -52.99
CA ILE D 41 -22.05 57.13 -52.67
C ILE D 41 -21.95 57.30 -51.16
N GLY D 42 -20.75 57.54 -50.65
CA GLY D 42 -20.53 57.67 -49.22
C GLY D 42 -20.83 56.36 -48.52
N ILE D 43 -21.56 56.43 -47.41
CA ILE D 43 -21.97 55.22 -46.71
C ILE D 43 -23.44 54.92 -46.96
N GLY D 44 -23.71 53.92 -47.79
CA GLY D 44 -25.07 53.46 -48.02
C GLY D 44 -25.96 54.48 -48.70
N HIS D 45 -25.44 55.67 -48.97
CA HIS D 45 -26.28 56.76 -49.43
C HIS D 45 -26.59 56.66 -50.91
N LEU D 46 -27.88 56.55 -51.22
CA LEU D 46 -28.33 56.44 -52.60
C LEU D 46 -28.76 57.80 -53.12
N LEU D 47 -28.02 58.33 -54.09
CA LEU D 47 -28.34 59.64 -54.67
C LEU D 47 -29.56 59.59 -55.57
N THR D 48 -29.58 58.63 -56.50
CA THR D 48 -30.73 58.45 -57.38
C THR D 48 -30.86 57.00 -57.83
N LYS D 49 -32.11 56.58 -58.07
CA LYS D 49 -32.38 55.26 -58.61
C LYS D 49 -32.51 55.34 -60.12
N SER D 50 -32.31 56.53 -60.66
CA SER D 50 -32.38 56.76 -62.10
C SER D 50 -31.20 56.10 -62.81
N PRO D 51 -31.48 55.47 -63.97
CA PRO D 51 -30.46 54.79 -64.76
C PRO D 51 -29.36 55.74 -65.25
N SER D 52 -29.69 57.02 -65.36
CA SER D 52 -28.75 58.02 -65.88
C SER D 52 -27.53 58.17 -64.96
N LEU D 53 -26.37 58.37 -65.58
CA LEU D 53 -25.12 58.52 -64.83
C LEU D 53 -25.03 59.91 -64.20
N ASN D 54 -25.46 60.92 -64.94
CA ASN D 54 -25.34 62.30 -64.50
C ASN D 54 -26.51 62.75 -63.65
N ALA D 55 -27.47 61.85 -63.43
CA ALA D 55 -28.64 62.16 -62.63
C ALA D 55 -28.31 62.13 -61.14
N ALA D 56 -27.42 61.23 -60.75
CA ALA D 56 -27.02 61.11 -59.35
C ALA D 56 -26.13 62.28 -58.95
N LYS D 57 -25.23 62.66 -59.84
CA LYS D 57 -24.31 63.76 -59.58
C LYS D 57 -25.04 65.03 -59.19
N SER D 58 -26.22 65.24 -59.78
CA SER D 58 -27.02 66.42 -59.48
C SER D 58 -27.45 66.43 -58.01
N GLU D 59 -28.04 65.34 -57.55
CA GLU D 59 -28.46 65.22 -56.16
C GLU D 59 -27.24 65.25 -55.23
N LEU D 60 -26.09 64.82 -55.76
CA LEU D 60 -24.85 64.88 -55.00
C LEU D 60 -24.46 66.34 -54.77
N ASP D 61 -24.65 67.16 -55.78
CA ASP D 61 -24.33 68.58 -55.71
C ASP D 61 -25.31 69.36 -54.87
N LYS D 62 -26.60 69.03 -54.98
CA LYS D 62 -27.62 69.69 -54.17
C LYS D 62 -27.50 69.26 -52.71
N ALA D 63 -27.00 68.05 -52.50
CA ALA D 63 -26.81 67.52 -51.16
C ALA D 63 -25.59 68.16 -50.49
N ILE D 64 -24.41 67.90 -51.06
CA ILE D 64 -23.18 68.42 -50.48
C ILE D 64 -23.03 69.93 -50.65
N GLY D 65 -23.58 70.49 -51.72
CA GLY D 65 -23.51 71.91 -51.96
C GLY D 65 -22.31 72.34 -52.78
N ARG D 66 -21.78 71.42 -53.58
CA ARG D 66 -20.58 71.68 -54.37
C ARG D 66 -20.76 71.23 -55.82
N ASN D 67 -19.79 71.59 -56.66
CA ASN D 67 -19.83 71.30 -58.10
C ASN D 67 -19.26 69.93 -58.42
N THR D 68 -19.04 69.12 -57.38
CA THR D 68 -18.27 67.89 -57.46
C THR D 68 -18.65 67.01 -58.65
N ASN D 69 -17.62 66.40 -59.23
CA ASN D 69 -17.74 65.59 -60.43
C ASN D 69 -18.13 64.16 -60.08
N GLY D 70 -18.48 63.96 -58.81
CA GLY D 70 -18.77 62.63 -58.31
C GLY D 70 -17.69 62.11 -57.40
N VAL D 71 -16.82 63.01 -56.95
CA VAL D 71 -15.85 62.70 -55.90
C VAL D 71 -16.06 63.64 -54.72
N ILE D 72 -16.30 63.07 -53.53
CA ILE D 72 -16.53 63.88 -52.34
C ILE D 72 -15.44 63.70 -51.28
N THR D 73 -15.28 64.71 -50.44
CA THR D 73 -14.28 64.70 -49.39
C THR D 73 -14.60 63.63 -48.35
N LYS D 74 -13.58 63.21 -47.61
CA LYS D 74 -13.74 62.19 -46.57
C LYS D 74 -14.78 62.59 -45.54
N ASP D 75 -14.76 63.86 -45.13
CA ASP D 75 -15.65 64.34 -44.08
C ASP D 75 -17.07 64.60 -44.59
N GLU D 76 -17.19 64.87 -45.88
CA GLU D 76 -18.50 65.14 -46.48
C GLU D 76 -19.35 63.86 -46.51
N ALA D 77 -18.70 62.72 -46.62
CA ALA D 77 -19.38 61.43 -46.53
C ALA D 77 -19.95 61.25 -45.13
N GLU D 78 -19.21 61.72 -44.13
CA GLU D 78 -19.67 61.62 -42.75
C GLU D 78 -20.80 62.61 -42.50
N LYS D 79 -20.77 63.73 -43.21
CA LYS D 79 -21.84 64.71 -43.16
C LYS D 79 -23.12 64.04 -43.67
N LEU D 80 -23.03 63.53 -44.89
CA LEU D 80 -24.14 62.77 -45.48
C LEU D 80 -24.60 61.67 -44.56
N PHE D 81 -23.67 61.08 -43.81
CA PHE D 81 -24.01 60.00 -42.89
C PHE D 81 -24.85 60.50 -41.72
N ASN D 82 -24.37 61.51 -41.00
CA ASN D 82 -25.15 62.10 -39.91
C ASN D 82 -26.52 62.52 -40.41
N GLN D 83 -26.57 62.92 -41.67
CA GLN D 83 -27.81 63.38 -42.28
C GLN D 83 -28.75 62.21 -42.48
N ASP D 84 -28.35 61.25 -43.30
CA ASP D 84 -29.14 60.05 -43.55
C ASP D 84 -29.58 59.34 -42.26
N VAL D 85 -28.73 59.37 -41.23
CA VAL D 85 -29.05 58.75 -39.95
C VAL D 85 -30.12 59.54 -39.22
N ASP D 86 -29.95 60.85 -39.16
CA ASP D 86 -30.97 61.71 -38.58
C ASP D 86 -32.31 61.41 -39.24
N ALA D 87 -32.31 61.43 -40.58
CA ALA D 87 -33.52 61.16 -41.36
C ALA D 87 -34.10 59.76 -41.06
N ALA D 88 -33.22 58.79 -40.86
CA ALA D 88 -33.66 57.43 -40.56
C ALA D 88 -34.40 57.41 -39.23
N VAL D 89 -33.80 58.02 -38.21
CA VAL D 89 -34.44 58.12 -36.91
C VAL D 89 -35.80 58.78 -37.06
N ARG D 90 -35.85 59.86 -37.84
CA ARG D 90 -37.11 60.54 -38.11
C ARG D 90 -38.15 59.58 -38.65
N GLY D 91 -37.79 58.86 -39.72
CA GLY D 91 -38.69 57.86 -40.28
C GLY D 91 -39.19 56.89 -39.23
N ILE D 92 -38.27 56.43 -38.38
CA ILE D 92 -38.61 55.50 -37.31
C ILE D 92 -39.63 56.11 -36.35
N LEU D 93 -39.54 57.42 -36.13
CA LEU D 93 -40.45 58.10 -35.22
C LEU D 93 -41.82 58.37 -35.83
N ARG D 94 -41.84 58.75 -37.10
CA ARG D 94 -43.10 59.01 -37.80
C ARG D 94 -43.84 57.70 -38.08
N ASN D 95 -43.09 56.61 -38.18
CA ASN D 95 -43.68 55.30 -38.39
C ASN D 95 -44.22 54.75 -37.08
N ALA D 96 -45.52 54.50 -37.03
CA ALA D 96 -46.17 54.10 -35.78
C ALA D 96 -45.79 52.68 -35.35
N LYS D 97 -45.33 51.89 -36.31
CA LYS D 97 -44.98 50.50 -36.03
C LYS D 97 -43.60 50.39 -35.36
N LEU D 98 -42.67 51.24 -35.79
CA LEU D 98 -41.33 51.23 -35.24
C LEU D 98 -41.13 52.19 -34.07
N LYS D 99 -42.10 53.06 -33.84
CA LYS D 99 -41.95 54.11 -32.83
C LYS D 99 -41.77 53.56 -31.41
N PRO D 100 -42.72 52.76 -30.92
CA PRO D 100 -42.57 52.24 -29.55
C PRO D 100 -41.32 51.40 -29.40
N VAL D 101 -41.07 50.53 -30.38
CA VAL D 101 -39.93 49.63 -30.35
C VAL D 101 -38.62 50.40 -30.23
N TYR D 102 -38.47 51.43 -31.06
CA TYR D 102 -37.30 52.29 -30.99
C TYR D 102 -37.23 53.00 -29.65
N ASP D 103 -38.38 53.42 -29.14
CA ASP D 103 -38.44 54.16 -27.88
C ASP D 103 -37.93 53.34 -26.70
N SER D 104 -38.31 52.07 -26.64
CA SER D 104 -37.95 51.22 -25.50
C SER D 104 -36.48 50.84 -25.44
N LEU D 105 -35.82 50.74 -26.59
CA LEU D 105 -34.46 50.20 -26.65
C LEU D 105 -33.35 51.17 -26.26
N ASP D 106 -32.23 50.60 -25.78
CA ASP D 106 -31.02 51.35 -25.45
C ASP D 106 -30.26 51.78 -26.69
N ALA D 107 -29.35 52.74 -26.53
CA ALA D 107 -28.56 53.25 -27.65
C ALA D 107 -27.97 52.15 -28.54
N VAL D 108 -27.10 51.32 -27.98
CA VAL D 108 -26.40 50.29 -28.76
C VAL D 108 -27.33 49.44 -29.64
N ARG D 109 -28.48 49.06 -29.11
CA ARG D 109 -29.46 48.29 -29.88
C ARG D 109 -30.14 49.18 -30.92
N ARG D 110 -30.38 50.44 -30.53
CA ARG D 110 -30.93 51.41 -31.45
C ARG D 110 -30.06 51.51 -32.69
N ALA D 111 -28.75 51.36 -32.51
CA ALA D 111 -27.82 51.38 -33.63
C ALA D 111 -28.14 50.25 -34.59
N ALA D 112 -28.48 49.09 -34.05
CA ALA D 112 -28.85 47.94 -34.87
C ALA D 112 -30.15 48.23 -35.60
N LEU D 113 -31.14 48.75 -34.89
CA LEU D 113 -32.41 49.11 -35.50
C LEU D 113 -32.19 50.05 -36.69
N ILE D 114 -31.40 51.09 -36.47
CA ILE D 114 -31.08 52.05 -37.52
C ILE D 114 -30.31 51.39 -38.65
N ASN D 115 -29.51 50.38 -38.32
CA ASN D 115 -28.78 49.63 -39.33
C ASN D 115 -29.74 48.87 -40.24
N MET D 116 -30.79 48.33 -39.64
CA MET D 116 -31.80 47.62 -40.41
C MET D 116 -32.57 48.61 -41.27
N VAL D 117 -32.98 49.72 -40.68
CA VAL D 117 -33.66 50.78 -41.42
C VAL D 117 -32.76 51.27 -42.55
N PHE D 118 -31.47 51.05 -42.38
CA PHE D 118 -30.48 51.42 -43.39
C PHE D 118 -30.49 50.42 -44.52
N GLN D 119 -30.44 49.14 -44.18
CA GLN D 119 -30.36 48.09 -45.18
C GLN D 119 -31.66 47.89 -45.95
N MET D 120 -32.74 47.58 -45.24
CA MET D 120 -34.04 47.33 -45.86
C MET D 120 -35.04 48.48 -45.82
N GLY D 121 -34.68 49.57 -45.15
CA GLY D 121 -35.60 50.69 -45.00
C GLY D 121 -36.58 50.52 -43.85
N GLU D 122 -37.17 51.63 -43.42
CA GLU D 122 -38.07 51.64 -42.28
C GLU D 122 -39.23 50.65 -42.44
N THR D 123 -39.76 50.56 -43.66
CA THR D 123 -40.88 49.65 -43.92
C THR D 123 -40.41 48.20 -43.85
N GLY D 124 -39.28 47.93 -44.50
CA GLY D 124 -38.68 46.61 -44.46
C GLY D 124 -38.46 46.15 -43.03
N VAL D 125 -38.14 47.09 -42.16
CA VAL D 125 -37.99 46.78 -40.74
C VAL D 125 -39.35 46.69 -40.05
N ALA D 126 -40.35 47.33 -40.65
CA ALA D 126 -41.70 47.33 -40.10
C ALA D 126 -42.39 45.99 -40.32
N GLY D 127 -41.94 45.26 -41.34
CA GLY D 127 -42.48 43.92 -41.59
C GLY D 127 -42.00 42.89 -40.58
N PHE D 128 -41.31 43.39 -39.55
CA PHE D 128 -40.67 42.57 -38.50
C PHE D 128 -41.48 42.36 -37.21
N THR D 129 -42.78 42.66 -37.27
CA THR D 129 -43.61 42.85 -36.08
C THR D 129 -43.37 41.89 -34.94
N ASN D 130 -43.15 40.61 -35.26
CA ASN D 130 -42.80 39.63 -34.22
C ASN D 130 -41.58 40.04 -33.42
N SER D 131 -40.42 39.98 -34.07
CA SER D 131 -39.17 40.35 -33.43
C SER D 131 -39.30 41.74 -32.82
N LEU D 132 -39.93 42.66 -33.54
CA LEU D 132 -40.15 44.02 -33.03
C LEU D 132 -40.87 44.01 -31.69
N ARG D 133 -41.79 43.05 -31.52
CA ARG D 133 -42.49 42.92 -30.25
C ARG D 133 -41.55 42.35 -29.21
N MET D 134 -40.72 41.40 -29.62
CA MET D 134 -39.79 40.79 -28.68
C MET D 134 -38.68 41.75 -28.25
N LEU D 135 -38.54 42.86 -28.95
CA LEU D 135 -37.60 43.90 -28.55
C LEU D 135 -38.14 44.78 -27.43
N GLN D 136 -39.45 45.00 -27.42
CA GLN D 136 -40.08 45.81 -26.38
C GLN D 136 -40.42 44.95 -25.17
N GLN D 137 -40.29 43.64 -25.32
CA GLN D 137 -40.48 42.70 -24.21
C GLN D 137 -39.14 42.32 -23.57
N LYS D 138 -38.07 42.87 -24.12
CA LYS D 138 -36.73 42.69 -23.56
C LYS D 138 -36.22 41.24 -23.57
N ARG D 139 -36.74 40.41 -24.48
CA ARG D 139 -36.18 39.07 -24.64
C ARG D 139 -35.31 39.05 -25.90
N TRP D 140 -34.00 39.02 -25.68
CA TRP D 140 -33.04 39.17 -26.77
C TRP D 140 -32.77 37.88 -27.53
N ASP D 141 -32.70 36.77 -26.83
CA ASP D 141 -32.34 35.49 -27.43
C ASP D 141 -33.41 34.97 -28.38
N GLU D 142 -34.64 34.89 -27.88
CA GLU D 142 -35.77 34.42 -28.69
C GLU D 142 -35.96 35.33 -29.90
N ALA D 143 -35.86 36.63 -29.66
CA ALA D 143 -35.91 37.61 -30.74
C ALA D 143 -34.83 37.29 -31.77
N ALA D 144 -33.64 36.99 -31.28
CA ALA D 144 -32.50 36.67 -32.14
C ALA D 144 -32.77 35.39 -32.93
N VAL D 145 -33.62 34.52 -32.39
CA VAL D 145 -33.99 33.30 -33.08
C VAL D 145 -34.96 33.59 -34.21
N ASN D 146 -35.95 34.44 -33.94
CA ASN D 146 -36.87 34.86 -34.99
C ASN D 146 -36.13 35.57 -36.11
N LEU D 147 -35.25 36.50 -35.74
CA LEU D 147 -34.44 37.23 -36.71
C LEU D 147 -33.52 36.27 -37.45
N ALA D 148 -33.11 35.20 -36.76
CA ALA D 148 -32.21 34.21 -37.33
C ALA D 148 -32.81 33.59 -38.59
N LYS D 149 -34.13 33.44 -38.59
CA LYS D 149 -34.81 32.93 -39.78
C LYS D 149 -35.53 34.07 -40.49
N SER D 150 -34.97 34.50 -41.61
CA SER D 150 -35.57 35.53 -42.44
C SER D 150 -34.94 35.49 -43.83
N ARG D 151 -35.63 36.06 -44.82
CA ARG D 151 -35.03 36.20 -46.14
C ARG D 151 -33.85 37.15 -46.02
N TRP D 152 -33.85 37.92 -44.94
CA TRP D 152 -32.82 38.91 -44.66
C TRP D 152 -31.54 38.22 -44.24
N TYR D 153 -31.58 37.54 -43.10
CA TYR D 153 -30.44 36.77 -42.64
C TYR D 153 -29.93 35.84 -43.73
N ASN D 154 -30.85 35.24 -44.47
CA ASN D 154 -30.48 34.32 -45.54
C ASN D 154 -29.78 35.02 -46.69
N GLN D 155 -30.19 36.25 -46.99
CA GLN D 155 -29.57 36.99 -48.09
C GLN D 155 -28.17 37.49 -47.71
N THR D 156 -28.02 37.93 -46.46
CA THR D 156 -26.73 38.41 -45.97
C THR D 156 -26.46 37.92 -44.55
N PRO D 157 -26.00 36.66 -44.43
CA PRO D 157 -25.81 36.00 -43.12
C PRO D 157 -24.79 36.68 -42.21
N ASN D 158 -23.66 37.13 -42.77
CA ASN D 158 -22.62 37.78 -41.98
C ASN D 158 -23.12 39.03 -41.25
N ARG D 159 -23.41 40.06 -42.04
CA ARG D 159 -23.87 41.33 -41.51
C ARG D 159 -25.05 41.14 -40.58
N ALA D 160 -26.08 40.46 -41.09
CA ALA D 160 -27.26 40.16 -40.30
C ALA D 160 -26.86 39.57 -38.95
N LYS D 161 -25.97 38.58 -38.99
CA LYS D 161 -25.50 37.90 -37.79
C LYS D 161 -24.93 38.90 -36.79
N ARG D 162 -23.96 39.69 -37.23
CA ARG D 162 -23.35 40.68 -36.36
C ARG D 162 -24.40 41.62 -35.75
N VAL D 163 -25.39 42.01 -36.56
CA VAL D 163 -26.45 42.90 -36.08
C VAL D 163 -27.30 42.24 -34.99
N ILE D 164 -27.76 41.02 -35.29
CA ILE D 164 -28.55 40.25 -34.34
C ILE D 164 -27.82 40.16 -33.02
N THR D 165 -26.55 39.77 -33.09
CA THR D 165 -25.73 39.68 -31.88
C THR D 165 -25.64 41.04 -31.19
N THR D 166 -25.62 42.11 -31.98
CA THR D 166 -25.61 43.46 -31.42
C THR D 166 -26.89 43.72 -30.62
N PHE D 167 -27.99 43.12 -31.07
CA PHE D 167 -29.24 43.19 -30.34
C PHE D 167 -29.18 42.38 -29.04
N ARG D 168 -28.71 41.13 -29.17
CA ARG D 168 -28.69 40.20 -28.05
C ARG D 168 -27.95 40.73 -26.82
N THR D 169 -26.64 40.83 -26.94
CA THR D 169 -25.79 41.22 -25.82
C THR D 169 -25.91 42.70 -25.49
N GLY D 170 -26.24 43.49 -26.51
CA GLY D 170 -26.34 44.93 -26.33
C GLY D 170 -24.99 45.58 -26.25
N THR D 171 -24.05 45.11 -27.06
CA THR D 171 -22.72 45.68 -27.13
C THR D 171 -22.22 45.73 -28.57
N TRP D 172 -21.02 46.29 -28.76
CA TRP D 172 -20.44 46.44 -30.10
C TRP D 172 -19.48 45.30 -30.40
N ASP D 173 -19.38 44.35 -29.49
CA ASP D 173 -18.43 43.25 -29.61
C ASP D 173 -18.54 42.52 -30.95
N ALA D 174 -19.73 42.51 -31.53
CA ALA D 174 -19.96 41.84 -32.81
C ALA D 174 -18.99 42.31 -33.87
N GLU D 179 -14.04 40.42 -32.25
CA GLU D 179 -12.84 39.84 -32.85
C GLU D 179 -12.93 38.31 -32.85
N VAL D 180 -11.76 37.70 -33.00
CA VAL D 180 -11.56 36.27 -32.86
C VAL D 180 -11.06 36.02 -31.44
N TRP D 181 -10.89 37.12 -30.72
CA TRP D 181 -10.29 37.06 -29.40
C TRP D 181 -11.28 36.57 -28.36
N VAL D 182 -12.57 36.89 -28.53
CA VAL D 182 -13.59 36.48 -27.56
C VAL D 182 -13.62 34.96 -27.38
N VAL D 183 -13.76 34.24 -28.50
CA VAL D 183 -13.78 32.79 -28.50
C VAL D 183 -12.40 32.22 -28.18
N GLY D 184 -11.37 32.91 -28.66
CA GLY D 184 -10.00 32.52 -28.41
C GLY D 184 -9.66 32.43 -26.94
N MET D 185 -10.11 33.41 -26.17
CA MET D 185 -9.89 33.42 -24.73
C MET D 185 -10.90 32.51 -24.05
N GLY D 186 -12.13 32.51 -24.55
CA GLY D 186 -13.17 31.64 -24.01
C GLY D 186 -12.76 30.18 -23.96
N ILE D 187 -12.13 29.71 -25.03
CA ILE D 187 -11.71 28.31 -25.12
C ILE D 187 -10.61 27.97 -24.13
N VAL D 188 -9.61 28.84 -24.02
CA VAL D 188 -8.53 28.64 -23.06
C VAL D 188 -9.09 28.61 -21.65
N MET D 189 -9.94 29.58 -21.32
CA MET D 189 -10.57 29.65 -20.02
C MET D 189 -11.40 28.40 -19.76
N SER D 190 -11.96 27.82 -20.83
CA SER D 190 -12.73 26.59 -20.72
C SER D 190 -11.82 25.41 -20.39
N LEU D 191 -10.67 25.36 -21.05
CA LEU D 191 -9.71 24.29 -20.81
C LEU D 191 -9.19 24.35 -19.38
N ILE D 192 -8.94 25.56 -18.89
CA ILE D 192 -8.46 25.77 -17.53
C ILE D 192 -9.54 25.41 -16.50
N VAL D 193 -10.71 26.01 -16.64
CA VAL D 193 -11.85 25.75 -15.77
C VAL D 193 -12.15 24.25 -15.72
N LEU D 194 -11.94 23.58 -16.85
CA LEU D 194 -12.18 22.15 -16.94
C LEU D 194 -11.09 21.35 -16.21
N ALA D 195 -9.84 21.73 -16.44
CA ALA D 195 -8.69 21.07 -15.83
C ALA D 195 -8.76 21.13 -14.31
N ILE D 196 -8.94 22.33 -13.76
CA ILE D 196 -8.98 22.50 -12.31
C ILE D 196 -10.06 21.63 -11.67
N VAL D 197 -11.24 21.63 -12.29
CA VAL D 197 -12.40 20.95 -11.74
C VAL D 197 -12.23 19.45 -11.84
N PHE D 198 -12.13 18.95 -13.07
CA PHE D 198 -11.93 17.52 -13.28
C PHE D 198 -10.80 16.96 -12.42
N GLY D 199 -9.68 17.69 -12.38
CA GLY D 199 -8.52 17.25 -11.63
C GLY D 199 -8.75 17.17 -10.13
N ASN D 200 -9.17 18.29 -9.53
CA ASN D 200 -9.37 18.30 -8.08
C ASN D 200 -10.50 17.40 -7.62
N VAL D 201 -11.62 17.44 -8.33
CA VAL D 201 -12.73 16.54 -8.08
C VAL D 201 -12.23 15.10 -8.13
N LEU D 202 -11.51 14.77 -9.20
CA LEU D 202 -10.99 13.42 -9.39
C LEU D 202 -10.14 12.98 -8.21
N VAL D 203 -9.26 13.87 -7.75
CA VAL D 203 -8.39 13.56 -6.61
C VAL D 203 -9.20 13.33 -5.34
N ILE D 204 -10.06 14.27 -4.99
CA ILE D 204 -10.85 14.19 -3.77
C ILE D 204 -11.75 12.95 -3.74
N THR D 205 -12.58 12.81 -4.76
CA THR D 205 -13.49 11.66 -4.85
C THR D 205 -12.70 10.35 -4.91
N ALA D 206 -11.52 10.42 -5.52
CA ALA D 206 -10.64 9.26 -5.58
C ALA D 206 -10.20 8.85 -4.18
N ILE D 207 -9.89 9.84 -3.34
CA ILE D 207 -9.52 9.60 -1.96
C ILE D 207 -10.73 9.14 -1.14
N ALA D 208 -11.92 9.51 -1.61
CA ALA D 208 -13.15 9.15 -0.91
C ALA D 208 -13.58 7.70 -1.16
N LYS D 209 -13.47 7.26 -2.41
CA LYS D 209 -13.95 5.93 -2.79
C LYS D 209 -12.85 4.85 -2.74
N PHE D 210 -11.65 5.23 -2.34
CA PHE D 210 -10.56 4.28 -2.22
C PHE D 210 -9.92 4.31 -0.82
N GLU D 211 -10.00 3.18 -0.13
CA GLU D 211 -9.56 3.10 1.26
C GLU D 211 -8.04 3.11 1.42
N ARG D 212 -7.32 2.86 0.34
CA ARG D 212 -5.86 2.77 0.38
C ARG D 212 -5.20 4.15 0.45
N LEU D 213 -5.94 5.17 0.05
CA LEU D 213 -5.41 6.53 -0.01
C LEU D 213 -5.64 7.31 1.28
N GLN D 214 -6.11 6.61 2.31
CA GLN D 214 -6.48 7.23 3.57
C GLN D 214 -5.25 7.54 4.43
N THR D 215 -4.07 7.25 3.88
CA THR D 215 -2.81 7.48 4.59
C THR D 215 -2.72 8.90 5.12
N VAL D 216 -2.21 9.04 6.33
CA VAL D 216 -2.11 10.33 7.00
C VAL D 216 -1.47 11.39 6.11
N THR D 217 -0.35 11.04 5.49
CA THR D 217 0.35 11.96 4.59
C THR D 217 -0.57 12.48 3.50
N ASN D 218 -1.48 11.62 3.03
CA ASN D 218 -2.37 11.98 1.93
C ASN D 218 -3.39 13.04 2.29
N TYR D 219 -3.71 13.16 3.57
CA TYR D 219 -4.70 14.14 4.03
C TYR D 219 -4.30 15.57 3.66
N PHE D 220 -3.01 15.87 3.79
CA PHE D 220 -2.48 17.16 3.37
C PHE D 220 -2.79 17.43 1.90
N ILE D 221 -2.47 16.46 1.06
CA ILE D 221 -2.73 16.58 -0.38
C ILE D 221 -4.23 16.67 -0.65
N THR D 222 -5.03 16.15 0.28
CA THR D 222 -6.48 16.27 0.19
C THR D 222 -6.86 17.72 0.41
N SER D 223 -6.25 18.35 1.41
CA SER D 223 -6.43 19.77 1.66
C SER D 223 -6.08 20.56 0.39
N LEU D 224 -4.92 20.25 -0.18
CA LEU D 224 -4.51 20.87 -1.44
C LEU D 224 -5.62 20.73 -2.49
N ALA D 225 -6.13 19.51 -2.65
CA ALA D 225 -7.16 19.25 -3.64
C ALA D 225 -8.42 20.08 -3.43
N CYS D 226 -8.85 20.18 -2.17
CA CYS D 226 -10.01 20.99 -1.84
C CYS D 226 -9.78 22.45 -2.15
N ALA D 227 -8.65 22.98 -1.67
CA ALA D 227 -8.26 24.37 -1.92
C ALA D 227 -8.28 24.69 -3.41
N ASP D 228 -7.76 23.77 -4.21
CA ASP D 228 -7.68 23.99 -5.66
C ASP D 228 -9.01 23.73 -6.36
N LEU D 229 -9.91 23.01 -5.70
CA LEU D 229 -11.22 22.71 -6.29
C LEU D 229 -12.10 23.95 -6.30
N VAL D 230 -12.16 24.63 -5.15
CA VAL D 230 -12.91 25.87 -5.03
C VAL D 230 -12.33 26.92 -5.98
N MET D 231 -11.10 26.70 -6.41
CA MET D 231 -10.43 27.61 -7.34
C MET D 231 -11.12 27.64 -8.69
N GLY D 232 -11.28 26.47 -9.31
CA GLY D 232 -11.87 26.38 -10.64
C GLY D 232 -13.36 26.16 -10.61
N LEU D 233 -13.96 26.40 -9.45
CA LEU D 233 -15.40 26.26 -9.28
C LEU D 233 -16.04 27.65 -9.18
N ALA D 234 -15.65 28.40 -8.15
CA ALA D 234 -16.15 29.75 -7.95
C ALA D 234 -15.22 30.80 -8.59
N VAL D 235 -13.99 30.87 -8.10
CA VAL D 235 -13.06 31.91 -8.50
C VAL D 235 -12.79 31.97 -10.01
N VAL D 236 -12.28 30.87 -10.56
CA VAL D 236 -11.82 30.85 -11.95
C VAL D 236 -12.94 31.03 -12.99
N PRO D 237 -14.04 30.29 -12.84
CA PRO D 237 -15.15 30.46 -13.79
C PRO D 237 -15.71 31.89 -13.78
N PHE D 238 -15.94 32.43 -12.58
CA PHE D 238 -16.46 33.79 -12.46
C PHE D 238 -15.48 34.81 -12.99
N GLY D 239 -14.19 34.55 -12.82
CA GLY D 239 -13.17 35.44 -13.36
C GLY D 239 -13.18 35.39 -14.88
N ALA D 240 -13.35 34.21 -15.43
CA ALA D 240 -13.42 34.02 -16.88
C ALA D 240 -14.60 34.78 -17.45
N ALA D 241 -15.79 34.54 -16.90
CA ALA D 241 -16.98 35.28 -17.31
C ALA D 241 -16.73 36.77 -17.16
N HIS D 242 -15.96 37.14 -16.14
CA HIS D 242 -15.63 38.55 -15.88
C HIS D 242 -14.81 39.14 -17.02
N ILE D 243 -13.89 38.35 -17.57
CA ILE D 243 -13.08 38.80 -18.70
C ILE D 243 -13.89 38.78 -20.00
N LEU D 244 -14.92 37.93 -20.03
CA LEU D 244 -15.76 37.81 -21.22
C LEU D 244 -16.76 38.96 -21.36
N THR D 245 -17.34 39.39 -20.23
CA THR D 245 -18.38 40.42 -20.25
C THR D 245 -17.79 41.83 -20.20
N LYS D 246 -16.50 41.92 -19.90
CA LYS D 246 -15.81 43.21 -19.79
C LYS D 246 -16.41 44.08 -18.68
N THR D 247 -17.01 43.43 -17.69
CA THR D 247 -17.62 44.12 -16.56
C THR D 247 -18.22 43.11 -15.60
N TRP D 248 -18.47 43.55 -14.37
CA TRP D 248 -18.94 42.67 -13.30
C TRP D 248 -20.47 42.69 -13.19
N THR D 249 -21.10 41.57 -13.50
CA THR D 249 -22.56 41.46 -13.46
C THR D 249 -23.08 40.84 -12.16
N PHE D 250 -22.16 40.48 -11.27
CA PHE D 250 -22.49 39.69 -10.08
C PHE D 250 -22.98 40.54 -8.91
N GLY D 251 -22.86 41.86 -9.03
CA GLY D 251 -23.29 42.76 -7.98
C GLY D 251 -22.17 43.09 -7.03
N ASN D 252 -22.45 43.97 -6.07
CA ASN D 252 -21.42 44.44 -5.14
C ASN D 252 -21.09 43.44 -4.04
N PHE D 253 -22.07 43.15 -3.19
CA PHE D 253 -21.88 42.20 -2.09
C PHE D 253 -21.24 40.90 -2.57
N TRP D 254 -21.72 40.40 -3.70
CA TRP D 254 -21.21 39.15 -4.25
C TRP D 254 -19.85 39.36 -4.91
N CYS D 255 -19.55 40.60 -5.27
CA CYS D 255 -18.23 40.93 -5.83
C CYS D 255 -17.28 40.80 -4.63
N GLU D 256 -17.72 41.21 -3.45
CA GLU D 256 -16.91 41.09 -2.25
C GLU D 256 -16.72 39.62 -1.90
N PHE D 257 -17.81 38.87 -1.88
CA PHE D 257 -17.76 37.43 -1.63
C PHE D 257 -16.75 36.75 -2.54
N TRP D 258 -16.91 36.98 -3.84
CA TRP D 258 -16.04 36.38 -4.86
C TRP D 258 -14.57 36.74 -4.65
N THR D 259 -14.27 38.02 -4.47
CA THR D 259 -12.88 38.41 -4.20
C THR D 259 -12.32 37.66 -2.99
N SER D 260 -13.15 37.58 -1.94
CA SER D 260 -12.76 36.89 -0.72
C SER D 260 -12.39 35.44 -0.98
N ILE D 261 -13.29 34.71 -1.62
CA ILE D 261 -13.04 33.31 -1.95
C ILE D 261 -11.77 33.17 -2.79
N ASP D 262 -11.52 34.18 -3.63
CA ASP D 262 -10.29 34.23 -4.42
C ASP D 262 -9.07 34.18 -3.52
N VAL D 263 -8.92 35.23 -2.72
CA VAL D 263 -7.78 35.33 -1.82
C VAL D 263 -7.65 34.08 -0.96
N LEU D 264 -8.77 33.59 -0.43
CA LEU D 264 -8.76 32.40 0.42
C LEU D 264 -8.18 31.20 -0.31
N CYS D 265 -8.63 30.97 -1.54
CA CYS D 265 -8.13 29.86 -2.34
C CYS D 265 -6.64 29.99 -2.63
N VAL D 266 -6.21 31.20 -2.97
CA VAL D 266 -4.78 31.42 -3.22
C VAL D 266 -3.95 31.05 -1.99
N THR D 267 -4.28 31.71 -0.88
CA THR D 267 -3.55 31.49 0.37
C THR D 267 -3.54 30.02 0.74
N ALA D 268 -4.71 29.39 0.73
CA ALA D 268 -4.83 27.98 1.09
C ALA D 268 -3.94 27.11 0.20
N SER D 269 -3.97 27.39 -1.12
CA SER D 269 -3.15 26.65 -2.07
C SER D 269 -1.67 26.74 -1.72
N ILE D 270 -1.12 27.95 -1.82
CA ILE D 270 0.31 28.14 -1.56
C ILE D 270 0.71 27.57 -0.21
N GLU D 271 -0.01 27.98 0.83
CA GLU D 271 0.25 27.52 2.19
C GLU D 271 0.31 25.99 2.25
N THR D 272 -0.70 25.34 1.69
CA THR D 272 -0.75 23.87 1.68
C THR D 272 0.48 23.27 1.01
N LEU D 273 0.85 23.81 -0.15
CA LEU D 273 2.06 23.35 -0.81
C LEU D 273 3.24 23.43 0.14
N CYS D 274 3.34 24.56 0.85
CA CYS D 274 4.41 24.73 1.84
C CYS D 274 4.34 23.63 2.90
N VAL D 275 3.13 23.32 3.35
CA VAL D 275 2.92 22.30 4.36
C VAL D 275 3.44 20.95 3.90
N ILE D 276 3.08 20.55 2.69
CA ILE D 276 3.58 19.31 2.10
C ILE D 276 5.11 19.34 2.06
N ALA D 277 5.66 20.46 1.61
CA ALA D 277 7.11 20.65 1.61
C ALA D 277 7.69 20.31 2.98
N VAL D 278 7.04 20.82 4.02
CA VAL D 278 7.48 20.57 5.39
C VAL D 278 7.36 19.08 5.74
N ASP D 279 6.33 18.45 5.20
CA ASP D 279 6.10 17.02 5.43
C ASP D 279 7.27 16.21 4.88
N ARG D 280 7.66 16.49 3.65
CA ARG D 280 8.76 15.77 3.02
C ARG D 280 10.10 16.09 3.66
N TYR D 281 10.29 17.36 4.02
CA TYR D 281 11.50 17.77 4.74
C TYR D 281 11.63 17.00 6.04
N PHE D 282 10.50 16.83 6.73
CA PHE D 282 10.49 16.08 7.98
C PHE D 282 10.76 14.60 7.72
N ALA D 283 10.21 14.10 6.63
CA ALA D 283 10.38 12.69 6.27
C ALA D 283 11.84 12.35 6.04
N ILE D 284 12.48 13.08 5.13
CA ILE D 284 13.85 12.77 4.75
C ILE D 284 14.89 13.27 5.76
N THR D 285 14.57 14.35 6.46
CA THR D 285 15.48 14.95 7.44
C THR D 285 15.54 14.13 8.72
N SER D 286 14.41 14.00 9.40
CA SER D 286 14.33 13.25 10.64
C SER D 286 13.38 12.07 10.46
N PRO D 287 13.82 11.06 9.70
CA PRO D 287 13.00 9.88 9.37
C PRO D 287 12.57 9.12 10.60
N PHE D 288 13.48 8.94 11.55
CA PHE D 288 13.16 8.22 12.78
C PHE D 288 12.07 8.94 13.57
N LYS D 289 12.04 10.26 13.45
CA LYS D 289 11.06 11.07 14.19
C LYS D 289 9.78 11.27 13.37
N TYR D 290 9.82 10.89 12.10
CA TYR D 290 8.71 11.13 11.19
C TYR D 290 7.41 10.50 11.66
N GLN D 291 7.36 9.17 11.63
CA GLN D 291 6.15 8.44 12.00
C GLN D 291 5.79 8.63 13.46
N SER D 292 6.80 8.78 14.31
CA SER D 292 6.57 8.88 15.75
C SER D 292 5.97 10.22 16.17
N LEU D 293 6.60 11.31 15.76
CA LEU D 293 6.17 12.65 16.18
C LEU D 293 4.89 13.11 15.49
N LEU D 294 4.86 13.00 14.16
CA LEU D 294 3.72 13.49 13.40
C LEU D 294 2.55 12.50 13.48
N THR D 295 1.40 13.01 13.92
CA THR D 295 0.21 12.17 14.15
C THR D 295 -0.99 12.67 13.34
N LYS D 296 -2.12 11.99 13.51
CA LYS D 296 -3.35 12.36 12.81
C LYS D 296 -3.93 13.67 13.34
N ASN D 297 -4.13 13.74 14.65
CA ASN D 297 -4.61 14.96 15.27
C ASN D 297 -3.70 16.14 14.91
N LYS D 298 -2.40 15.89 14.90
CA LYS D 298 -1.42 16.91 14.54
C LYS D 298 -1.60 17.34 13.09
N ALA D 299 -1.78 16.37 12.20
CA ALA D 299 -1.94 16.63 10.77
C ALA D 299 -3.18 17.47 10.49
N ARG D 300 -4.34 16.97 10.92
CA ARG D 300 -5.59 17.70 10.77
C ARG D 300 -5.43 19.09 11.39
N VAL D 301 -4.78 19.16 12.53
CA VAL D 301 -4.52 20.45 13.17
C VAL D 301 -3.75 21.38 12.24
N ILE D 302 -2.82 20.82 11.47
CA ILE D 302 -2.05 21.60 10.51
C ILE D 302 -2.96 22.10 9.40
N ILE D 303 -3.85 21.23 8.92
CA ILE D 303 -4.81 21.61 7.89
C ILE D 303 -5.67 22.77 8.35
N LEU D 304 -6.35 22.57 9.47
CA LEU D 304 -7.25 23.56 10.03
C LEU D 304 -6.50 24.86 10.30
N MET D 305 -5.24 24.74 10.73
CA MET D 305 -4.41 25.91 10.95
C MET D 305 -4.26 26.67 9.63
N VAL D 306 -3.90 25.94 8.58
CA VAL D 306 -3.72 26.52 7.26
C VAL D 306 -4.97 27.27 6.80
N TRP D 307 -6.12 26.61 6.87
CA TRP D 307 -7.36 27.23 6.42
C TRP D 307 -7.81 28.39 7.31
N ILE D 308 -7.48 28.32 8.59
CA ILE D 308 -7.84 29.37 9.54
C ILE D 308 -7.04 30.63 9.28
N VAL D 309 -5.72 30.48 9.15
CA VAL D 309 -4.86 31.61 8.85
C VAL D 309 -5.15 32.15 7.46
N SER D 310 -5.53 31.25 6.55
CA SER D 310 -5.86 31.64 5.18
C SER D 310 -7.15 32.45 5.14
N GLY D 311 -8.11 32.10 5.99
CA GLY D 311 -9.37 32.81 6.06
C GLY D 311 -9.25 34.14 6.78
N LEU D 312 -8.48 34.14 7.87
CA LEU D 312 -8.28 35.35 8.66
C LEU D 312 -7.49 36.41 7.91
N THR D 313 -6.75 35.99 6.89
CA THR D 313 -5.96 36.91 6.08
C THR D 313 -6.71 37.32 4.81
N SER D 314 -7.89 36.76 4.59
CA SER D 314 -8.66 37.04 3.39
C SER D 314 -10.08 37.54 3.71
N PHE D 315 -10.91 36.63 4.20
CA PHE D 315 -12.32 36.94 4.46
C PHE D 315 -12.51 38.05 5.50
N LEU D 316 -11.84 37.91 6.65
CA LEU D 316 -11.95 38.91 7.71
C LEU D 316 -11.48 40.30 7.24
N PRO D 317 -10.27 40.37 6.66
CA PRO D 317 -9.75 41.66 6.19
C PRO D 317 -10.61 42.29 5.09
N ILE D 318 -11.10 41.48 4.16
CA ILE D 318 -11.88 41.99 3.04
C ILE D 318 -13.28 42.43 3.43
N GLN D 319 -13.99 41.59 4.17
CA GLN D 319 -15.37 41.88 4.58
C GLN D 319 -15.43 43.04 5.55
N MET D 320 -14.29 43.36 6.18
CA MET D 320 -14.23 44.46 7.13
C MET D 320 -13.73 45.76 6.49
N HIS D 321 -13.49 45.72 5.19
CA HIS D 321 -13.01 46.89 4.47
C HIS D 321 -11.63 47.32 4.94
N TRP D 322 -10.80 46.35 5.36
CA TRP D 322 -9.48 46.65 5.87
C TRP D 322 -8.48 46.93 4.76
N TYR D 323 -8.73 46.39 3.58
CA TYR D 323 -7.83 46.56 2.45
C TYR D 323 -8.22 47.74 1.56
N ARG D 324 -9.24 48.48 2.00
CA ARG D 324 -9.73 49.64 1.25
C ARG D 324 -8.59 50.53 0.77
N GLN D 328 -9.48 58.04 -5.53
CA GLN D 328 -10.83 58.38 -5.96
C GLN D 328 -11.45 57.23 -6.72
N GLU D 329 -10.69 56.67 -7.65
CA GLU D 329 -11.14 55.55 -8.46
C GLU D 329 -11.63 54.42 -7.57
N ALA D 330 -11.04 54.33 -6.38
CA ALA D 330 -11.28 53.21 -5.47
C ALA D 330 -12.67 53.30 -4.87
N ILE D 331 -12.93 54.35 -4.09
CA ILE D 331 -14.25 54.55 -3.51
C ILE D 331 -15.34 54.42 -4.58
N ASN D 332 -15.05 54.94 -5.76
CA ASN D 332 -15.99 54.91 -6.88
C ASN D 332 -16.37 53.50 -7.31
N CYS D 333 -15.37 52.69 -7.65
CA CYS D 333 -15.63 51.33 -8.10
C CYS D 333 -16.17 50.44 -6.97
N TYR D 334 -15.63 50.63 -5.77
CA TYR D 334 -16.11 49.94 -4.59
C TYR D 334 -17.60 50.15 -4.39
N ALA D 335 -17.98 51.39 -4.10
CA ALA D 335 -19.37 51.75 -3.86
C ALA D 335 -20.27 51.35 -5.03
N GLU D 336 -19.68 51.32 -6.23
CA GLU D 336 -20.41 50.91 -7.43
C GLU D 336 -20.71 49.43 -7.38
N GLU D 337 -21.97 49.07 -7.57
CA GLU D 337 -22.37 47.67 -7.44
C GLU D 337 -21.65 46.76 -8.43
N THR D 338 -21.61 47.19 -9.68
CA THR D 338 -21.15 46.33 -10.77
C THR D 338 -19.71 46.50 -11.26
N CYS D 339 -18.93 47.38 -10.64
CA CYS D 339 -17.60 47.62 -11.17
C CYS D 339 -16.75 46.80 -10.17
N CYS D 340 -16.40 45.57 -10.49
CA CYS D 340 -15.58 44.78 -9.55
C CYS D 340 -14.13 44.87 -10.01
N ASP D 341 -13.33 45.63 -9.27
CA ASP D 341 -11.94 45.82 -9.59
C ASP D 341 -11.09 45.78 -8.32
N PHE D 342 -9.97 45.06 -8.37
CA PHE D 342 -9.15 44.88 -7.19
C PHE D 342 -8.29 46.11 -6.91
N PHE D 343 -8.51 46.72 -5.75
CA PHE D 343 -7.68 47.82 -5.29
C PHE D 343 -7.26 47.52 -3.87
N THR D 344 -5.97 47.71 -3.59
CA THR D 344 -5.46 47.38 -2.26
C THR D 344 -4.45 48.41 -1.78
N ASN D 345 -4.61 48.84 -0.53
CA ASN D 345 -3.65 49.74 0.08
C ASN D 345 -2.31 49.03 0.26
N GLN D 346 -1.22 49.78 0.18
CA GLN D 346 0.12 49.23 0.31
C GLN D 346 0.23 48.34 1.55
N ALA D 347 -0.27 48.83 2.67
CA ALA D 347 -0.19 48.12 3.94
C ALA D 347 -0.78 46.70 3.86
N TYR D 348 -1.86 46.54 3.11
CA TYR D 348 -2.49 45.24 2.97
C TYR D 348 -1.76 44.34 1.98
N ALA D 349 -1.14 44.96 0.98
CA ALA D 349 -0.44 44.20 -0.06
C ALA D 349 0.88 43.63 0.45
N ILE D 350 1.60 44.40 1.25
CA ILE D 350 2.88 43.94 1.79
C ILE D 350 2.71 42.67 2.62
N ALA D 351 1.89 42.75 3.67
CA ALA D 351 1.68 41.62 4.57
C ALA D 351 0.86 40.52 3.92
N SER D 352 -0.11 40.92 3.09
CA SER D 352 -0.93 39.95 2.37
C SER D 352 -0.06 39.06 1.50
N SER D 353 0.80 39.68 0.70
CA SER D 353 1.70 38.93 -0.18
C SER D 353 2.74 38.14 0.60
N ILE D 354 3.37 38.79 1.58
CA ILE D 354 4.40 38.13 2.38
C ILE D 354 3.86 36.88 3.07
N VAL D 355 2.63 36.94 3.55
CA VAL D 355 2.00 35.82 4.25
C VAL D 355 1.48 34.75 3.29
N SER D 356 0.87 35.19 2.19
CA SER D 356 0.23 34.25 1.26
C SER D 356 1.22 33.56 0.32
N PHE D 357 2.35 34.20 0.05
CA PHE D 357 3.30 33.65 -0.92
C PHE D 357 4.75 33.60 -0.42
N TYR D 358 5.32 34.77 -0.14
CA TYR D 358 6.75 34.89 0.16
C TYR D 358 7.26 33.94 1.25
N VAL D 359 6.62 33.96 2.42
CA VAL D 359 7.03 33.11 3.53
C VAL D 359 7.06 31.62 3.11
N PRO D 360 5.92 31.10 2.63
CA PRO D 360 5.91 29.72 2.13
C PRO D 360 6.99 29.49 1.09
N LEU D 361 7.29 30.50 0.28
CA LEU D 361 8.32 30.37 -0.74
C LEU D 361 9.69 30.14 -0.10
N VAL D 362 10.04 30.96 0.88
CA VAL D 362 11.30 30.83 1.59
C VAL D 362 11.40 29.45 2.25
N ILE D 363 10.40 29.14 3.07
CA ILE D 363 10.36 27.86 3.77
C ILE D 363 10.61 26.72 2.79
N MET D 364 9.83 26.73 1.69
CA MET D 364 9.97 25.70 0.67
C MET D 364 11.37 25.63 0.10
N VAL D 365 11.95 26.80 -0.22
CA VAL D 365 13.29 26.84 -0.79
C VAL D 365 14.29 26.16 0.13
N PHE D 366 14.36 26.63 1.38
CA PHE D 366 15.28 26.04 2.35
C PHE D 366 15.04 24.55 2.51
N VAL D 367 13.76 24.17 2.47
CA VAL D 367 13.35 22.80 2.76
C VAL D 367 13.78 21.85 1.65
N TYR D 368 13.22 22.04 0.46
CA TYR D 368 13.60 21.22 -0.69
C TYR D 368 15.10 21.32 -0.98
N SER D 369 15.71 22.41 -0.55
CA SER D 369 17.17 22.53 -0.65
C SER D 369 17.85 21.49 0.22
N ARG D 370 17.55 21.51 1.52
CA ARG D 370 18.12 20.53 2.44
C ARG D 370 17.83 19.11 1.97
N VAL D 371 16.59 18.88 1.54
CA VAL D 371 16.17 17.59 1.01
C VAL D 371 17.07 17.13 -0.14
N PHE D 372 17.25 18.01 -1.13
CA PHE D 372 18.14 17.72 -2.23
C PHE D 372 19.53 17.36 -1.71
N GLN D 373 19.98 18.10 -0.69
CA GLN D 373 21.27 17.82 -0.07
C GLN D 373 21.30 16.35 0.38
N GLU D 374 20.25 15.94 1.08
CA GLU D 374 20.13 14.56 1.53
C GLU D 374 20.21 13.57 0.37
N ALA D 375 19.45 13.82 -0.69
CA ALA D 375 19.47 12.97 -1.87
C ALA D 375 20.88 12.80 -2.41
N LYS D 376 21.58 13.92 -2.58
CA LYS D 376 22.95 13.91 -3.07
C LYS D 376 23.84 13.06 -2.17
N ARG D 377 23.67 13.26 -0.86
CA ARG D 377 24.42 12.49 0.13
C ARG D 377 24.23 10.99 -0.06
N GLN D 378 22.97 10.56 -0.06
CA GLN D 378 22.64 9.16 -0.21
C GLN D 378 23.22 8.58 -1.49
N LEU D 379 23.07 9.32 -2.59
CA LEU D 379 23.68 8.91 -3.86
C LEU D 379 25.18 8.73 -3.72
N GLN D 380 25.80 9.61 -2.95
CA GLN D 380 27.24 9.52 -2.70
C GLN D 380 27.58 8.21 -2.02
N LYS D 381 26.94 7.97 -0.88
CA LYS D 381 27.17 6.74 -0.13
C LYS D 381 26.97 5.51 -1.01
N ILE D 382 25.89 5.51 -1.78
CA ILE D 382 25.59 4.45 -2.73
C ILE D 382 26.74 4.22 -3.70
N ASP D 383 27.23 5.31 -4.28
CA ASP D 383 28.35 5.23 -5.22
C ASP D 383 29.58 4.65 -4.53
N LYS D 384 29.74 4.97 -3.24
CA LYS D 384 30.85 4.43 -2.48
C LYS D 384 30.69 2.92 -2.32
N SER D 385 29.45 2.46 -2.19
CA SER D 385 29.18 1.04 -2.06
C SER D 385 28.91 0.35 -3.42
N GLU D 386 28.80 1.15 -4.47
CA GLU D 386 28.53 0.62 -5.81
C GLU D 386 29.63 0.94 -6.82
N GLY D 387 30.34 -0.08 -7.27
CA GLY D 387 31.35 0.08 -8.30
C GLY D 387 30.76 -0.21 -9.66
N ARG D 388 29.44 -0.09 -9.76
CA ARG D 388 28.72 -0.36 -11.00
C ARG D 388 28.31 0.95 -11.69
N CYS D 414 27.37 10.75 -13.06
CA CYS D 414 26.61 11.97 -12.78
C CYS D 414 25.29 11.98 -13.54
N LEU D 415 25.11 10.99 -14.41
CA LEU D 415 23.90 10.90 -15.21
C LEU D 415 22.67 10.61 -14.35
N LYS D 416 22.87 9.85 -13.28
CA LYS D 416 21.78 9.45 -12.40
C LYS D 416 21.29 10.62 -11.55
N GLU D 417 22.22 11.47 -11.13
CA GLU D 417 21.89 12.63 -10.30
C GLU D 417 20.78 13.47 -10.94
N HIS D 418 20.80 13.54 -12.26
CA HIS D 418 19.79 14.30 -12.99
C HIS D 418 18.40 13.82 -12.65
N LYS D 419 18.22 12.51 -12.59
CA LYS D 419 16.94 11.90 -12.23
C LYS D 419 16.47 12.42 -10.88
N ALA D 420 17.42 12.73 -10.01
CA ALA D 420 17.12 13.26 -8.68
C ALA D 420 16.82 14.76 -8.73
N LEU D 421 17.44 15.47 -9.67
CA LEU D 421 17.26 16.91 -9.78
C LEU D 421 15.97 17.33 -10.48
N LYS D 422 15.52 16.52 -11.43
CA LYS D 422 14.38 16.89 -12.26
C LYS D 422 13.07 17.06 -11.49
N THR D 423 12.74 16.09 -10.64
CA THR D 423 11.52 16.15 -9.86
C THR D 423 11.45 17.42 -9.02
N LEU D 424 12.59 17.80 -8.44
CA LEU D 424 12.69 19.05 -7.69
C LEU D 424 12.49 20.23 -8.64
N GLY D 425 13.09 20.13 -9.82
CA GLY D 425 12.97 21.17 -10.83
C GLY D 425 11.53 21.49 -11.20
N ILE D 426 10.71 20.45 -11.36
CA ILE D 426 9.30 20.65 -11.71
C ILE D 426 8.46 21.02 -10.49
N ILE D 427 8.73 20.41 -9.36
CA ILE D 427 7.94 20.68 -8.16
C ILE D 427 8.11 22.12 -7.69
N MET D 428 9.33 22.64 -7.76
CA MET D 428 9.58 24.04 -7.45
C MET D 428 9.25 24.95 -8.61
N GLY D 429 9.53 24.49 -9.82
CA GLY D 429 9.33 25.27 -11.02
C GLY D 429 7.89 25.65 -11.27
N THR D 430 6.99 24.67 -11.20
CA THR D 430 5.57 24.93 -11.44
C THR D 430 4.98 25.86 -10.39
N PHE D 431 5.49 25.79 -9.16
CA PHE D 431 5.03 26.67 -8.11
C PHE D 431 5.64 28.06 -8.26
N THR D 432 6.78 28.13 -8.94
CA THR D 432 7.49 29.38 -9.13
C THR D 432 6.91 30.20 -10.28
N LEU D 433 7.02 29.65 -11.49
CA LEU D 433 6.56 30.36 -12.68
C LEU D 433 5.13 30.86 -12.54
N CYS D 434 4.28 30.09 -11.88
CA CYS D 434 2.87 30.45 -11.79
C CYS D 434 2.57 31.63 -10.86
N TRP D 435 2.95 31.53 -9.59
CA TRP D 435 2.60 32.58 -8.63
C TRP D 435 3.67 33.66 -8.37
N LEU D 436 4.90 33.40 -8.82
CA LEU D 436 5.99 34.34 -8.56
C LEU D 436 5.85 35.64 -9.34
N PRO D 437 5.73 35.54 -10.68
CA PRO D 437 5.63 36.73 -11.51
C PRO D 437 4.48 37.63 -11.06
N PHE D 438 3.43 37.02 -10.53
CA PHE D 438 2.30 37.78 -10.03
C PHE D 438 2.60 38.41 -8.67
N PHE D 439 2.85 37.57 -7.67
CA PHE D 439 3.04 38.09 -6.32
C PHE D 439 4.21 39.06 -6.15
N ILE D 440 5.19 38.99 -7.03
CA ILE D 440 6.26 39.98 -7.05
C ILE D 440 5.76 41.28 -7.68
N VAL D 441 5.04 41.13 -8.78
CA VAL D 441 4.46 42.28 -9.46
C VAL D 441 3.51 43.04 -8.54
N ASN D 442 2.98 42.35 -7.53
CA ASN D 442 2.20 43.02 -6.49
C ASN D 442 3.02 44.09 -5.79
N ILE D 443 4.17 43.67 -5.25
CA ILE D 443 5.08 44.58 -4.58
C ILE D 443 5.70 45.56 -5.56
N VAL D 444 5.61 45.25 -6.86
CA VAL D 444 6.08 46.16 -7.89
C VAL D 444 5.08 47.30 -8.10
N HIS D 445 3.80 46.97 -8.00
CA HIS D 445 2.74 47.96 -8.14
C HIS D 445 2.63 48.78 -6.86
N VAL D 446 2.99 48.16 -5.74
CA VAL D 446 2.99 48.84 -4.45
C VAL D 446 4.17 49.78 -4.27
N ILE D 447 5.37 49.28 -4.59
CA ILE D 447 6.59 50.07 -4.43
C ILE D 447 6.69 51.23 -5.43
N GLN D 448 6.57 50.92 -6.71
CA GLN D 448 6.63 51.94 -7.76
C GLN D 448 5.34 51.97 -8.57
N ASP D 449 4.58 53.06 -8.41
CA ASP D 449 3.29 53.19 -9.09
C ASP D 449 3.45 53.66 -10.54
N ASN D 450 2.47 53.31 -11.37
CA ASN D 450 2.47 53.66 -12.79
C ASN D 450 3.64 53.04 -13.55
N LEU D 451 4.21 51.98 -12.98
CA LEU D 451 5.21 51.18 -13.67
C LEU D 451 4.59 49.91 -14.25
N ILE D 452 3.30 49.71 -14.02
CA ILE D 452 2.66 48.44 -14.31
C ILE D 452 1.38 48.54 -15.15
N ARG D 453 1.23 47.63 -16.10
CA ARG D 453 0.00 47.51 -16.88
C ARG D 453 -1.07 46.75 -16.11
N LYS D 454 -2.34 46.99 -16.46
CA LYS D 454 -3.44 46.30 -15.80
C LYS D 454 -3.75 44.96 -16.46
N GLU D 455 -3.16 44.72 -17.63
CA GLU D 455 -3.28 43.44 -18.30
C GLU D 455 -2.33 42.44 -17.64
N VAL D 456 -1.16 42.92 -17.26
CA VAL D 456 -0.14 42.09 -16.63
C VAL D 456 -0.66 41.48 -15.33
N TYR D 457 -1.35 42.29 -14.55
CA TYR D 457 -1.88 41.85 -13.26
C TYR D 457 -2.80 40.65 -13.41
N ILE D 458 -3.84 40.82 -14.23
CA ILE D 458 -4.81 39.77 -14.47
C ILE D 458 -4.15 38.53 -15.09
N LEU D 459 -3.36 38.74 -16.13
CA LEU D 459 -2.68 37.65 -16.80
C LEU D 459 -1.88 36.81 -15.80
N LEU D 460 -1.04 37.48 -15.02
CA LEU D 460 -0.25 36.81 -13.99
C LEU D 460 -1.14 36.06 -13.02
N ASN D 461 -2.19 36.73 -12.55
CA ASN D 461 -3.11 36.12 -11.60
C ASN D 461 -3.64 34.78 -12.14
N TRP D 462 -4.05 34.77 -13.41
CA TRP D 462 -4.52 33.55 -14.06
C TRP D 462 -3.42 32.49 -14.16
N ILE D 463 -2.23 32.91 -14.57
CA ILE D 463 -1.08 32.02 -14.61
C ILE D 463 -0.93 31.30 -13.28
N GLY D 464 -1.12 32.05 -12.19
CA GLY D 464 -1.12 31.47 -10.86
C GLY D 464 -2.28 30.51 -10.68
N TYR D 465 -3.43 30.88 -11.21
CA TYR D 465 -4.61 30.01 -11.15
C TYR D 465 -4.32 28.61 -11.71
N VAL D 466 -3.61 28.54 -12.84
CA VAL D 466 -3.35 27.25 -13.49
C VAL D 466 -2.62 26.25 -12.57
N ASN D 467 -1.88 26.77 -11.60
CA ASN D 467 -1.16 25.93 -10.66
C ASN D 467 -2.10 24.97 -9.94
N SER D 468 -3.32 25.44 -9.68
CA SER D 468 -4.34 24.61 -9.06
C SER D 468 -4.62 23.37 -9.90
N GLY D 469 -4.51 23.54 -11.22
CA GLY D 469 -4.70 22.43 -12.15
C GLY D 469 -3.46 21.56 -12.24
N PHE D 470 -2.29 22.17 -12.07
CA PHE D 470 -1.03 21.43 -12.12
C PHE D 470 -0.80 20.54 -10.90
N ASN D 471 -1.34 20.94 -9.77
CA ASN D 471 -1.15 20.20 -8.51
C ASN D 471 -1.40 18.69 -8.61
N PRO D 472 -2.61 18.29 -9.05
CA PRO D 472 -2.93 16.87 -9.13
C PRO D 472 -1.94 16.07 -9.98
N LEU D 473 -1.38 16.70 -11.00
CA LEU D 473 -0.43 16.03 -11.88
C LEU D 473 0.97 15.96 -11.28
N ILE D 474 1.36 16.99 -10.53
CA ILE D 474 2.71 17.07 -9.98
C ILE D 474 2.77 16.52 -8.55
N TYR D 475 1.67 15.97 -8.08
CA TYR D 475 1.55 15.50 -6.70
C TYR D 475 1.07 14.05 -6.56
N CYS D 476 -0.09 13.77 -7.15
CA CYS D 476 -0.83 12.53 -6.92
C CYS D 476 -0.26 11.34 -7.67
N ARG D 477 0.93 11.50 -8.23
CA ARG D 477 1.59 10.46 -9.02
C ARG D 477 1.78 9.15 -8.25
N SER D 478 1.49 9.17 -6.96
CA SER D 478 1.67 7.99 -6.11
C SER D 478 1.08 6.72 -6.71
N PRO D 479 1.74 5.57 -6.49
CA PRO D 479 1.37 4.28 -7.07
C PRO D 479 -0.10 3.92 -6.85
N ASP D 480 -0.59 4.10 -5.63
CA ASP D 480 -1.99 3.79 -5.33
C ASP D 480 -2.90 4.81 -5.99
N PHE D 481 -2.48 6.07 -5.93
CA PHE D 481 -3.22 7.17 -6.54
C PHE D 481 -3.54 6.88 -8.00
N ARG D 482 -2.55 6.40 -8.74
CA ARG D 482 -2.70 6.17 -10.17
C ARG D 482 -3.73 5.10 -10.49
N ILE D 483 -3.55 3.92 -9.90
CA ILE D 483 -4.49 2.82 -10.06
C ILE D 483 -5.89 3.28 -9.69
N ALA D 484 -6.02 3.82 -8.48
CA ALA D 484 -7.31 4.31 -8.00
C ALA D 484 -7.90 5.36 -8.94
N PHE D 485 -7.03 6.07 -9.64
CA PHE D 485 -7.44 7.11 -10.58
C PHE D 485 -8.06 6.52 -11.84
N GLN D 486 -7.33 5.59 -12.46
CA GLN D 486 -7.79 5.01 -13.72
C GLN D 486 -8.95 4.06 -13.52
N GLU D 487 -9.11 3.55 -12.30
CA GLU D 487 -10.23 2.66 -12.00
C GLU D 487 -11.55 3.43 -12.01
N LEU D 488 -11.47 4.74 -11.81
CA LEU D 488 -12.65 5.60 -11.87
C LEU D 488 -12.93 6.08 -13.30
N LEU D 489 -11.96 5.88 -14.18
CA LEU D 489 -12.10 6.31 -15.58
C LEU D 489 -12.57 5.20 -16.50
N CYS D 490 -12.88 4.03 -15.93
CA CYS D 490 -13.40 2.91 -16.68
C CYS D 490 -12.35 2.28 -17.59
N GLN E 1 1.87 -37.66 -6.92
CA GLN E 1 2.93 -37.44 -5.94
C GLN E 1 4.00 -36.53 -6.52
N VAL E 2 5.15 -36.48 -5.85
CA VAL E 2 6.31 -35.75 -6.35
C VAL E 2 7.56 -36.58 -6.10
N GLN E 3 8.26 -36.95 -7.17
CA GLN E 3 9.48 -37.74 -7.01
C GLN E 3 10.55 -37.40 -8.06
N LEU E 4 11.80 -37.49 -7.63
CA LEU E 4 12.94 -37.28 -8.49
C LEU E 4 13.94 -38.42 -8.27
N GLN E 5 14.17 -39.23 -9.30
CA GLN E 5 15.10 -40.35 -9.20
C GLN E 5 16.40 -40.03 -9.93
N GLU E 6 17.48 -39.88 -9.16
CA GLU E 6 18.81 -39.69 -9.74
C GLU E 6 19.34 -41.02 -10.23
N SER E 7 19.71 -41.07 -11.50
CA SER E 7 20.31 -42.25 -12.09
C SER E 7 21.72 -41.92 -12.54
N GLY E 8 22.38 -42.87 -13.18
CA GLY E 8 23.75 -42.68 -13.60
C GLY E 8 24.65 -42.64 -12.37
N GLY E 9 25.80 -42.00 -12.50
CA GLY E 9 26.74 -41.95 -11.40
C GLY E 9 27.41 -43.30 -11.22
N GLY E 10 28.47 -43.33 -10.41
CA GLY E 10 29.20 -44.56 -10.17
C GLY E 10 30.67 -44.30 -9.88
N LEU E 11 31.50 -45.33 -10.07
CA LEU E 11 32.94 -45.19 -9.85
C LEU E 11 33.63 -44.69 -11.11
N VAL E 12 34.42 -43.64 -10.97
CA VAL E 12 35.18 -43.08 -12.08
C VAL E 12 36.62 -42.77 -11.65
N GLN E 13 37.57 -43.07 -12.52
CA GLN E 13 38.97 -42.77 -12.28
C GLN E 13 39.17 -41.25 -12.36
N PRO E 14 39.98 -40.69 -11.46
CA PRO E 14 40.20 -39.24 -11.40
C PRO E 14 40.63 -38.68 -12.75
N GLY E 15 40.05 -37.54 -13.13
CA GLY E 15 40.31 -36.93 -14.41
C GLY E 15 39.25 -37.32 -15.41
N GLY E 16 38.52 -38.40 -15.11
CA GLY E 16 37.50 -38.91 -16.00
C GLY E 16 36.26 -38.04 -15.99
N SER E 17 35.17 -38.58 -16.54
CA SER E 17 33.90 -37.86 -16.62
C SER E 17 32.72 -38.77 -16.39
N LEU E 18 31.66 -38.21 -15.82
CA LEU E 18 30.46 -38.95 -15.49
C LEU E 18 29.24 -38.06 -15.73
N ARG E 19 28.21 -38.59 -16.38
CA ARG E 19 27.02 -37.80 -16.69
C ARG E 19 25.79 -38.22 -15.89
N LEU E 20 25.39 -37.37 -14.96
CA LEU E 20 24.23 -37.60 -14.10
C LEU E 20 22.94 -37.22 -14.78
N SER E 21 21.95 -38.09 -14.64
CA SER E 21 20.62 -37.84 -15.17
C SER E 21 19.62 -37.94 -14.04
N CYS E 22 18.53 -37.18 -14.13
CA CYS E 22 17.50 -37.19 -13.10
C CYS E 22 16.11 -37.25 -13.68
N ALA E 23 15.35 -38.28 -13.33
CA ALA E 23 13.97 -38.40 -13.81
C ALA E 23 13.01 -37.74 -12.83
N ALA E 24 12.25 -36.78 -13.33
CA ALA E 24 11.35 -36.01 -12.46
C ALA E 24 9.91 -36.36 -12.79
N SER E 25 9.04 -36.22 -11.80
CA SER E 25 7.62 -36.51 -12.03
C SER E 25 6.77 -36.17 -10.83
N GLY E 26 5.46 -36.08 -11.07
CA GLY E 26 4.52 -35.71 -10.04
C GLY E 26 4.33 -34.21 -9.96
N PHE E 27 4.80 -33.51 -11.00
CA PHE E 27 4.68 -32.06 -11.07
C PHE E 27 5.21 -31.57 -12.40
N THR E 28 4.85 -30.35 -12.76
CA THR E 28 5.26 -29.82 -14.05
C THR E 28 6.68 -29.30 -13.95
N PHE E 29 7.57 -29.95 -14.69
CA PHE E 29 9.00 -29.72 -14.57
C PHE E 29 9.32 -28.33 -15.09
N SER E 30 8.46 -27.83 -15.97
CA SER E 30 8.68 -26.55 -16.64
C SER E 30 8.69 -25.33 -15.70
N ASN E 31 7.94 -25.40 -14.62
CA ASN E 31 7.76 -24.23 -13.77
C ASN E 31 8.75 -24.13 -12.61
N TYR E 32 9.57 -25.16 -12.45
CA TYR E 32 10.46 -25.22 -11.31
C TYR E 32 11.94 -25.02 -11.64
N LYS E 33 12.58 -24.15 -10.86
CA LYS E 33 14.02 -24.00 -10.91
C LYS E 33 14.61 -25.28 -10.38
N MET E 34 15.62 -25.81 -11.07
CA MET E 34 16.20 -27.10 -10.70
C MET E 34 17.61 -26.93 -10.17
N ASN E 35 18.07 -27.83 -9.31
CA ASN E 35 19.48 -27.82 -8.93
C ASN E 35 20.04 -29.15 -8.46
N TRP E 36 21.36 -29.24 -8.45
CA TRP E 36 22.07 -30.42 -7.97
C TRP E 36 22.71 -30.12 -6.63
N VAL E 37 22.51 -31.02 -5.68
CA VAL E 37 23.10 -30.89 -4.36
C VAL E 37 23.91 -32.14 -4.06
N ARG E 38 25.13 -31.96 -3.57
CA ARG E 38 25.95 -33.11 -3.24
C ARG E 38 26.20 -33.17 -1.74
N GLN E 39 26.48 -34.37 -1.25
CA GLN E 39 26.87 -34.55 0.14
C GLN E 39 28.15 -35.35 0.20
N ALA E 40 29.22 -34.69 0.66
CA ALA E 40 30.53 -35.31 0.78
C ALA E 40 30.48 -36.32 1.91
N PRO E 41 31.48 -37.21 1.97
CA PRO E 41 31.48 -38.22 3.04
C PRO E 41 31.40 -37.56 4.41
N GLY E 42 30.44 -38.00 5.22
CA GLY E 42 30.27 -37.49 6.57
C GLY E 42 30.28 -35.98 6.69
N LYS E 43 29.60 -35.29 5.77
CA LYS E 43 29.51 -33.83 5.85
C LYS E 43 28.17 -33.32 5.32
N GLY E 44 27.73 -32.18 5.85
CA GLY E 44 26.47 -31.58 5.46
C GLY E 44 26.38 -31.31 3.98
N LEU E 45 25.17 -31.27 3.47
CA LEU E 45 24.92 -31.05 2.05
C LEU E 45 25.45 -29.69 1.58
N GLU E 46 25.83 -29.62 0.32
CA GLU E 46 26.30 -28.38 -0.28
C GLU E 46 25.73 -28.20 -1.68
N TRP E 47 25.24 -27.00 -1.98
CA TRP E 47 24.72 -26.72 -3.32
C TRP E 47 25.82 -26.83 -4.37
N VAL E 48 25.46 -27.32 -5.54
CA VAL E 48 26.43 -27.48 -6.64
C VAL E 48 26.14 -26.60 -7.86
N SER E 49 25.02 -26.84 -8.52
CA SER E 49 24.65 -26.06 -9.69
C SER E 49 23.15 -25.88 -9.81
N ASP E 50 22.71 -24.69 -10.20
CA ASP E 50 21.28 -24.46 -10.42
C ASP E 50 20.97 -24.00 -11.84
N ILE E 51 19.72 -24.21 -12.26
CA ILE E 51 19.26 -23.81 -13.58
C ILE E 51 17.81 -23.30 -13.52
N SER E 52 17.59 -22.13 -14.10
CA SER E 52 16.27 -21.49 -14.06
C SER E 52 15.27 -22.22 -14.96
N GLN E 53 13.99 -21.99 -14.72
CA GLN E 53 12.94 -22.64 -15.49
C GLN E 53 13.21 -22.46 -16.98
N SER E 54 13.54 -21.23 -17.37
CA SER E 54 13.74 -20.87 -18.77
C SER E 54 14.97 -21.56 -19.39
N GLY E 55 15.86 -22.05 -18.55
CA GLY E 55 17.11 -22.62 -19.02
C GLY E 55 18.11 -21.51 -19.32
N ALA E 56 17.82 -20.33 -18.79
CA ALA E 56 18.65 -19.16 -19.02
C ALA E 56 19.67 -18.98 -17.91
N SER E 57 19.20 -18.56 -16.75
CA SER E 57 20.09 -18.30 -15.63
C SER E 57 20.62 -19.61 -15.05
N ILE E 58 21.94 -19.75 -15.06
CA ILE E 58 22.57 -20.99 -14.62
C ILE E 58 23.78 -20.69 -13.74
N SER E 59 23.80 -21.28 -12.56
CA SER E 59 24.91 -21.04 -11.64
C SER E 59 25.64 -22.33 -11.29
N TYR E 60 26.93 -22.19 -11.00
CA TYR E 60 27.72 -23.31 -10.53
C TYR E 60 28.47 -22.91 -9.27
N THR E 61 28.84 -23.89 -8.45
CA THR E 61 29.69 -23.62 -7.29
C THR E 61 31.06 -23.24 -7.80
N GLY E 62 31.79 -22.47 -7.01
CA GLY E 62 33.10 -22.00 -7.41
C GLY E 62 33.96 -23.12 -7.97
N SER E 63 33.97 -24.26 -7.29
CA SER E 63 34.84 -25.38 -7.64
C SER E 63 34.44 -26.06 -8.95
N VAL E 64 33.16 -26.39 -9.08
CA VAL E 64 32.68 -27.12 -10.26
C VAL E 64 32.77 -26.28 -11.54
N LYS E 65 33.14 -25.02 -11.41
CA LYS E 65 33.16 -24.10 -12.54
C LYS E 65 34.01 -24.65 -13.67
N GLY E 66 33.41 -24.78 -14.85
CA GLY E 66 34.12 -25.22 -16.03
C GLY E 66 34.30 -26.73 -16.11
N ARG E 67 34.19 -27.39 -14.96
CA ARG E 67 34.25 -28.85 -14.94
C ARG E 67 32.86 -29.50 -14.96
N PHE E 68 31.83 -28.70 -14.72
CA PHE E 68 30.46 -29.20 -14.60
C PHE E 68 29.54 -28.36 -15.47
N THR E 69 28.66 -29.02 -16.21
CA THR E 69 27.69 -28.30 -17.02
C THR E 69 26.29 -28.87 -16.83
N ILE E 70 25.39 -28.08 -16.25
CA ILE E 70 24.04 -28.53 -15.98
C ILE E 70 23.10 -28.15 -17.13
N SER E 71 22.40 -29.14 -17.67
CA SER E 71 21.48 -28.93 -18.77
C SER E 71 20.17 -29.66 -18.49
N ARG E 72 19.05 -28.96 -18.71
CA ARG E 72 17.74 -29.52 -18.42
C ARG E 72 16.92 -29.76 -19.69
N ASP E 73 16.24 -30.91 -19.74
CA ASP E 73 15.28 -31.16 -20.80
C ASP E 73 13.86 -30.98 -20.24
N ASN E 74 13.21 -29.89 -20.64
CA ASN E 74 11.90 -29.56 -20.10
C ASN E 74 10.81 -30.49 -20.60
N ALA E 75 10.77 -30.68 -21.92
CA ALA E 75 9.75 -31.52 -22.56
C ALA E 75 9.79 -32.95 -22.06
N LYS E 76 10.98 -33.41 -21.69
CA LYS E 76 11.16 -34.78 -21.22
C LYS E 76 11.15 -34.87 -19.69
N ASN E 77 10.91 -33.74 -19.03
CA ASN E 77 10.85 -33.69 -17.58
C ASN E 77 12.08 -34.25 -16.90
N THR E 78 13.26 -33.93 -17.42
CA THR E 78 14.47 -34.52 -16.88
C THR E 78 15.59 -33.50 -16.65
N LEU E 79 16.43 -33.78 -15.67
CA LEU E 79 17.53 -32.88 -15.35
C LEU E 79 18.84 -33.57 -15.68
N TYR E 80 19.87 -32.78 -16.01
CA TYR E 80 21.14 -33.33 -16.45
C TYR E 80 22.31 -32.57 -15.84
N LEU E 81 23.30 -33.31 -15.38
CA LEU E 81 24.56 -32.70 -14.95
C LEU E 81 25.73 -33.43 -15.60
N GLN E 82 26.46 -32.75 -16.47
CA GLN E 82 27.60 -33.34 -17.12
C GLN E 82 28.85 -33.02 -16.32
N MET E 83 29.42 -34.04 -15.70
CA MET E 83 30.59 -33.85 -14.86
C MET E 83 31.85 -34.26 -15.62
N ASN E 84 32.79 -33.33 -15.73
CA ASN E 84 34.03 -33.62 -16.44
C ASN E 84 35.23 -33.37 -15.55
N SER E 85 36.37 -33.95 -15.92
CA SER E 85 37.60 -33.76 -15.18
C SER E 85 37.36 -33.94 -13.70
N LEU E 86 36.59 -34.96 -13.35
CA LEU E 86 36.25 -35.21 -11.95
C LEU E 86 37.50 -35.35 -11.10
N LYS E 87 37.45 -34.81 -9.89
CA LYS E 87 38.58 -34.85 -8.99
C LYS E 87 38.19 -35.65 -7.75
N PRO E 88 39.20 -36.18 -7.04
CA PRO E 88 38.95 -37.01 -5.86
C PRO E 88 38.13 -36.27 -4.80
N GLU E 89 38.06 -34.95 -4.90
CA GLU E 89 37.29 -34.15 -3.95
C GLU E 89 35.82 -34.08 -4.34
N ASP E 90 35.49 -34.59 -5.52
CA ASP E 90 34.12 -34.55 -6.02
C ASP E 90 33.30 -35.73 -5.53
N THR E 91 33.97 -36.71 -4.93
CA THR E 91 33.26 -37.90 -4.46
C THR E 91 32.22 -37.53 -3.41
N ALA E 92 30.97 -37.91 -3.67
CA ALA E 92 29.85 -37.53 -2.82
C ALA E 92 28.53 -38.06 -3.38
N VAL E 93 27.45 -37.88 -2.64
CA VAL E 93 26.12 -38.26 -3.14
C VAL E 93 25.44 -37.09 -3.83
N TYR E 94 25.11 -37.27 -5.11
CA TYR E 94 24.45 -36.23 -5.87
C TYR E 94 22.95 -36.45 -5.98
N TYR E 95 22.20 -35.56 -5.33
CA TYR E 95 20.75 -35.55 -5.42
C TYR E 95 20.36 -34.44 -6.38
N CYS E 96 19.28 -34.63 -7.13
CA CYS E 96 18.80 -33.55 -7.97
C CYS E 96 17.54 -33.13 -7.26
N ALA E 97 17.55 -31.90 -6.75
CA ALA E 97 16.43 -31.38 -5.99
C ALA E 97 15.91 -30.11 -6.65
N ARG E 98 14.59 -29.94 -6.63
CA ARG E 98 13.98 -28.81 -7.29
C ARG E 98 13.45 -27.82 -6.26
N CYS E 99 13.43 -26.54 -6.64
CA CYS E 99 12.98 -25.49 -5.73
C CYS E 99 11.57 -25.82 -5.28
N PRO E 100 11.21 -25.39 -4.06
CA PRO E 100 9.88 -25.70 -3.54
C PRO E 100 8.74 -25.08 -4.35
N ALA E 101 8.84 -23.78 -4.65
CA ALA E 101 7.76 -23.05 -5.30
C ALA E 101 7.91 -23.00 -6.82
N PRO E 102 6.78 -23.10 -7.54
CA PRO E 102 6.71 -22.93 -8.99
C PRO E 102 6.78 -21.45 -9.37
N PHE E 103 7.27 -21.16 -10.56
CA PHE E 103 7.35 -19.78 -11.05
C PHE E 103 8.10 -18.91 -10.06
N THR E 104 9.40 -19.14 -9.90
CA THR E 104 10.14 -18.37 -8.90
C THR E 104 11.61 -18.17 -9.24
N ARG E 105 12.29 -17.42 -8.38
CA ARG E 105 13.70 -17.12 -8.52
C ARG E 105 14.45 -17.85 -7.42
N ASP E 106 14.10 -17.53 -6.17
CA ASP E 106 14.79 -18.03 -4.99
C ASP E 106 14.56 -19.52 -4.74
N CYS E 107 15.25 -20.08 -3.74
CA CYS E 107 15.07 -21.49 -3.34
C CYS E 107 15.35 -21.63 -1.86
N PHE E 108 14.65 -22.53 -1.19
CA PHE E 108 14.92 -22.68 0.22
C PHE E 108 15.16 -24.12 0.65
N ASP E 109 15.56 -24.92 -0.35
CA ASP E 109 16.05 -26.31 -0.18
C ASP E 109 17.49 -26.39 0.32
N VAL E 110 18.08 -27.59 0.16
CA VAL E 110 19.44 -27.85 0.61
C VAL E 110 19.48 -27.85 2.13
N THR E 111 18.35 -28.21 2.73
CA THR E 111 18.27 -28.42 4.16
C THR E 111 18.85 -29.79 4.46
N SER E 112 19.49 -29.94 5.62
CA SER E 112 20.16 -31.20 5.92
C SER E 112 19.06 -32.21 6.19
N THR E 113 19.03 -33.24 5.36
CA THR E 113 17.89 -34.14 5.27
C THR E 113 16.65 -33.29 5.17
N THR E 114 15.55 -33.78 5.76
CA THR E 114 14.34 -32.99 5.99
C THR E 114 13.99 -32.03 4.85
N TYR E 115 14.16 -32.47 3.60
CA TYR E 115 13.70 -31.66 2.48
C TYR E 115 12.77 -32.43 1.56
N ALA E 116 11.56 -31.89 1.39
CA ALA E 116 10.51 -32.60 0.68
C ALA E 116 10.96 -33.02 -0.71
N TYR E 117 11.31 -32.06 -1.56
CA TYR E 117 11.56 -32.41 -2.95
C TYR E 117 13.04 -32.49 -3.24
N ARG E 118 13.54 -33.71 -3.18
CA ARG E 118 14.92 -34.04 -3.46
C ARG E 118 14.93 -35.51 -3.79
N GLY E 119 15.83 -35.95 -4.67
CA GLY E 119 15.92 -37.35 -4.96
C GLY E 119 16.54 -38.12 -3.81
N GLN E 120 16.59 -39.44 -3.92
CA GLN E 120 17.36 -40.25 -2.98
C GLN E 120 18.84 -40.05 -3.31
N GLY E 121 19.11 -39.66 -4.55
CA GLY E 121 20.45 -39.36 -5.00
C GLY E 121 21.18 -40.54 -5.59
N THR E 122 22.35 -40.28 -6.18
CA THR E 122 23.24 -41.32 -6.66
C THR E 122 24.60 -41.19 -5.99
N GLN E 123 25.37 -42.27 -5.99
CA GLN E 123 26.70 -42.22 -5.41
C GLN E 123 27.75 -42.07 -6.50
N VAL E 124 28.48 -40.95 -6.44
CA VAL E 124 29.59 -40.76 -7.36
C VAL E 124 30.90 -40.83 -6.58
N THR E 125 31.77 -41.75 -6.98
CA THR E 125 33.05 -41.95 -6.31
C THR E 125 34.20 -41.79 -7.29
N VAL E 126 35.23 -41.08 -6.87
CA VAL E 126 36.42 -40.92 -7.69
C VAL E 126 37.60 -41.70 -7.11
N SER E 127 38.00 -42.75 -7.81
CA SER E 127 39.05 -43.65 -7.32
C SER E 127 40.37 -42.89 -7.16
N SER E 128 41.22 -43.41 -6.27
CA SER E 128 42.52 -42.78 -6.03
C SER E 128 43.65 -43.53 -6.74
CAA P0G F . -10.89 41.43 -8.11
CAB P0G F . -8.57 40.23 -6.21
CAC P0G F . -6.70 40.34 -7.86
OAD P0G F . -1.82 41.81 -2.52
OAE P0G F . -2.70 37.50 -0.90
OAF P0G F . -5.04 36.69 -6.63
CAG P0G F . -9.20 42.58 -11.29
CAH P0G F . -8.26 41.58 -11.49
CAI P0G F . -10.05 42.53 -10.20
CAJ P0G F . -8.17 40.53 -10.59
CAK P0G F . -3.82 36.45 -2.73
CAL P0G F . -4.45 36.54 -3.96
CAM P0G F . -3.19 41.08 -4.31
CAN P0G F . -6.80 38.02 -5.68
CAO P0G F . -8.91 39.31 -8.52
NAP P0G F . -7.47 38.22 -6.95
NAQ P0G F . -3.04 39.96 -2.15
OAR P0G F . -4.26 40.15 -4.49
CAS P0G F . -2.63 40.98 -2.92
CAT P0G F . -9.96 41.47 -9.30
CAU P0G F . -3.33 37.59 -2.11
CAV P0G F . -9.02 40.47 -9.49
CAW P0G F . -4.62 37.78 -4.57
CAX P0G F . -3.49 38.82 -2.72
CAY P0G F . -4.13 38.91 -3.94
CAZ P0G F . -5.30 37.89 -5.87
CBA P0G F . -7.91 39.53 -7.39
#